data_5K9O
#
_entry.id   5K9O
#
_cell.length_a   208.648
_cell.length_b   208.648
_cell.length_c   252.031
_cell.angle_alpha   90.00
_cell.angle_beta   90.00
_cell.angle_gamma   120.00
#
_symmetry.space_group_name_H-M   'P 6 2 2'
#
loop_
_entity.id
_entity.type
_entity.pdbx_description
1 polymer '31.b.09 Heavy Fv'
2 polymer '31.b.09 Light Fv'
3 polymer Hemagglutinin
4 branched beta-D-mannopyranose-(1-4)-2-acetamido-2-deoxy-beta-D-glucopyranose-(1-4)-2-acetamido-2-deoxy-beta-D-glucopyranose
#
loop_
_entity_poly.entity_id
_entity_poly.type
_entity_poly.pdbx_seq_one_letter_code
_entity_poly.pdbx_strand_id
1 'polypeptide(L)'
;QVQLVQSGAEVKKPGASVKVSCKASGYSFSSYGISWVRQAPGQGLEWMGWISAYNGNTNYAQKLQGRVTMTTDTSTSTAY
MELRSLRSDDTAVFYCARDRPHILTGFDFDYWGQGTLVTVSSASTKGPSVFPLAPSSKSTSGGTAALGCLVKDYFPEPVT
VSWNSGALTSGVHTFPAVLQSSGLYSLSSVVTVPSSSLGTQTYICNVNHKPSNTKVDKKVEPKSCDK
;
A,H
2 'polypeptide(L)'
;DVVMTQSPVSLPVTLGQPASISCRSSQGLVYIDGNTYLNWFQQRPGQSPRRLIYNVFTRDSGVPDRFSGSGSGTDFTLKI
TTVEAEDVGVYYCMQGTHWPYTFGQGTKVEIKRTVAAPSVFIFPPSDEQLKSGTASVVCLLNNFYPREAKVQWKVDNALQ
SGNSQESVTEQDSKDSTYSLSSTLTLSKADYEKHKVYACEVTHQGLRSPVTKSFNRGEC
;
B,L
3 'polypeptide(L)'
;DTLCIGYHANNSTDTVDTVLEKNVTVTHSVNLLEDKHNGKLCKLRGVAPLHLGKCNIAGWILGNPECESLSTASSWSYIV
ETPSSDNGTCYPGDFIDYEELREQLSSVSSFERFEIFPKTSSWPNHDSNKGVTAACPHAGAKSFYKNLIWLVKKGNSYPK
LSKSYINDKGKEVLVLWGIHHPSTSADQQSLYQNADTYVFVGSSRYSKKFKPEIAIRPKVRDQEGRMNYYWTLVEPGDKI
TFEATGNLVVPRYAFAMERNAGSGIIISDTPVHDCNTTCQTPKGAINTSLPFQNIHPITIGKCPKYVKSTKLRLATGLRN
IPSIQSRGLFGAIAGFIEGGWTGMVDGWYGYHHQNEQGSGYAADLKSTQNAIDEITNKVNSVIEKMNTQFTAVGKEFNHL
EKRIENLNKKVDDGFLDIWTYNAELLVLLENERTLDYHDSNVKNLYEKVRSQLKNNAKEIGNGCFEFYHKCDNTCMESVK
NGTYDYPKYSEEAKLNREEIDGVSG
;
F,I
#
# COMPACT_ATOMS: atom_id res chain seq x y z
N GLN A 1 35.32 -20.94 -39.86
CA GLN A 1 35.38 -20.00 -40.96
C GLN A 1 33.99 -19.60 -41.42
N VAL A 2 33.43 -18.55 -40.81
CA VAL A 2 32.09 -18.07 -41.10
C VAL A 2 32.13 -16.54 -41.17
N GLN A 3 32.00 -15.99 -42.38
CA GLN A 3 32.07 -14.55 -42.57
C GLN A 3 31.39 -14.18 -43.88
N LEU A 4 30.79 -12.99 -43.89
CA LEU A 4 30.08 -12.46 -45.04
C LEU A 4 30.95 -11.47 -45.80
N VAL A 5 30.60 -11.26 -47.07
CA VAL A 5 31.33 -10.37 -47.96
C VAL A 5 30.35 -9.45 -48.67
N GLN A 6 30.84 -8.26 -49.05
CA GLN A 6 30.01 -7.27 -49.73
C GLN A 6 30.83 -6.59 -50.82
N SER A 7 30.15 -5.75 -51.61
CA SER A 7 30.77 -5.05 -52.73
C SER A 7 31.82 -4.05 -52.22
N GLY A 8 32.76 -3.73 -53.11
CA GLY A 8 33.83 -2.80 -52.81
C GLY A 8 33.40 -1.35 -52.84
N ALA A 9 34.38 -0.48 -52.58
CA ALA A 9 34.14 0.95 -52.56
C ALA A 9 33.67 1.46 -53.92
N GLU A 10 32.84 2.50 -53.90
CA GLU A 10 32.29 3.09 -55.12
C GLU A 10 32.32 4.61 -54.99
N VAL A 11 31.84 5.29 -56.04
CA VAL A 11 31.80 6.75 -56.08
C VAL A 11 30.76 7.22 -57.07
N LYS A 12 29.87 8.13 -56.64
CA LYS A 12 28.82 8.64 -57.50
C LYS A 12 28.64 10.13 -57.25
N LYS A 13 28.31 10.86 -58.31
CA LYS A 13 28.09 12.29 -58.24
C LYS A 13 26.71 12.59 -57.64
N PRO A 14 26.47 13.81 -57.18
CA PRO A 14 25.17 14.14 -56.61
C PRO A 14 24.06 14.09 -57.66
N GLY A 15 23.13 13.16 -57.48
CA GLY A 15 22.02 13.01 -58.40
C GLY A 15 21.81 11.58 -58.87
N ALA A 16 22.91 10.89 -59.17
CA ALA A 16 22.83 9.52 -59.63
C ALA A 16 22.66 8.56 -58.45
N SER A 17 21.92 7.47 -58.70
CA SER A 17 21.67 6.46 -57.68
C SER A 17 22.85 5.50 -57.59
N VAL A 18 22.83 4.66 -56.56
CA VAL A 18 23.90 3.72 -56.30
C VAL A 18 23.31 2.45 -55.71
N LYS A 19 23.93 1.31 -56.00
CA LYS A 19 23.50 0.00 -55.53
C LYS A 19 24.67 -0.73 -54.89
N VAL A 20 24.39 -1.42 -53.79
CA VAL A 20 25.39 -2.18 -53.05
C VAL A 20 24.81 -3.55 -52.70
N SER A 21 25.65 -4.58 -52.80
CA SER A 21 25.25 -5.95 -52.50
C SER A 21 25.98 -6.45 -51.27
N CYS A 22 25.39 -7.46 -50.63
CA CYS A 22 25.95 -8.08 -49.43
C CYS A 22 25.66 -9.58 -49.49
N LYS A 23 26.64 -10.36 -49.93
CA LYS A 23 26.47 -11.81 -50.03
C LYS A 23 26.68 -12.48 -48.67
N ALA A 24 26.09 -13.66 -48.50
CA ALA A 24 26.16 -14.36 -47.22
C ALA A 24 27.34 -15.30 -47.16
N SER A 25 27.54 -16.10 -48.19
CA SER A 25 28.69 -17.02 -48.32
C SER A 25 28.67 -17.99 -47.14
N GLY A 26 29.84 -18.52 -46.79
CA GLY A 26 29.96 -19.48 -45.70
C GLY A 26 29.75 -18.87 -44.33
N TYR A 27 29.00 -19.56 -43.47
CA TYR A 27 28.42 -20.84 -43.85
C TYR A 27 27.03 -21.01 -43.22
N SER A 28 27.03 -20.95 -41.87
CA SER A 28 25.83 -21.09 -41.04
C SER A 28 24.93 -19.88 -41.24
N PHE A 29 24.15 -19.91 -42.32
CA PHE A 29 23.31 -18.76 -42.66
C PHE A 29 21.87 -19.03 -42.29
N SER A 30 21.32 -18.14 -41.47
CA SER A 30 19.90 -18.12 -41.21
C SER A 30 19.32 -17.77 -42.56
N SER A 31 18.18 -18.35 -42.89
CA SER A 31 17.62 -18.14 -44.21
C SER A 31 17.33 -16.65 -44.33
N TYR A 32 17.15 -16.02 -43.18
CA TYR A 32 16.51 -14.70 -43.07
C TYR A 32 17.24 -13.86 -42.03
N GLY A 33 17.06 -12.54 -42.15
CA GLY A 33 17.58 -11.59 -41.18
C GLY A 33 18.80 -10.81 -41.61
N ILE A 34 18.61 -9.58 -42.09
CA ILE A 34 19.69 -8.72 -42.58
C ILE A 34 19.35 -7.26 -42.30
N SER A 35 20.34 -6.49 -41.85
CA SER A 35 20.19 -5.08 -41.55
C SER A 35 21.32 -4.27 -42.18
N TRP A 36 21.12 -2.94 -42.24
CA TRP A 36 22.07 -2.02 -42.85
C TRP A 36 22.25 -0.78 -41.97
N VAL A 37 23.51 -0.33 -41.84
CA VAL A 37 23.85 0.84 -41.03
C VAL A 37 24.91 1.67 -41.74
N ARG A 38 24.86 2.99 -41.53
CA ARG A 38 25.79 3.94 -42.11
C ARG A 38 26.63 4.60 -41.03
N GLN A 39 27.79 5.13 -41.43
CA GLN A 39 28.70 5.82 -40.50
C GLN A 39 29.52 6.85 -41.27
N ALA A 40 29.19 8.16 -41.07
CA ALA A 40 29.95 9.24 -41.70
C ALA A 40 31.03 9.76 -40.75
N PRO A 41 32.22 10.08 -41.27
CA PRO A 41 33.29 10.61 -40.42
C PRO A 41 32.90 11.98 -39.86
N GLY A 42 32.98 12.10 -38.53
CA GLY A 42 32.60 13.31 -37.84
C GLY A 42 31.25 13.21 -37.15
N GLN A 43 30.42 12.27 -37.57
CA GLN A 43 29.11 12.03 -36.98
C GLN A 43 29.18 10.75 -36.16
N GLY A 44 28.22 9.83 -36.26
CA GLY A 44 28.21 8.57 -35.55
C GLY A 44 27.63 7.50 -36.43
N LEU A 45 26.59 6.81 -35.94
CA LEU A 45 25.91 5.77 -36.69
C LEU A 45 24.40 5.96 -36.56
N GLU A 46 23.68 5.56 -37.60
CA GLU A 46 22.23 5.65 -37.61
C GLU A 46 21.67 4.54 -38.48
N TRP A 47 20.59 3.92 -38.00
CA TRP A 47 19.96 2.81 -38.71
C TRP A 47 19.35 3.28 -40.02
N MET A 48 19.49 2.45 -41.06
CA MET A 48 18.93 2.75 -42.38
C MET A 48 17.67 1.93 -42.65
N GLY A 49 17.79 0.61 -42.56
CA GLY A 49 16.65 -0.25 -42.83
C GLY A 49 16.91 -1.68 -42.39
N TRP A 50 15.95 -2.55 -42.71
CA TRP A 50 16.02 -3.96 -42.36
C TRP A 50 15.15 -4.74 -43.34
N ILE A 51 15.49 -6.02 -43.52
CA ILE A 51 14.78 -6.87 -44.46
C ILE A 51 14.89 -8.33 -44.03
N SER A 52 13.84 -9.10 -44.33
CA SER A 52 13.82 -10.54 -44.11
C SER A 52 13.13 -11.21 -45.29
N ALA A 53 13.66 -12.37 -45.70
CA ALA A 53 13.10 -13.15 -46.80
C ALA A 53 12.14 -14.23 -46.33
N TYR A 54 11.56 -14.07 -45.15
CA TYR A 54 10.59 -15.04 -44.63
C TYR A 54 9.22 -15.10 -45.35
N ASN A 55 8.65 -13.99 -45.83
CA ASN A 55 9.21 -12.65 -45.73
C ASN A 55 8.41 -11.74 -44.81
N GLY A 56 8.98 -11.50 -43.63
CA GLY A 56 8.45 -10.45 -42.78
C GLY A 56 8.57 -9.11 -43.49
N ASN A 57 7.52 -8.29 -43.36
CA ASN A 57 7.50 -7.00 -44.03
C ASN A 57 8.67 -6.16 -43.55
N THR A 58 9.37 -5.54 -44.49
CA THR A 58 10.59 -4.82 -44.18
C THR A 58 10.29 -3.55 -43.39
N ASN A 59 11.35 -2.96 -42.84
CA ASN A 59 11.26 -1.77 -42.04
C ASN A 59 12.32 -0.78 -42.49
N TYR A 60 11.92 0.49 -42.59
CA TYR A 60 12.81 1.56 -43.04
C TYR A 60 12.86 2.66 -41.98
N ALA A 61 13.82 3.58 -42.15
CA ALA A 61 13.98 4.73 -41.28
C ALA A 61 13.08 5.86 -41.79
N GLN A 62 12.17 6.33 -40.91
CA GLN A 62 11.21 7.36 -41.29
C GLN A 62 11.86 8.53 -42.04
N LYS A 63 13.06 8.94 -41.63
CA LYS A 63 13.69 10.09 -42.26
C LYS A 63 14.13 9.79 -43.69
N LEU A 64 14.54 8.56 -43.93
CA LEU A 64 14.98 8.14 -45.25
C LEU A 64 13.97 7.23 -45.93
N GLN A 65 12.75 7.21 -45.41
CA GLN A 65 11.73 6.26 -45.86
C GLN A 65 11.42 6.46 -47.34
N GLY A 66 11.39 7.70 -47.78
CA GLY A 66 11.03 7.99 -49.15
C GLY A 66 11.97 7.37 -50.15
N ARG A 67 13.26 7.37 -49.83
CA ARG A 67 14.28 7.10 -50.84
C ARG A 67 14.78 5.66 -50.82
N VAL A 68 15.07 5.12 -49.62
CA VAL A 68 15.65 3.79 -49.50
C VAL A 68 14.69 2.71 -50.00
N THR A 69 15.27 1.56 -50.36
CA THR A 69 14.51 0.41 -50.84
C THR A 69 15.33 -0.84 -50.57
N MET A 70 14.65 -1.93 -50.16
CA MET A 70 15.30 -3.17 -49.79
C MET A 70 14.81 -4.33 -50.66
N THR A 71 15.73 -5.22 -51.03
CA THR A 71 15.45 -6.40 -51.84
C THR A 71 16.44 -7.51 -51.47
N THR A 72 16.06 -8.75 -51.77
CA THR A 72 16.91 -9.89 -51.43
C THR A 72 16.57 -11.08 -52.32
N ASP A 73 17.50 -12.03 -52.39
CA ASP A 73 17.35 -13.25 -53.18
C ASP A 73 17.75 -14.45 -52.34
N THR A 74 16.91 -15.49 -52.35
CA THR A 74 17.18 -16.70 -51.58
C THR A 74 18.18 -17.62 -52.27
N SER A 75 18.07 -17.76 -53.60
CA SER A 75 18.97 -18.64 -54.34
C SER A 75 20.41 -18.20 -54.20
N THR A 76 20.71 -16.96 -54.59
CA THR A 76 22.06 -16.44 -54.49
C THR A 76 22.46 -16.11 -53.05
N SER A 77 21.48 -15.98 -52.15
CA SER A 77 21.72 -15.66 -50.74
C SER A 77 22.46 -14.32 -50.62
N THR A 78 21.85 -13.29 -51.21
CA THR A 78 22.45 -11.97 -51.26
C THR A 78 21.39 -10.91 -51.03
N ALA A 79 21.76 -9.84 -50.32
CA ALA A 79 20.89 -8.71 -50.04
C ALA A 79 21.42 -7.46 -50.74
N TYR A 80 20.50 -6.66 -51.27
CA TYR A 80 20.83 -5.46 -52.03
C TYR A 80 20.29 -4.21 -51.35
N MET A 81 20.94 -3.08 -51.64
CA MET A 81 20.61 -1.79 -51.06
C MET A 81 20.59 -0.74 -52.17
N GLU A 82 19.68 0.24 -52.03
CA GLU A 82 19.54 1.26 -53.06
C GLU A 82 19.19 2.61 -52.44
N LEU A 83 19.76 3.67 -53.02
CA LEU A 83 19.49 5.05 -52.62
C LEU A 83 19.15 5.87 -53.86
N ARG A 84 18.31 6.89 -53.68
CA ARG A 84 17.89 7.73 -54.79
C ARG A 84 18.81 8.92 -55.01
N SER A 85 18.64 9.96 -54.19
CA SER A 85 19.42 11.19 -54.34
C SER A 85 20.64 11.18 -53.43
N LEU A 86 21.68 11.88 -53.87
CA LEU A 86 22.95 11.99 -53.15
C LEU A 86 23.27 13.45 -52.89
N ARG A 87 24.10 13.68 -51.88
CA ARG A 87 24.51 15.04 -51.52
C ARG A 87 25.83 14.98 -50.75
N SER A 88 26.34 16.15 -50.39
CA SER A 88 27.64 16.23 -49.71
C SER A 88 27.61 15.57 -48.34
N ASP A 89 26.51 15.75 -47.61
CA ASP A 89 26.38 15.18 -46.27
C ASP A 89 25.89 13.74 -46.29
N ASP A 90 25.63 13.18 -47.47
CA ASP A 90 25.15 11.82 -47.63
C ASP A 90 26.29 10.80 -47.70
N THR A 91 27.55 11.25 -47.78
CA THR A 91 28.67 10.32 -47.86
C THR A 91 28.88 9.60 -46.53
N ALA A 92 28.97 8.27 -46.59
CA ALA A 92 29.18 7.45 -45.40
C ALA A 92 29.54 6.03 -45.83
N VAL A 93 30.14 5.29 -44.91
CA VAL A 93 30.50 3.89 -45.13
C VAL A 93 29.33 3.01 -44.73
N PHE A 94 28.80 2.25 -45.69
CA PHE A 94 27.64 1.42 -45.42
C PHE A 94 28.07 0.00 -45.08
N TYR A 95 27.59 -0.48 -43.94
CA TYR A 95 27.90 -1.81 -43.42
C TYR A 95 26.64 -2.66 -43.46
N CYS A 96 26.84 -3.99 -43.51
CA CYS A 96 25.74 -4.91 -43.52
C CYS A 96 26.04 -6.08 -42.59
N ALA A 97 25.04 -6.50 -41.83
CA ALA A 97 25.20 -7.59 -40.87
C ALA A 97 23.89 -8.34 -40.73
N ARG A 98 23.99 -9.57 -40.20
CA ARG A 98 22.84 -10.44 -40.03
C ARG A 98 22.01 -10.02 -38.81
N ASP A 99 20.74 -10.40 -38.86
CA ASP A 99 19.79 -10.10 -37.79
C ASP A 99 18.95 -11.34 -37.53
N ARG A 100 18.09 -11.25 -36.53
CA ARG A 100 17.19 -12.35 -36.21
C ARG A 100 16.21 -12.56 -37.36
N PRO A 101 16.16 -13.76 -37.94
CA PRO A 101 15.14 -14.02 -38.97
C PRO A 101 13.73 -13.75 -38.49
N HIS A 102 13.47 -14.07 -37.22
CA HIS A 102 12.13 -13.89 -36.65
C HIS A 102 11.80 -12.42 -36.44
N ILE A 103 12.81 -11.62 -36.05
CA ILE A 103 12.75 -10.19 -35.72
C ILE A 103 12.09 -9.96 -34.36
N LEU A 104 11.02 -10.70 -34.07
CA LEU A 104 10.35 -10.53 -32.79
C LEU A 104 11.04 -11.33 -31.70
N THR A 105 11.86 -12.32 -32.06
CA THR A 105 12.52 -13.15 -31.05
C THR A 105 13.66 -12.40 -30.37
N GLY A 106 14.36 -11.53 -31.09
CA GLY A 106 15.50 -10.85 -30.53
C GLY A 106 16.28 -10.11 -31.60
N PHE A 107 17.48 -9.67 -31.21
CA PHE A 107 18.36 -8.91 -32.09
C PHE A 107 19.79 -9.21 -31.71
N ASP A 108 20.67 -9.36 -32.71
CA ASP A 108 22.06 -9.67 -32.45
C ASP A 108 22.86 -9.50 -33.73
N PHE A 109 24.03 -8.89 -33.62
CA PHE A 109 24.95 -8.71 -34.74
C PHE A 109 26.15 -9.63 -34.54
N ASP A 110 25.90 -10.94 -34.66
CA ASP A 110 26.95 -11.93 -34.42
C ASP A 110 28.15 -11.72 -35.35
N TYR A 111 27.89 -11.43 -36.62
CA TYR A 111 28.94 -11.23 -37.61
C TYR A 111 28.67 -9.97 -38.41
N TRP A 112 29.69 -9.15 -38.57
CA TRP A 112 29.58 -7.87 -39.27
C TRP A 112 30.22 -7.95 -40.66
N GLY A 113 29.90 -6.95 -41.47
CA GLY A 113 30.41 -6.90 -42.82
C GLY A 113 31.78 -6.25 -42.89
N GLN A 114 32.18 -5.92 -44.11
CA GLN A 114 33.47 -5.29 -44.36
C GLN A 114 33.38 -3.77 -44.34
N GLY A 115 32.37 -3.21 -45.02
CA GLY A 115 32.21 -1.78 -45.05
C GLY A 115 32.39 -1.18 -46.43
N THR A 116 31.28 -0.98 -47.14
CA THR A 116 31.33 -0.42 -48.50
C THR A 116 31.46 1.10 -48.39
N LEU A 117 32.64 1.62 -48.70
CA LEU A 117 32.92 3.04 -48.60
C LEU A 117 32.51 3.72 -49.91
N VAL A 118 31.40 4.46 -49.87
CA VAL A 118 30.87 5.16 -51.03
C VAL A 118 30.97 6.66 -50.80
N THR A 119 31.40 7.39 -51.82
CA THR A 119 31.55 8.84 -51.73
C THR A 119 30.55 9.54 -52.63
N SER A 124 35.29 10.28 -61.50
CA SER A 124 36.71 10.37 -61.84
C SER A 124 37.54 9.54 -60.87
N THR A 125 38.59 8.90 -61.39
CA THR A 125 39.55 8.18 -60.58
C THR A 125 40.96 8.51 -61.08
N LYS A 126 41.95 8.05 -60.31
CA LYS A 126 43.36 8.27 -60.66
C LYS A 126 44.27 7.42 -59.78
N GLY A 127 45.11 6.60 -60.41
CA GLY A 127 46.02 5.74 -59.70
C GLY A 127 47.17 6.49 -59.05
N PRO A 128 47.73 5.93 -57.98
CA PRO A 128 48.82 6.60 -57.28
C PRO A 128 50.18 6.35 -57.92
N SER A 129 51.06 7.34 -57.76
CA SER A 129 52.48 7.16 -58.02
C SER A 129 53.18 6.76 -56.72
N VAL A 130 53.81 5.60 -56.72
CA VAL A 130 54.41 5.03 -55.52
C VAL A 130 55.92 5.29 -55.55
N PHE A 131 56.39 6.09 -54.58
CA PHE A 131 57.80 6.42 -54.57
C PHE A 131 58.48 5.80 -53.35
N PRO A 132 59.67 5.23 -53.54
CA PRO A 132 60.37 4.58 -52.41
C PRO A 132 60.90 5.61 -51.42
N LEU A 133 60.68 5.33 -50.14
CA LEU A 133 61.32 6.07 -49.05
C LEU A 133 62.45 5.16 -48.55
N ALA A 134 63.68 5.46 -48.99
CA ALA A 134 64.75 4.49 -48.85
C ALA A 134 65.61 4.76 -47.63
N PRO A 135 66.18 3.74 -47.01
CA PRO A 135 66.97 3.98 -45.80
C PRO A 135 68.08 4.98 -46.10
N SER A 136 68.32 5.89 -45.18
CA SER A 136 69.16 7.06 -45.43
C SER A 136 70.25 7.25 -44.38
N SER A 137 71.28 8.01 -44.74
CA SER A 137 72.43 8.24 -43.87
C SER A 137 73.15 6.94 -43.54
N LYS A 138 73.56 6.78 -42.28
CA LYS A 138 74.45 5.68 -41.95
C LYS A 138 73.76 4.64 -41.10
N SER A 139 73.52 3.48 -41.69
CA SER A 139 72.90 2.38 -40.98
C SER A 139 71.60 2.91 -40.39
N THR A 140 70.94 3.80 -41.12
CA THR A 140 69.74 4.42 -40.57
C THR A 140 69.92 4.70 -39.08
N SER A 141 70.14 3.58 -38.38
CA SER A 141 70.52 3.51 -37.00
C SER A 141 71.30 2.20 -36.94
N GLY A 142 72.20 2.05 -35.97
CA GLY A 142 73.00 0.85 -35.91
C GLY A 142 72.14 -0.39 -35.72
N GLY A 143 71.13 -0.26 -34.87
CA GLY A 143 70.24 -1.35 -34.55
C GLY A 143 68.84 -1.33 -35.16
N THR A 144 68.57 -0.43 -36.11
CA THR A 144 67.22 -0.32 -36.62
C THR A 144 67.19 0.60 -37.84
N ALA A 145 66.55 0.13 -38.92
CA ALA A 145 66.45 0.87 -40.17
C ALA A 145 64.99 1.17 -40.46
N ALA A 146 64.75 2.27 -41.17
CA ALA A 146 63.40 2.69 -41.52
C ALA A 146 63.32 2.89 -43.03
N LEU A 147 62.16 2.52 -43.59
CA LEU A 147 61.94 2.59 -45.02
C LEU A 147 60.44 2.59 -45.26
N GLY A 148 60.04 3.00 -46.46
CA GLY A 148 58.62 3.02 -46.75
C GLY A 148 58.33 3.38 -48.18
N CYS A 149 57.05 3.64 -48.44
CA CYS A 149 56.57 4.06 -49.75
C CYS A 149 55.76 5.34 -49.63
N LEU A 150 55.90 6.20 -50.64
CA LEU A 150 55.13 7.43 -50.75
C LEU A 150 54.07 7.24 -51.83
N VAL A 151 52.84 6.99 -51.40
CA VAL A 151 51.71 6.74 -52.29
C VAL A 151 51.03 8.09 -52.53
N LYS A 152 51.34 8.71 -53.67
CA LYS A 152 51.00 10.11 -53.90
C LYS A 152 50.01 10.28 -55.05
N ASP A 153 49.18 11.32 -54.92
CA ASP A 153 48.33 11.83 -56.01
C ASP A 153 47.38 10.75 -56.56
N TYR A 154 46.59 10.17 -55.67
CA TYR A 154 45.54 9.25 -56.09
C TYR A 154 44.17 9.82 -55.73
N PHE A 155 43.14 9.23 -56.35
CA PHE A 155 41.75 9.67 -56.16
C PHE A 155 40.80 8.68 -56.85
N PRO A 156 39.64 8.43 -56.24
CA PRO A 156 39.37 8.75 -54.84
C PRO A 156 39.91 7.66 -53.90
N GLU A 157 40.01 7.95 -52.61
CA GLU A 157 40.43 6.97 -51.63
C GLU A 157 39.31 5.94 -51.58
N PRO A 158 39.56 4.64 -51.07
CA PRO A 158 40.81 4.46 -50.34
C PRO A 158 41.82 3.54 -51.04
N VAL A 159 42.96 3.32 -50.39
CA VAL A 159 44.07 2.58 -50.98
C VAL A 159 44.54 1.58 -49.94
N THR A 160 45.00 0.42 -50.43
CA THR A 160 45.61 -0.64 -49.62
C THR A 160 47.13 -0.56 -49.69
N VAL A 161 47.80 -0.94 -48.61
CA VAL A 161 49.24 -1.11 -48.66
C VAL A 161 49.72 -2.15 -47.63
N SER A 162 50.17 -3.29 -48.13
CA SER A 162 50.82 -4.31 -47.34
C SER A 162 52.29 -4.41 -47.73
N TRP A 163 53.06 -5.15 -46.94
CA TRP A 163 54.50 -5.28 -47.16
C TRP A 163 54.87 -6.73 -47.40
N ASN A 164 55.67 -6.96 -48.45
CA ASN A 164 56.04 -8.28 -48.94
C ASN A 164 54.83 -9.21 -49.01
N SER A 165 53.68 -8.65 -49.44
CA SER A 165 52.44 -9.39 -49.59
C SER A 165 52.02 -10.07 -48.29
N GLY A 166 51.96 -9.28 -47.20
CA GLY A 166 51.49 -9.76 -45.92
C GLY A 166 52.54 -10.38 -45.02
N ALA A 167 53.66 -10.84 -45.60
CA ALA A 167 54.70 -11.47 -44.79
C ALA A 167 55.21 -10.54 -43.69
N LEU A 168 55.36 -9.25 -43.99
CA LEU A 168 55.89 -8.27 -43.05
C LEU A 168 54.74 -7.41 -42.54
N THR A 169 54.46 -7.52 -41.25
CA THR A 169 53.43 -6.74 -40.56
C THR A 169 53.96 -6.11 -39.27
N SER A 170 54.76 -6.85 -38.49
CA SER A 170 55.35 -6.30 -37.27
C SER A 170 56.22 -5.09 -37.59
N GLY A 171 55.94 -3.98 -36.91
CA GLY A 171 56.70 -2.76 -37.10
C GLY A 171 56.19 -1.85 -38.19
N VAL A 172 55.06 -2.18 -38.83
CA VAL A 172 54.55 -1.41 -39.96
C VAL A 172 53.61 -0.33 -39.43
N HIS A 173 53.78 0.89 -39.95
CA HIS A 173 52.87 2.00 -39.67
C HIS A 173 52.40 2.57 -40.99
N THR A 174 51.10 2.46 -41.26
CA THR A 174 50.47 3.06 -42.43
C THR A 174 49.65 4.26 -41.97
N PHE A 175 50.01 5.43 -42.47
CA PHE A 175 49.46 6.67 -41.95
C PHE A 175 48.13 7.00 -42.62
N PRO A 176 47.29 7.79 -41.94
CA PRO A 176 46.02 8.20 -42.56
C PRO A 176 46.27 8.97 -43.84
N ALA A 177 45.40 8.75 -44.81
CA ALA A 177 45.48 9.49 -46.06
C ALA A 177 45.23 10.96 -45.79
N VAL A 178 45.80 11.82 -46.62
CA VAL A 178 45.69 13.26 -46.47
C VAL A 178 45.30 13.87 -47.82
N LEU A 179 44.38 14.82 -47.77
CA LEU A 179 43.94 15.52 -48.97
C LEU A 179 44.89 16.67 -49.26
N GLN A 180 45.14 16.91 -50.54
CA GLN A 180 46.02 17.99 -50.97
C GLN A 180 45.22 19.06 -51.72
N SER A 181 45.83 20.24 -51.84
CA SER A 181 45.20 21.33 -52.57
C SER A 181 44.84 20.93 -53.99
N SER A 182 45.60 20.01 -54.58
CA SER A 182 45.28 19.52 -55.92
C SER A 182 43.93 18.82 -55.97
N GLY A 183 43.39 18.41 -54.83
CA GLY A 183 42.23 17.56 -54.78
C GLY A 183 42.54 16.08 -54.72
N LEU A 184 43.81 15.72 -54.85
CA LEU A 184 44.26 14.34 -54.81
C LEU A 184 44.77 14.00 -53.41
N TYR A 185 44.70 12.71 -53.07
CA TYR A 185 45.10 12.26 -51.75
C TYR A 185 46.55 11.76 -51.76
N SER A 186 47.15 11.79 -50.58
CA SER A 186 48.52 11.33 -50.39
C SER A 186 48.59 10.50 -49.12
N LEU A 187 49.51 9.54 -49.10
CA LEU A 187 49.61 8.61 -47.99
C LEU A 187 51.04 8.09 -47.91
N SER A 188 51.48 7.80 -46.68
CA SER A 188 52.80 7.24 -46.42
C SER A 188 52.66 5.96 -45.60
N SER A 189 53.56 5.02 -45.84
CA SER A 189 53.58 3.75 -45.12
C SER A 189 55.03 3.38 -44.87
N VAL A 190 55.40 3.22 -43.60
CA VAL A 190 56.78 2.94 -43.21
C VAL A 190 56.84 1.65 -42.41
N VAL A 191 58.05 1.11 -42.29
CA VAL A 191 58.33 -0.06 -41.45
C VAL A 191 59.77 0.03 -40.98
N THR A 192 60.02 -0.45 -39.76
CA THR A 192 61.37 -0.57 -39.22
C THR A 192 61.84 -2.02 -39.33
N VAL A 193 63.14 -2.18 -39.61
CA VAL A 193 63.73 -3.47 -39.93
C VAL A 193 65.17 -3.51 -39.39
N PRO A 194 65.78 -4.69 -39.23
CA PRO A 194 67.19 -4.74 -38.84
C PRO A 194 68.07 -4.13 -39.92
N SER A 195 68.85 -3.11 -39.55
CA SER A 195 69.73 -2.45 -40.50
C SER A 195 70.74 -3.41 -41.11
N SER A 196 71.02 -4.53 -40.45
CA SER A 196 71.97 -5.50 -40.99
C SER A 196 71.37 -6.30 -42.13
N SER A 197 70.04 -6.46 -42.15
CA SER A 197 69.40 -7.27 -43.17
C SER A 197 69.15 -6.53 -44.47
N LEU A 198 69.43 -5.22 -44.52
CA LEU A 198 69.16 -4.43 -45.72
C LEU A 198 69.79 -5.04 -46.96
N GLY A 199 71.05 -5.45 -46.86
CA GLY A 199 71.76 -5.97 -48.01
C GLY A 199 71.29 -7.35 -48.46
N THR A 200 70.56 -8.07 -47.61
CA THR A 200 70.13 -9.42 -47.90
C THR A 200 68.62 -9.60 -47.96
N GLN A 201 67.83 -8.62 -47.49
CA GLN A 201 66.38 -8.75 -47.40
C GLN A 201 65.70 -7.78 -48.35
N THR A 202 64.93 -8.31 -49.29
CA THR A 202 64.16 -7.51 -50.22
C THR A 202 62.89 -7.00 -49.55
N TYR A 203 62.59 -5.72 -49.72
CA TYR A 203 61.38 -5.12 -49.17
C TYR A 203 60.54 -4.55 -50.29
N ILE A 204 59.31 -5.04 -50.40
CA ILE A 204 58.34 -4.66 -51.43
C ILE A 204 57.10 -4.14 -50.72
N CYS A 205 56.53 -3.06 -51.23
CA CYS A 205 55.24 -2.58 -50.74
C CYS A 205 54.19 -2.74 -51.84
N ASN A 206 53.00 -3.17 -51.43
CA ASN A 206 51.95 -3.59 -52.34
C ASN A 206 50.79 -2.62 -52.22
N VAL A 207 50.63 -1.77 -53.23
CA VAL A 207 49.65 -0.69 -53.22
C VAL A 207 48.50 -1.06 -54.15
N ASN A 208 47.28 -1.11 -53.61
CA ASN A 208 46.08 -1.42 -54.38
C ASN A 208 45.08 -0.25 -54.27
N HIS A 209 44.82 0.39 -55.40
CA HIS A 209 43.79 1.42 -55.52
C HIS A 209 42.67 0.85 -56.37
N LYS A 210 41.70 0.22 -55.72
CA LYS A 210 40.59 -0.40 -56.44
C LYS A 210 39.75 0.55 -57.30
N PRO A 211 39.55 1.83 -56.96
CA PRO A 211 38.74 2.69 -57.84
C PRO A 211 39.29 2.79 -59.26
N SER A 212 40.60 2.67 -59.43
CA SER A 212 41.21 2.65 -60.76
C SER A 212 41.75 1.27 -61.12
N ASN A 213 41.36 0.24 -60.37
CA ASN A 213 41.89 -1.12 -60.47
C ASN A 213 43.38 -1.12 -60.79
N THR A 214 44.18 -0.63 -59.85
CA THR A 214 45.61 -0.41 -60.05
C THR A 214 46.41 -1.19 -59.03
N LYS A 215 47.43 -1.90 -59.50
CA LYS A 215 48.34 -2.67 -58.65
C LYS A 215 49.77 -2.20 -58.91
N VAL A 216 50.44 -1.73 -57.86
CA VAL A 216 51.84 -1.31 -57.93
C VAL A 216 52.60 -2.01 -56.83
N ASP A 217 53.69 -2.70 -57.19
CA ASP A 217 54.59 -3.32 -56.24
C ASP A 217 55.96 -2.67 -56.40
N LYS A 218 56.33 -1.80 -55.46
CA LYS A 218 57.56 -1.03 -55.52
C LYS A 218 58.59 -1.65 -54.57
N LYS A 219 59.73 -2.08 -55.13
CA LYS A 219 60.85 -2.53 -54.32
C LYS A 219 61.58 -1.32 -53.75
N VAL A 220 61.71 -1.28 -52.42
CA VAL A 220 62.45 -0.22 -51.74
C VAL A 220 63.81 -0.78 -51.38
N GLU A 221 64.84 -0.37 -52.11
CA GLU A 221 66.21 -0.77 -51.82
C GLU A 221 67.01 0.41 -51.27
N PRO A 222 68.11 0.13 -50.54
CA PRO A 222 68.86 1.22 -49.86
C PRO A 222 69.57 2.19 -50.80
N LYS A 223 70.61 2.84 -50.28
CA LYS A 223 71.44 3.77 -51.04
C LYS A 223 72.89 3.27 -51.01
N SER A 224 73.19 2.30 -51.87
CA SER A 224 74.55 1.79 -52.02
C SER A 224 75.34 2.81 -52.84
N CYS A 225 75.92 3.79 -52.15
CA CYS A 225 76.64 4.86 -52.81
C CYS A 225 78.11 4.51 -53.03
N THR B 5 22.30 8.94 -25.04
CA THR B 5 23.23 9.98 -24.62
C THR B 5 24.51 9.37 -24.04
N GLN B 6 25.63 9.64 -24.70
CA GLN B 6 26.93 9.16 -24.27
C GLN B 6 27.67 10.21 -23.44
N SER B 7 28.68 9.74 -22.71
CA SER B 7 29.50 10.58 -21.84
C SER B 7 30.62 9.77 -21.22
N PRO B 8 31.87 10.23 -21.38
CA PRO B 8 32.27 11.44 -22.10
C PRO B 8 32.54 11.19 -23.58
N VAL B 9 32.58 12.26 -24.38
CA VAL B 9 32.88 12.10 -25.81
C VAL B 9 34.36 11.83 -26.03
N SER B 10 35.23 12.36 -25.15
CA SER B 10 36.66 12.13 -25.22
C SER B 10 37.10 11.47 -23.93
N LEU B 11 37.72 10.31 -24.03
CA LEU B 11 38.12 9.52 -22.87
C LEU B 11 39.63 9.27 -22.87
N PRO B 12 40.40 10.05 -22.12
CA PRO B 12 41.84 9.79 -22.03
C PRO B 12 42.18 8.86 -20.89
N VAL B 13 42.93 7.78 -21.17
CA VAL B 13 43.30 6.79 -20.17
C VAL B 13 44.74 6.34 -20.41
N THR B 14 45.23 5.51 -19.49
CA THR B 14 46.58 4.97 -19.54
C THR B 14 46.53 3.47 -19.32
N LEU B 15 47.69 2.82 -19.48
CA LEU B 15 47.79 1.38 -19.35
C LEU B 15 47.79 0.95 -17.90
N GLY B 16 47.35 -0.28 -17.66
CA GLY B 16 47.32 -0.83 -16.30
C GLY B 16 46.02 -0.61 -15.56
N GLN B 17 45.57 0.64 -15.47
CA GLN B 17 44.37 1.00 -14.76
C GLN B 17 43.13 0.77 -15.63
N PRO B 18 41.96 0.50 -15.00
CA PRO B 18 40.75 0.24 -15.78
C PRO B 18 40.05 1.50 -16.27
N ALA B 19 38.87 1.34 -16.87
CA ALA B 19 38.11 2.47 -17.41
C ALA B 19 36.62 2.14 -17.36
N SER B 20 35.80 3.14 -17.72
CA SER B 20 34.35 2.98 -17.67
C SER B 20 33.69 4.07 -18.53
N ILE B 21 32.62 3.69 -19.22
CA ILE B 21 31.84 4.58 -20.07
C ILE B 21 30.38 4.54 -19.61
N SER B 22 29.64 5.61 -19.88
CA SER B 22 28.26 5.71 -19.41
C SER B 22 27.27 6.03 -20.53
N CYS B 23 26.17 5.28 -20.58
CA CYS B 23 25.12 5.50 -21.55
C CYS B 23 23.75 5.50 -20.88
N ARG B 24 22.92 6.46 -21.24
CA ARG B 24 21.60 6.60 -20.64
C ARG B 24 20.56 6.76 -21.75
N SER B 25 19.33 6.39 -21.45
CA SER B 25 18.29 6.39 -22.48
C SER B 25 17.06 7.18 -22.01
N SER B 26 16.11 7.32 -22.93
CA SER B 26 14.87 8.02 -22.62
C SER B 26 13.88 7.11 -21.91
N GLN B 27 13.80 5.84 -22.32
CA GLN B 27 12.90 4.88 -21.70
C GLN B 27 13.68 3.66 -21.23
N GLY B 28 13.20 3.06 -20.14
CA GLY B 28 13.82 1.87 -19.58
C GLY B 28 13.51 0.61 -20.36
N LEU B 29 14.01 0.55 -21.60
CA LEU B 29 13.71 -0.53 -22.53
C LEU B 29 13.99 -1.90 -21.93
N VAL B 30 13.16 -2.87 -22.34
CA VAL B 30 13.28 -4.26 -21.88
C VAL B 30 13.05 -5.20 -23.06
N TYR B 31 11.91 -5.05 -23.70
CA TYR B 31 11.45 -6.00 -24.69
C TYR B 31 10.81 -7.16 -23.96
N ILE B 32 10.56 -8.26 -24.65
CA ILE B 32 9.96 -9.41 -23.98
C ILE B 32 11.04 -10.45 -23.69
N ASP B 33 11.17 -10.79 -22.41
CA ASP B 33 12.20 -11.70 -21.94
C ASP B 33 13.59 -11.09 -21.94
N GLY B 34 13.65 -9.84 -21.50
CA GLY B 34 14.89 -9.20 -21.12
C GLY B 34 16.00 -9.09 -22.12
N ASN B 35 15.66 -8.79 -23.36
CA ASN B 35 16.69 -8.44 -24.33
C ASN B 35 17.40 -7.18 -23.87
N THR B 36 16.62 -6.24 -23.32
CA THR B 36 17.20 -4.99 -22.86
C THR B 36 18.19 -4.40 -23.85
N TYR B 37 19.25 -3.81 -23.29
CA TYR B 37 20.28 -3.20 -24.11
C TYR B 37 21.06 -4.19 -24.98
N LEU B 38 21.23 -3.77 -26.22
CA LEU B 38 22.15 -4.26 -27.18
C LEU B 38 23.49 -3.96 -26.58
N ASN B 39 24.38 -4.83 -26.99
CA ASN B 39 25.73 -5.02 -26.56
C ASN B 39 26.61 -3.88 -27.12
N TRP B 40 27.89 -3.80 -26.75
CA TRP B 40 28.79 -2.77 -27.32
C TRP B 40 29.99 -3.29 -28.17
N PHE B 41 30.31 -2.61 -29.29
CA PHE B 41 31.39 -3.01 -30.18
C PHE B 41 32.45 -1.92 -30.26
N GLN B 42 33.68 -2.39 -30.51
CA GLN B 42 34.88 -1.58 -30.61
C GLN B 42 35.31 -1.49 -32.06
N GLN B 43 35.34 -0.28 -32.60
CA GLN B 43 35.72 -0.04 -33.99
C GLN B 43 37.12 0.54 -34.01
N ARG B 44 38.08 -0.25 -34.48
CA ARG B 44 39.44 0.19 -34.64
C ARG B 44 39.57 1.05 -35.91
N PRO B 45 40.61 1.87 -35.99
CA PRO B 45 40.78 2.75 -37.15
C PRO B 45 40.91 1.96 -38.45
N GLY B 46 39.98 2.21 -39.37
CA GLY B 46 39.99 1.52 -40.64
C GLY B 46 39.67 0.05 -40.48
N GLN B 47 38.64 -0.27 -39.70
CA GLN B 47 38.25 -1.65 -39.48
C GLN B 47 36.80 -1.67 -39.03
N SER B 48 36.15 -2.82 -39.26
CA SER B 48 34.77 -3.02 -38.87
C SER B 48 34.68 -3.33 -37.38
N PRO B 49 33.58 -2.97 -36.73
CA PRO B 49 33.43 -3.26 -35.30
C PRO B 49 33.05 -4.72 -35.06
N ARG B 50 33.50 -5.24 -33.92
CA ARG B 50 33.26 -6.63 -33.54
C ARG B 50 32.39 -6.70 -32.28
N ARG B 51 31.64 -7.79 -32.17
CA ARG B 51 30.75 -7.97 -31.03
C ARG B 51 31.54 -8.14 -29.74
N LEU B 52 30.92 -7.78 -28.62
CA LEU B 52 31.60 -7.86 -27.33
C LEU B 52 30.76 -8.50 -26.23
N ILE B 53 29.72 -7.79 -25.75
CA ILE B 53 28.90 -8.28 -24.64
C ILE B 53 27.43 -8.19 -25.08
N TYR B 54 26.91 -9.26 -25.66
CA TYR B 54 25.51 -9.26 -26.09
C TYR B 54 24.59 -9.52 -24.91
N ASN B 55 23.36 -9.00 -25.02
CA ASN B 55 22.35 -9.18 -23.97
C ASN B 55 22.84 -8.59 -22.65
N VAL B 56 23.52 -7.44 -22.74
CA VAL B 56 24.00 -6.65 -21.61
C VAL B 56 25.18 -7.33 -20.91
N PHE B 57 24.98 -8.53 -20.39
CA PHE B 57 26.02 -9.19 -19.62
C PHE B 57 26.68 -10.37 -20.32
N THR B 58 25.94 -11.13 -21.12
CA THR B 58 26.51 -12.29 -21.80
C THR B 58 27.66 -11.87 -22.71
N ARG B 59 28.84 -12.41 -22.44
CA ARG B 59 30.02 -12.06 -23.23
C ARG B 59 29.97 -12.75 -24.59
N ASP B 60 30.74 -12.21 -25.54
CA ASP B 60 30.80 -12.75 -26.89
C ASP B 60 31.86 -13.83 -26.97
N SER B 61 31.68 -14.75 -27.91
CA SER B 61 32.63 -15.83 -28.13
C SER B 61 33.86 -15.31 -28.85
N GLY B 62 35.04 -15.68 -28.37
CA GLY B 62 36.28 -15.20 -28.94
C GLY B 62 36.71 -13.85 -28.44
N VAL B 63 36.37 -13.50 -27.20
CA VAL B 63 36.69 -12.21 -26.61
C VAL B 63 37.21 -12.45 -25.19
N PRO B 64 38.34 -11.85 -24.81
CA PRO B 64 38.89 -12.05 -23.48
C PRO B 64 37.89 -11.70 -22.38
N ASP B 65 38.19 -12.16 -21.17
CA ASP B 65 37.35 -11.90 -20.01
C ASP B 65 37.64 -10.54 -19.39
N ARG B 66 38.58 -9.78 -19.95
CA ARG B 66 38.89 -8.46 -19.40
C ARG B 66 37.70 -7.53 -19.50
N PHE B 67 36.91 -7.67 -20.55
CA PHE B 67 35.73 -6.83 -20.74
C PHE B 67 34.58 -7.36 -19.88
N SER B 68 33.70 -6.44 -19.49
CA SER B 68 32.58 -6.80 -18.62
C SER B 68 31.54 -5.69 -18.65
N GLY B 69 30.39 -5.95 -19.27
CA GLY B 69 29.30 -4.99 -19.33
C GLY B 69 28.24 -5.31 -18.28
N SER B 70 27.83 -4.28 -17.54
CA SER B 70 26.84 -4.42 -16.49
C SER B 70 25.91 -3.22 -16.46
N GLY B 71 24.67 -3.45 -16.05
CA GLY B 71 23.70 -2.37 -15.92
C GLY B 71 22.26 -2.83 -15.77
N SER B 72 21.42 -1.98 -15.19
CA SER B 72 20.00 -2.28 -15.00
C SER B 72 19.20 -0.99 -14.99
N GLY B 73 18.31 -0.84 -15.98
CA GLY B 73 17.47 0.34 -16.15
C GLY B 73 18.24 1.48 -16.80
N THR B 74 17.54 2.57 -17.14
CA THR B 74 18.01 3.41 -18.23
C THR B 74 19.17 4.31 -17.88
N ASP B 75 20.27 3.66 -17.54
CA ASP B 75 21.61 4.17 -17.62
C ASP B 75 22.44 2.89 -17.73
N PHE B 76 23.65 2.93 -18.28
CA PHE B 76 24.41 1.70 -18.32
C PHE B 76 25.89 2.01 -18.39
N THR B 77 26.71 1.00 -18.14
CA THR B 77 28.15 1.15 -18.15
C THR B 77 28.81 -0.10 -18.74
N LEU B 78 30.10 0.01 -19.01
CA LEU B 78 30.90 -1.08 -19.56
C LEU B 78 32.31 -0.96 -19.02
N LYS B 79 32.68 -1.85 -18.10
CA LYS B 79 34.00 -1.78 -17.48
C LYS B 79 34.97 -2.76 -18.14
N ILE B 80 36.23 -2.35 -18.20
CA ILE B 80 37.29 -3.15 -18.79
C ILE B 80 38.46 -3.14 -17.79
N THR B 81 38.75 -4.30 -17.22
CA THR B 81 39.87 -4.41 -16.29
C THR B 81 41.17 -4.47 -17.08
N THR B 82 42.15 -3.66 -16.65
CA THR B 82 43.47 -3.47 -17.26
C THR B 82 43.37 -3.18 -18.76
N VAL B 83 43.78 -1.99 -19.15
CA VAL B 83 43.68 -1.57 -20.55
C VAL B 83 44.97 -1.95 -21.24
N GLU B 84 44.84 -2.71 -22.33
CA GLU B 84 45.99 -3.07 -23.14
C GLU B 84 46.16 -1.99 -24.21
N ALA B 85 47.22 -2.13 -24.99
CA ALA B 85 47.43 -1.16 -26.05
C ALA B 85 46.43 -1.35 -27.19
N GLU B 86 46.02 -2.60 -27.47
CA GLU B 86 45.09 -2.87 -28.57
C GLU B 86 43.69 -2.37 -28.29
N ASP B 87 43.36 -2.09 -27.03
CA ASP B 87 42.06 -1.57 -26.65
C ASP B 87 42.04 -0.06 -26.95
N VAL B 88 42.02 0.26 -28.24
CA VAL B 88 41.94 1.64 -28.70
C VAL B 88 41.02 1.70 -29.91
N GLY B 89 40.27 2.78 -30.00
CA GLY B 89 39.33 2.98 -31.09
C GLY B 89 38.12 3.74 -30.58
N VAL B 90 37.04 3.70 -31.36
CA VAL B 90 35.81 4.39 -31.04
C VAL B 90 34.80 3.36 -30.53
N TYR B 91 34.04 3.73 -29.51
CA TYR B 91 33.03 2.88 -28.90
C TYR B 91 31.67 3.57 -28.96
N TYR B 92 30.61 2.77 -29.07
CA TYR B 92 29.26 3.29 -29.22
C TYR B 92 28.27 2.47 -28.41
N CYS B 93 27.15 3.11 -28.07
CA CYS B 93 26.01 2.46 -27.44
C CYS B 93 25.08 1.92 -28.53
N MET B 94 24.34 0.88 -28.20
CA MET B 94 23.54 0.14 -29.17
C MET B 94 22.05 0.26 -28.92
N GLN B 95 21.32 0.71 -29.94
CA GLN B 95 19.89 0.97 -29.81
C GLN B 95 19.19 -0.33 -29.50
N GLY B 96 18.16 -0.27 -28.65
CA GLY B 96 17.46 -1.47 -28.25
C GLY B 96 15.95 -1.34 -28.36
N THR B 97 15.29 -2.46 -28.62
CA THR B 97 13.84 -2.48 -28.65
C THR B 97 13.37 -1.73 -29.89
N HIS B 98 13.74 -0.46 -29.97
CA HIS B 98 13.38 0.33 -31.13
C HIS B 98 14.12 -0.14 -32.36
N TRP B 99 13.46 0.08 -33.48
CA TRP B 99 14.05 0.05 -34.80
C TRP B 99 14.70 1.38 -35.12
N PRO B 100 14.12 2.49 -34.48
CA PRO B 100 14.91 3.71 -34.66
C PRO B 100 16.04 3.55 -33.68
N TYR B 101 17.04 2.79 -34.13
CA TYR B 101 18.06 2.23 -33.27
C TYR B 101 18.89 3.27 -32.54
N THR B 102 19.34 4.30 -33.25
CA THR B 102 20.00 5.44 -32.62
C THR B 102 21.26 5.06 -31.84
N PHE B 103 22.43 5.40 -32.37
CA PHE B 103 23.66 5.04 -31.68
C PHE B 103 24.28 6.27 -30.99
N GLY B 104 25.33 6.01 -30.21
CA GLY B 104 25.99 7.07 -29.47
C GLY B 104 26.81 7.99 -30.35
N GLN B 105 27.33 9.02 -29.71
CA GLN B 105 28.47 9.77 -30.21
C GLN B 105 29.60 8.77 -30.20
N GLY B 106 29.64 7.98 -29.15
CA GLY B 106 30.69 6.98 -28.96
C GLY B 106 31.79 7.69 -28.23
N THR B 107 32.70 6.93 -27.62
CA THR B 107 33.84 7.55 -26.96
C THR B 107 35.12 7.05 -27.58
N LYS B 108 35.98 7.98 -27.96
CA LYS B 108 37.29 7.62 -28.51
C LYS B 108 38.27 7.29 -27.39
N VAL B 109 38.73 6.05 -27.36
CA VAL B 109 39.71 5.60 -26.37
C VAL B 109 41.10 5.89 -26.90
N GLU B 110 41.95 6.42 -26.03
CA GLU B 110 43.33 6.75 -26.36
C GLU B 110 44.17 6.41 -25.14
N ILE B 111 45.38 5.86 -25.36
CA ILE B 111 46.24 5.50 -24.23
C ILE B 111 47.30 6.58 -24.00
N THR B 114 54.62 4.75 -20.11
CA THR B 114 55.90 5.40 -19.87
C THR B 114 56.32 6.24 -21.07
N VAL B 115 57.06 7.32 -20.80
CA VAL B 115 57.53 8.19 -21.86
C VAL B 115 58.44 7.42 -22.81
N ALA B 116 58.25 7.66 -24.11
CA ALA B 116 59.06 7.04 -25.14
C ALA B 116 59.48 8.12 -26.13
N ALA B 117 60.79 8.27 -26.34
CA ALA B 117 61.28 9.25 -27.28
C ALA B 117 61.18 8.73 -28.72
N PRO B 118 60.80 9.59 -29.68
CA PRO B 118 60.76 9.14 -31.07
C PRO B 118 62.16 8.91 -31.62
N SER B 119 62.30 7.84 -32.39
CA SER B 119 63.44 7.68 -33.29
C SER B 119 63.07 8.37 -34.60
N VAL B 120 63.94 9.26 -35.07
CA VAL B 120 63.61 10.14 -36.20
C VAL B 120 64.36 9.67 -37.44
N PHE B 121 63.66 9.67 -38.57
CA PHE B 121 64.23 9.31 -39.86
C PHE B 121 63.75 10.31 -40.90
N ILE B 122 64.62 10.69 -41.82
CA ILE B 122 64.26 11.56 -42.93
C ILE B 122 64.59 10.84 -44.23
N PHE B 123 63.69 10.98 -45.22
CA PHE B 123 63.84 10.32 -46.50
C PHE B 123 63.88 11.35 -47.62
N PRO B 124 64.95 11.41 -48.41
CA PRO B 124 65.00 12.37 -49.52
C PRO B 124 64.07 11.96 -50.65
N PRO B 125 63.79 12.85 -51.60
CA PRO B 125 62.96 12.47 -52.75
C PRO B 125 63.60 11.35 -53.55
N SER B 126 62.80 10.35 -53.89
CA SER B 126 63.27 9.28 -54.76
C SER B 126 63.50 9.83 -56.17
N ASP B 127 64.57 9.34 -56.82
CA ASP B 127 64.90 9.79 -58.17
C ASP B 127 63.73 9.65 -59.11
N GLU B 128 63.00 8.53 -59.02
CA GLU B 128 61.79 8.31 -59.81
C GLU B 128 60.87 9.53 -59.80
N GLN B 129 60.66 10.12 -58.61
CA GLN B 129 59.73 11.24 -58.49
C GLN B 129 60.27 12.50 -59.14
N LEU B 130 61.49 12.91 -58.76
CA LEU B 130 62.12 14.10 -59.32
C LEU B 130 62.02 14.18 -60.83
N LYS B 131 61.89 13.03 -61.51
CA LYS B 131 61.66 12.95 -62.94
C LYS B 131 60.21 13.28 -63.32
N SER B 132 59.46 13.99 -62.46
CA SER B 132 58.13 14.43 -62.81
C SER B 132 57.81 15.82 -62.26
N GLY B 133 58.82 16.56 -61.80
CA GLY B 133 58.67 17.96 -61.45
C GLY B 133 58.22 18.27 -60.03
N THR B 134 58.15 17.27 -59.15
CA THR B 134 57.73 17.48 -57.76
C THR B 134 58.67 16.74 -56.82
N ALA B 135 58.95 17.35 -55.67
CA ALA B 135 59.86 16.81 -54.67
C ALA B 135 59.15 16.70 -53.33
N SER B 136 59.16 15.51 -52.75
CA SER B 136 58.54 15.26 -51.45
C SER B 136 59.57 14.74 -50.46
N VAL B 137 59.91 15.55 -49.46
CA VAL B 137 60.77 15.14 -48.36
C VAL B 137 59.90 14.66 -47.21
N VAL B 138 60.29 13.56 -46.58
CA VAL B 138 59.50 12.91 -45.53
C VAL B 138 60.33 12.78 -44.26
N CYS B 139 59.71 13.12 -43.12
CA CYS B 139 60.29 12.95 -41.80
C CYS B 139 59.42 11.96 -41.03
N LEU B 140 60.04 10.97 -40.40
CA LEU B 140 59.33 9.92 -39.69
C LEU B 140 59.71 9.94 -38.22
N LEU B 141 58.70 10.12 -37.35
CA LEU B 141 58.84 10.00 -35.90
C LEU B 141 58.14 8.71 -35.49
N ASN B 142 58.91 7.71 -35.08
CA ASN B 142 58.39 6.38 -34.86
C ASN B 142 58.33 6.03 -33.38
N ASN B 143 57.17 5.54 -32.94
CA ASN B 143 56.99 4.89 -31.65
C ASN B 143 57.41 5.80 -30.49
N PHE B 144 56.63 6.86 -30.30
CA PHE B 144 56.83 7.80 -29.20
C PHE B 144 55.59 7.90 -28.32
N TYR B 145 55.77 8.52 -27.17
CA TYR B 145 54.70 8.81 -26.22
C TYR B 145 55.17 9.82 -25.17
N PRO B 146 54.31 10.81 -24.83
CA PRO B 146 52.94 11.00 -25.32
C PRO B 146 52.84 11.53 -26.75
N ARG B 147 51.61 11.73 -27.21
CA ARG B 147 51.38 12.11 -28.60
C ARG B 147 51.95 13.48 -28.93
N GLU B 148 51.98 14.39 -27.95
CA GLU B 148 52.47 15.75 -28.15
C GLU B 148 53.86 15.74 -28.78
N ALA B 149 53.97 16.20 -30.03
CA ALA B 149 55.24 16.24 -30.73
C ALA B 149 55.22 17.42 -31.69
N LYS B 150 56.39 18.00 -31.93
CA LYS B 150 56.53 19.18 -32.77
C LYS B 150 57.59 18.91 -33.83
N VAL B 151 57.25 19.17 -35.09
CA VAL B 151 58.12 18.93 -36.23
C VAL B 151 58.21 20.22 -37.04
N GLN B 152 59.43 20.75 -37.18
CA GLN B 152 59.69 21.92 -38.00
C GLN B 152 60.58 21.53 -39.17
N TRP B 153 60.30 22.10 -40.35
CA TRP B 153 61.12 21.89 -41.53
C TRP B 153 62.03 23.09 -41.72
N LYS B 154 63.28 22.82 -42.12
CA LYS B 154 64.24 23.86 -42.41
C LYS B 154 64.90 23.57 -43.76
N VAL B 155 64.82 24.52 -44.68
CA VAL B 155 65.42 24.42 -46.00
C VAL B 155 66.52 25.48 -46.07
N ASP B 156 67.77 25.02 -46.22
CA ASP B 156 68.94 25.90 -46.12
C ASP B 156 68.92 26.72 -44.83
N ASN B 157 68.40 26.12 -43.76
CA ASN B 157 68.33 26.63 -42.39
C ASN B 157 67.16 27.59 -42.19
N ALA B 158 66.37 27.88 -43.22
CA ALA B 158 65.22 28.77 -43.11
C ALA B 158 63.96 28.00 -42.75
N LEU B 159 63.17 28.55 -41.83
CA LEU B 159 61.93 27.91 -41.42
C LEU B 159 60.93 27.87 -42.56
N GLN B 160 60.21 26.76 -42.67
CA GLN B 160 59.18 26.57 -43.68
C GLN B 160 57.80 26.82 -43.09
N SER B 161 56.85 27.09 -43.97
CA SER B 161 55.49 27.39 -43.56
C SER B 161 54.53 27.05 -44.69
N GLY B 162 53.53 26.23 -44.39
CA GLY B 162 52.49 25.88 -45.34
C GLY B 162 52.74 24.67 -46.22
N ASN B 163 53.98 24.51 -46.68
CA ASN B 163 54.33 23.47 -47.63
C ASN B 163 54.63 22.13 -46.99
N SER B 164 54.02 21.85 -45.84
CA SER B 164 54.22 20.57 -45.15
C SER B 164 52.90 20.07 -44.59
N GLN B 165 52.68 18.76 -44.70
CA GLN B 165 51.50 18.10 -44.17
C GLN B 165 51.93 16.99 -43.21
N GLU B 166 51.09 16.75 -42.20
CA GLU B 166 51.37 15.75 -41.19
C GLU B 166 50.27 14.72 -41.12
N SER B 167 50.59 13.59 -40.49
CA SER B 167 49.70 12.45 -40.42
C SER B 167 50.18 11.55 -39.29
N VAL B 168 49.25 11.13 -38.43
CA VAL B 168 49.61 10.37 -37.23
C VAL B 168 48.78 9.10 -37.19
N THR B 169 49.41 8.00 -36.77
CA THR B 169 48.66 6.78 -36.59
C THR B 169 47.96 6.80 -35.26
N GLU B 170 46.96 5.94 -35.13
CA GLU B 170 46.33 5.79 -33.83
C GLU B 170 47.29 5.06 -32.91
N GLN B 171 46.97 5.10 -31.62
CA GLN B 171 47.88 4.51 -30.65
C GLN B 171 48.02 3.02 -30.88
N ASP B 172 49.27 2.57 -30.88
CA ASP B 172 49.58 1.21 -31.27
C ASP B 172 48.88 0.21 -30.38
N SER B 173 48.42 -0.86 -31.01
CA SER B 173 47.69 -1.91 -30.35
C SER B 173 48.56 -2.80 -29.47
N LYS B 174 49.88 -2.71 -29.59
CA LYS B 174 50.78 -3.54 -28.80
C LYS B 174 51.62 -2.75 -27.79
N ASP B 175 52.34 -1.73 -28.25
CA ASP B 175 53.31 -1.01 -27.44
C ASP B 175 52.82 0.34 -26.92
N SER B 176 51.61 0.76 -27.28
CA SER B 176 51.02 2.01 -26.79
C SER B 176 51.77 3.25 -27.27
N THR B 177 52.39 3.18 -28.44
CA THR B 177 53.09 4.34 -29.00
C THR B 177 52.35 4.93 -30.19
N TYR B 178 52.65 6.20 -30.44
CA TYR B 178 52.17 6.92 -31.61
C TYR B 178 53.32 7.02 -32.62
N SER B 179 52.95 7.03 -33.90
CA SER B 179 53.91 7.29 -34.97
C SER B 179 53.38 8.43 -35.83
N LEU B 180 54.29 9.24 -36.35
CA LEU B 180 53.91 10.47 -37.04
C LEU B 180 54.78 10.63 -38.30
N SER B 181 54.17 11.20 -39.33
CA SER B 181 54.84 11.47 -40.60
C SER B 181 54.62 12.93 -40.97
N SER B 182 55.70 13.59 -41.39
CA SER B 182 55.64 14.94 -41.93
C SER B 182 56.21 14.93 -43.34
N THR B 183 55.53 15.59 -44.27
CA THR B 183 55.89 15.54 -45.68
C THR B 183 56.02 16.97 -46.23
N LEU B 184 57.22 17.32 -46.66
CA LEU B 184 57.50 18.62 -47.25
C LEU B 184 57.35 18.51 -48.77
N THR B 185 56.29 19.09 -49.31
CA THR B 185 56.02 19.05 -50.74
C THR B 185 56.50 20.34 -51.39
N LEU B 186 57.48 20.22 -52.28
CA LEU B 186 58.04 21.34 -53.00
C LEU B 186 58.01 21.03 -54.49
N SER B 187 58.03 22.08 -55.31
CA SER B 187 58.23 21.89 -56.73
C SER B 187 59.68 21.49 -56.99
N LYS B 188 59.92 20.90 -58.15
CA LYS B 188 61.30 20.56 -58.49
C LYS B 188 62.14 21.82 -58.64
N ALA B 189 61.54 22.93 -59.05
CA ALA B 189 62.24 24.20 -59.14
C ALA B 189 62.87 24.58 -57.80
N ASP B 190 62.03 24.76 -56.77
CA ASP B 190 62.52 25.16 -55.46
C ASP B 190 63.52 24.14 -54.90
N TYR B 191 63.28 22.86 -55.17
CA TYR B 191 64.14 21.81 -54.61
C TYR B 191 65.56 21.92 -55.14
N GLU B 192 65.73 22.44 -56.36
CA GLU B 192 67.07 22.59 -56.93
C GLU B 192 67.78 23.83 -56.44
N LYS B 193 67.06 24.77 -55.82
CA LYS B 193 67.68 26.03 -55.40
C LYS B 193 68.42 25.91 -54.07
N HIS B 194 68.01 24.99 -53.21
CA HIS B 194 68.54 24.88 -51.85
C HIS B 194 69.23 23.54 -51.63
N LYS B 195 70.20 23.53 -50.73
CA LYS B 195 71.06 22.37 -50.48
C LYS B 195 70.66 21.57 -49.25
N VAL B 196 70.48 22.22 -48.10
CA VAL B 196 70.34 21.54 -46.82
C VAL B 196 68.85 21.43 -46.47
N TYR B 197 68.38 20.20 -46.30
CA TYR B 197 67.01 19.91 -45.89
C TYR B 197 67.02 19.22 -44.54
N ALA B 198 66.16 19.66 -43.63
CA ALA B 198 66.20 19.20 -42.25
C ALA B 198 64.82 19.29 -41.64
N CYS B 199 64.52 18.33 -40.75
CA CYS B 199 63.34 18.40 -39.90
C CYS B 199 63.80 18.40 -38.44
N GLU B 200 63.34 19.39 -37.69
CA GLU B 200 63.66 19.53 -36.26
C GLU B 200 62.51 18.99 -35.45
N VAL B 201 62.82 18.07 -34.52
CA VAL B 201 61.80 17.37 -33.74
C VAL B 201 62.00 17.71 -32.26
N THR B 202 60.89 18.02 -31.59
CA THR B 202 60.88 18.22 -30.14
C THR B 202 59.81 17.33 -29.53
N HIS B 203 60.11 16.80 -28.34
CA HIS B 203 59.23 15.85 -27.67
C HIS B 203 59.71 15.72 -26.23
N GLN B 204 58.75 15.49 -25.33
CA GLN B 204 59.06 15.42 -23.91
C GLN B 204 60.19 14.44 -23.60
N GLY B 205 60.25 13.33 -24.33
CA GLY B 205 61.29 12.34 -24.13
C GLY B 205 62.65 12.68 -24.69
N LEU B 206 62.81 13.88 -25.26
CA LEU B 206 64.07 14.32 -25.85
C LEU B 206 64.72 15.32 -24.92
N ARG B 207 65.93 14.99 -24.45
CA ARG B 207 66.70 15.93 -23.66
C ARG B 207 66.90 17.24 -24.41
N SER B 208 67.17 17.15 -25.70
CA SER B 208 67.34 18.29 -26.59
C SER B 208 66.57 18.05 -27.89
N PRO B 209 66.21 19.11 -28.60
CA PRO B 209 65.62 18.94 -29.93
C PRO B 209 66.55 18.18 -30.87
N VAL B 210 65.97 17.26 -31.63
CA VAL B 210 66.71 16.42 -32.57
C VAL B 210 66.50 16.97 -33.98
N THR B 211 67.57 16.94 -34.78
CA THR B 211 67.52 17.34 -36.19
C THR B 211 68.09 16.22 -37.04
N LYS B 212 67.31 15.78 -38.02
CA LYS B 212 67.77 14.88 -39.08
C LYS B 212 67.79 15.67 -40.38
N SER B 213 68.93 15.64 -41.07
CA SER B 213 69.13 16.47 -42.25
C SER B 213 69.92 15.70 -43.30
N PHE B 214 70.06 16.33 -44.47
CA PHE B 214 70.84 15.78 -45.58
C PHE B 214 71.09 16.89 -46.59
N ASN B 215 72.11 16.69 -47.43
CA ASN B 215 72.41 17.58 -48.54
C ASN B 215 71.86 16.98 -49.84
N ARG B 216 71.28 17.85 -50.67
CA ARG B 216 70.68 17.42 -51.92
C ARG B 216 71.70 16.71 -52.82
N GLY B 217 71.26 15.63 -53.44
CA GLY B 217 72.12 14.88 -54.35
C GLY B 217 73.36 14.32 -53.69
N GLU B 218 73.34 14.10 -52.38
CA GLU B 218 74.53 13.77 -51.61
C GLU B 218 74.11 12.86 -50.46
N CYS B 219 74.03 11.56 -50.76
CA CYS B 219 73.63 10.53 -49.79
C CYS B 219 74.57 10.44 -48.60
N ASP C 1 -10.26 -23.30 -51.52
CA ASP C 1 -9.40 -22.30 -50.89
C ASP C 1 -10.01 -21.78 -49.60
N THR C 2 -9.18 -21.57 -48.60
CA THR C 2 -9.60 -21.16 -47.26
C THR C 2 -8.56 -20.24 -46.63
N LEU C 3 -9.04 -19.27 -45.86
CA LEU C 3 -8.19 -18.36 -45.10
C LEU C 3 -8.54 -18.48 -43.62
N CYS C 4 -7.53 -18.64 -42.77
CA CYS C 4 -7.74 -18.82 -41.33
C CYS C 4 -6.89 -17.83 -40.54
N ILE C 5 -7.31 -17.59 -39.29
CA ILE C 5 -6.64 -16.68 -38.36
C ILE C 5 -6.37 -17.43 -37.04
N GLY C 6 -5.26 -17.09 -36.38
CA GLY C 6 -4.92 -17.74 -35.13
C GLY C 6 -3.88 -16.97 -34.35
N TYR C 7 -3.48 -17.55 -33.21
CA TYR C 7 -2.49 -16.96 -32.31
C TYR C 7 -1.15 -17.66 -32.43
N HIS C 8 -0.16 -17.08 -31.76
CA HIS C 8 1.17 -17.66 -31.67
C HIS C 8 1.21 -18.72 -30.58
N ALA C 9 2.02 -19.75 -30.79
CA ALA C 9 2.23 -20.81 -29.81
C ALA C 9 3.71 -21.17 -29.77
N ASN C 10 4.16 -21.61 -28.60
CA ASN C 10 5.58 -21.91 -28.41
C ASN C 10 5.71 -22.89 -27.25
N ASN C 11 6.93 -23.41 -27.09
CA ASN C 11 7.24 -24.41 -26.08
C ASN C 11 7.57 -23.81 -24.72
N SER C 12 7.19 -22.55 -24.47
CA SER C 12 7.50 -21.90 -23.19
C SER C 12 6.60 -22.44 -22.08
N THR C 13 7.16 -22.57 -20.88
CA THR C 13 6.45 -23.07 -19.70
C THR C 13 6.33 -22.00 -18.62
N ASP C 14 6.33 -20.73 -19.00
CA ASP C 14 6.22 -19.65 -18.02
C ASP C 14 4.77 -19.45 -17.62
N THR C 15 4.52 -19.42 -16.31
CA THR C 15 3.18 -19.28 -15.76
C THR C 15 3.05 -17.94 -15.06
N VAL C 16 1.90 -17.29 -15.24
CA VAL C 16 1.60 -16.00 -14.62
C VAL C 16 0.24 -16.09 -13.95
N ASP C 17 0.00 -15.18 -13.00
CA ASP C 17 -1.24 -15.10 -12.27
C ASP C 17 -2.03 -13.88 -12.73
N THR C 18 -3.33 -14.06 -12.94
CA THR C 18 -4.23 -12.98 -13.34
C THR C 18 -5.23 -12.70 -12.23
N VAL C 19 -6.20 -11.84 -12.54
CA VAL C 19 -7.22 -11.49 -11.56
C VAL C 19 -8.19 -12.65 -11.37
N LEU C 20 -8.69 -13.21 -12.47
CA LEU C 20 -9.69 -14.26 -12.40
C LEU C 20 -9.06 -15.63 -12.20
N GLU C 21 -8.07 -15.98 -13.01
CA GLU C 21 -7.40 -17.27 -12.94
C GLU C 21 -5.98 -17.11 -12.39
N LYS C 22 -5.39 -18.25 -12.05
CA LYS C 22 -4.02 -18.28 -11.52
C LYS C 22 -3.27 -19.43 -12.18
N ASN C 23 -1.94 -19.30 -12.20
CA ASN C 23 -1.05 -20.31 -12.81
C ASN C 23 -1.34 -20.47 -14.31
N VAL C 24 -1.61 -19.35 -14.97
CA VAL C 24 -1.93 -19.35 -16.39
C VAL C 24 -0.65 -19.36 -17.22
N THR C 25 -0.55 -20.30 -18.15
CA THR C 25 0.59 -20.39 -19.04
C THR C 25 0.45 -19.37 -20.17
N VAL C 26 1.56 -18.70 -20.50
CA VAL C 26 1.56 -17.67 -21.52
C VAL C 26 2.77 -17.87 -22.43
N THR C 27 2.70 -17.26 -23.61
CA THR C 27 3.75 -17.40 -24.62
C THR C 27 4.99 -16.60 -24.28
N HIS C 28 4.83 -15.36 -23.82
CA HIS C 28 5.94 -14.48 -23.48
C HIS C 28 5.62 -13.74 -22.19
N SER C 29 6.64 -13.55 -21.36
CA SER C 29 6.45 -12.88 -20.09
C SER C 29 7.80 -12.44 -19.56
N VAL C 30 7.77 -11.41 -18.70
CA VAL C 30 8.95 -10.91 -18.01
C VAL C 30 8.78 -11.18 -16.53
N ASN C 31 9.85 -11.66 -15.90
CA ASN C 31 9.83 -11.98 -14.48
C ASN C 31 10.01 -10.72 -13.65
N LEU C 32 9.54 -10.76 -12.40
CA LEU C 32 9.71 -9.65 -11.48
C LEU C 32 10.22 -10.09 -10.11
N LEU C 33 10.88 -11.25 -10.00
CA LEU C 33 11.38 -11.74 -8.72
C LEU C 33 12.45 -12.78 -8.97
N GLU C 34 13.69 -12.50 -8.55
CA GLU C 34 14.85 -13.35 -8.79
C GLU C 34 15.34 -14.03 -7.52
N ASP C 35 15.46 -15.35 -7.57
CA ASP C 35 16.08 -16.13 -6.49
C ASP C 35 17.05 -17.15 -7.09
N LYS C 36 18.30 -16.74 -7.19
CA LYS C 36 19.47 -17.59 -7.29
C LYS C 36 19.93 -17.69 -5.85
N HIS C 37 20.92 -18.51 -5.56
CA HIS C 37 21.38 -18.62 -4.18
C HIS C 37 22.87 -18.41 -4.01
N ASN C 38 23.26 -18.03 -2.80
CA ASN C 38 24.64 -17.70 -2.57
C ASN C 38 25.46 -18.92 -2.92
N GLY C 39 26.47 -18.73 -3.74
CA GLY C 39 27.44 -19.76 -4.01
C GLY C 39 28.19 -20.04 -2.73
N LYS C 40 28.43 -18.96 -2.00
CA LYS C 40 29.48 -18.83 -1.00
C LYS C 40 29.63 -17.39 -0.51
N LEU C 41 29.86 -16.47 -1.45
CA LEU C 41 29.98 -15.04 -1.16
C LEU C 41 31.18 -14.78 -0.23
N CYS C 42 32.41 -14.51 -0.72
CA CYS C 42 32.87 -14.36 -2.12
C CYS C 42 32.31 -13.14 -2.86
N LYS C 43 32.76 -11.93 -2.47
CA LYS C 43 32.27 -10.73 -3.11
C LYS C 43 33.34 -9.65 -3.15
N LEU C 44 33.55 -9.05 -4.32
CA LEU C 44 34.60 -8.04 -4.48
C LEU C 44 35.95 -8.61 -4.08
N ARG C 45 36.18 -9.87 -4.45
CA ARG C 45 37.42 -10.56 -4.11
C ARG C 45 37.60 -10.61 -2.59
N GLY C 46 38.79 -10.28 -2.10
CA GLY C 46 39.03 -10.26 -0.67
C GLY C 46 38.26 -9.14 -0.01
N VAL C 47 37.50 -10.09 -0.05
CA VAL C 47 37.11 -8.82 0.56
C VAL C 47 36.38 -9.04 1.88
N ALA C 48 35.93 -10.27 2.12
CA ALA C 48 35.31 -10.61 3.38
C ALA C 48 36.40 -10.47 4.42
N PRO C 49 36.00 -10.04 5.70
CA PRO C 49 37.13 -9.67 6.56
C PRO C 49 37.45 -10.66 7.66
N LEU C 50 38.61 -11.29 7.57
CA LEU C 50 39.23 -12.02 8.67
C LEU C 50 38.19 -12.96 9.23
N HIS C 51 37.39 -13.52 8.34
CA HIS C 51 36.31 -14.40 8.74
C HIS C 51 36.36 -14.51 10.26
N LEU C 52 35.31 -14.06 10.93
CA LEU C 52 35.40 -13.95 12.38
C LEU C 52 35.38 -15.31 13.05
N GLY C 53 34.62 -16.25 12.49
CA GLY C 53 34.62 -17.60 13.00
C GLY C 53 34.00 -17.74 14.37
N LYS C 54 34.76 -18.29 15.32
CA LYS C 54 34.25 -18.55 16.65
C LYS C 54 34.11 -17.31 17.51
N CYS C 55 34.65 -16.17 17.08
CA CYS C 55 34.53 -14.92 17.82
C CYS C 55 33.52 -13.99 17.15
N ASN C 56 33.15 -12.94 17.87
CA ASN C 56 32.29 -11.89 17.35
C ASN C 56 33.12 -10.62 17.16
N ILE C 57 32.43 -9.50 16.93
CA ILE C 57 33.14 -8.25 16.70
C ILE C 57 33.77 -7.75 17.99
N ALA C 58 33.04 -7.82 19.10
CA ALA C 58 33.55 -7.34 20.38
C ALA C 58 34.82 -8.09 20.79
N GLY C 59 34.78 -9.42 20.75
CA GLY C 59 35.96 -10.19 21.10
C GLY C 59 37.13 -9.95 20.17
N TRP C 60 36.86 -9.69 18.89
CA TRP C 60 37.94 -9.48 17.94
C TRP C 60 38.63 -8.13 18.18
N ILE C 61 37.84 -7.07 18.34
CA ILE C 61 38.43 -5.74 18.51
C ILE C 61 39.09 -5.62 19.87
N LEU C 62 38.54 -6.28 20.89
CA LEU C 62 39.17 -6.25 22.21
C LEU C 62 40.37 -7.17 22.28
N GLY C 63 40.35 -8.28 21.54
CA GLY C 63 41.45 -9.21 21.55
C GLY C 63 41.26 -10.34 22.55
N ASN C 64 40.14 -11.05 22.46
CA ASN C 64 39.89 -12.19 23.33
C ASN C 64 40.93 -13.26 23.05
N PRO C 65 41.59 -13.82 24.07
CA PRO C 65 42.65 -14.83 23.82
C PRO C 65 42.23 -15.97 22.89
N GLU C 66 40.95 -16.36 22.88
CA GLU C 66 40.52 -17.44 21.99
C GLU C 66 40.53 -17.02 20.52
N CYS C 67 40.49 -15.73 20.23
CA CYS C 67 40.51 -15.28 18.84
C CYS C 67 41.94 -15.29 18.30
N GLU C 68 42.06 -15.37 16.97
CA GLU C 68 43.36 -15.40 16.32
C GLU C 68 43.91 -13.98 16.17
N SER C 69 45.09 -13.74 16.75
CA SER C 69 45.70 -12.43 16.69
C SER C 69 46.25 -12.14 15.29
N LEU C 70 46.33 -10.84 14.98
CA LEU C 70 46.78 -10.33 13.69
C LEU C 70 48.07 -10.99 13.16
N SER C 71 48.09 -11.58 11.96
CA SER C 71 46.96 -11.81 11.00
C SER C 71 46.20 -10.54 10.58
N THR C 72 44.87 -10.66 10.49
CA THR C 72 43.96 -9.55 10.22
C THR C 72 44.26 -8.83 8.89
N ALA C 73 43.36 -8.96 7.92
CA ALA C 73 43.54 -8.35 6.61
C ALA C 73 43.60 -6.83 6.72
N SER C 74 44.29 -6.22 5.75
CA SER C 74 44.47 -4.77 5.78
C SER C 74 43.19 -4.01 5.43
N SER C 75 42.32 -4.60 4.61
CA SER C 75 41.12 -3.89 4.16
C SER C 75 39.96 -4.86 3.95
N TRP C 76 38.75 -4.38 4.22
CA TRP C 76 37.54 -5.13 3.99
C TRP C 76 36.37 -4.17 3.92
N SER C 77 35.44 -4.43 3.00
CA SER C 77 34.24 -3.60 2.89
C SER C 77 33.09 -4.09 3.77
N TYR C 78 33.02 -5.38 4.09
CA TYR C 78 31.98 -5.87 4.98
C TYR C 78 32.55 -6.97 5.88
N ILE C 79 31.78 -7.32 6.90
CA ILE C 79 32.19 -8.27 7.92
C ILE C 79 31.19 -9.42 8.02
N VAL C 80 31.70 -10.63 8.24
CA VAL C 80 30.89 -11.82 8.38
C VAL C 80 31.03 -12.39 9.79
N GLU C 81 29.90 -12.70 10.41
CA GLU C 81 29.84 -13.28 11.74
C GLU C 81 29.13 -14.63 11.69
N THR C 82 29.36 -15.46 12.71
CA THR C 82 28.68 -16.74 12.80
C THR C 82 27.67 -16.73 13.95
N PRO C 83 26.53 -17.41 13.79
CA PRO C 83 25.57 -17.49 14.91
C PRO C 83 26.13 -18.18 16.14
N SER C 84 27.06 -19.10 15.94
CA SER C 84 27.71 -19.88 17.00
C SER C 84 28.88 -19.14 17.62
N SER C 85 28.89 -17.81 17.56
CA SER C 85 30.00 -17.02 18.08
C SER C 85 29.87 -16.94 19.60
N ASP C 86 30.43 -17.95 20.27
CA ASP C 86 30.39 -18.05 21.72
C ASP C 86 31.36 -17.09 22.40
N ASN C 87 32.44 -16.71 21.72
CA ASN C 87 33.55 -15.97 22.32
C ASN C 87 33.43 -14.48 21.98
N GLY C 88 32.99 -13.68 22.96
CA GLY C 88 32.96 -12.24 22.75
C GLY C 88 33.73 -11.51 23.83
N THR C 89 33.02 -10.99 24.83
CA THR C 89 33.63 -10.37 26.00
C THR C 89 33.86 -11.46 27.04
N CYS C 90 35.11 -11.90 27.20
CA CYS C 90 35.38 -12.96 28.17
C CYS C 90 35.01 -12.51 29.58
N TYR C 91 35.49 -11.33 29.99
CA TYR C 91 35.06 -10.80 31.28
C TYR C 91 33.66 -10.23 31.14
N PRO C 92 32.74 -10.54 32.05
CA PRO C 92 31.36 -10.05 31.92
C PRO C 92 31.26 -8.53 31.92
N GLY C 93 30.13 -8.05 31.41
CA GLY C 93 29.82 -6.65 31.27
C GLY C 93 29.05 -6.42 30.00
N ASP C 94 28.98 -5.15 29.57
CA ASP C 94 28.31 -4.82 28.33
C ASP C 94 29.15 -3.80 27.55
N PHE C 95 29.10 -3.93 26.23
CA PHE C 95 29.86 -3.08 25.32
C PHE C 95 29.04 -1.83 25.02
N ILE C 96 29.56 -0.67 25.42
CA ILE C 96 28.82 0.59 25.25
C ILE C 96 28.98 1.08 23.82
N ASP C 97 27.87 1.50 23.19
CA ASP C 97 27.85 1.95 21.80
C ASP C 97 28.35 0.84 20.88
N TYR C 98 27.76 -0.35 21.03
CA TYR C 98 28.17 -1.50 20.24
C TYR C 98 27.62 -1.42 18.82
N GLU C 99 26.35 -1.05 18.67
CA GLU C 99 25.75 -0.94 17.34
C GLU C 99 26.48 0.10 16.50
N GLU C 100 26.81 1.25 17.11
CA GLU C 100 27.57 2.27 16.40
C GLU C 100 28.90 1.72 15.92
N LEU C 101 29.66 1.09 16.83
CA LEU C 101 30.97 0.55 16.47
C LEU C 101 30.88 -0.48 15.35
N ARG C 102 29.83 -1.32 15.39
CA ARG C 102 29.66 -2.31 14.33
C ARG C 102 29.55 -1.65 12.96
N GLU C 103 28.82 -0.54 12.86
CA GLU C 103 28.68 0.13 11.57
C GLU C 103 29.94 0.87 11.17
N GLN C 104 30.75 1.30 12.14
CA GLN C 104 31.99 1.99 11.80
C GLN C 104 33.00 1.02 11.17
N LEU C 105 33.20 -0.13 11.80
CA LEU C 105 34.16 -1.13 11.34
C LEU C 105 33.68 -1.95 10.16
N SER C 106 32.43 -1.77 9.74
CA SER C 106 31.89 -2.54 8.62
C SER C 106 32.78 -2.42 7.39
N SER C 107 32.93 -1.21 6.85
CA SER C 107 33.74 -0.97 5.66
C SER C 107 34.98 -0.17 6.06
N VAL C 108 36.15 -0.64 5.61
CA VAL C 108 37.43 -0.01 5.92
C VAL C 108 38.32 -0.13 4.69
N SER C 109 39.12 0.91 4.45
CA SER C 109 40.09 0.91 3.36
C SER C 109 41.51 0.61 3.84
N SER C 110 41.88 1.10 5.02
CA SER C 110 43.19 0.85 5.59
C SER C 110 43.03 0.64 7.09
N PHE C 111 43.70 -0.37 7.62
CA PHE C 111 43.55 -0.75 9.03
C PHE C 111 44.89 -1.25 9.55
N GLU C 112 45.37 -0.64 10.64
CA GLU C 112 46.65 -0.99 11.23
C GLU C 112 46.57 -0.90 12.74
N ARG C 113 46.96 -1.97 13.43
CA ARG C 113 47.03 -1.95 14.89
C ARG C 113 48.44 -1.59 15.34
N PHE C 114 48.53 -0.67 16.29
CA PHE C 114 49.82 -0.24 16.81
C PHE C 114 49.72 -0.13 18.33
N GLU C 115 50.88 -0.23 18.99
CA GLU C 115 50.96 -0.23 20.44
C GLU C 115 50.92 1.21 20.92
N ILE C 116 49.72 1.67 21.29
CA ILE C 116 49.53 3.06 21.71
C ILE C 116 50.24 3.30 23.04
N PHE C 117 50.14 2.36 23.98
CA PHE C 117 50.77 2.49 25.30
C PHE C 117 51.50 1.19 25.59
N PRO C 118 52.81 1.13 25.30
CA PRO C 118 53.57 -0.10 25.56
C PRO C 118 53.55 -0.48 27.03
N LYS C 119 53.25 -1.76 27.28
CA LYS C 119 53.15 -2.28 28.65
C LYS C 119 54.40 -2.01 29.46
N THR C 120 55.57 -2.15 28.84
CA THR C 120 56.81 -2.07 29.60
C THR C 120 57.14 -0.65 30.03
N SER C 121 56.91 0.32 29.15
CA SER C 121 57.36 1.69 29.38
C SER C 121 56.27 2.60 29.91
N SER C 122 55.07 2.55 29.33
CA SER C 122 54.05 3.55 29.62
C SER C 122 53.58 3.54 31.06
N TRP C 123 53.72 2.42 31.79
CA TRP C 123 53.16 2.27 33.13
C TRP C 123 54.25 1.93 34.12
N PRO C 124 55.01 2.93 34.58
CA PRO C 124 56.09 2.65 35.54
C PRO C 124 55.63 2.66 36.98
N ASN C 125 54.54 3.37 37.28
CA ASN C 125 54.06 3.51 38.65
C ASN C 125 52.87 2.61 38.95
N HIS C 126 52.60 1.62 38.10
CA HIS C 126 51.49 0.71 38.30
C HIS C 126 51.89 -0.68 37.82
N ASP C 127 51.27 -1.70 38.41
CA ASP C 127 51.56 -3.08 38.07
C ASP C 127 50.65 -3.52 36.92
N SER C 128 51.26 -3.88 35.79
CA SER C 128 50.52 -4.32 34.62
C SER C 128 50.50 -5.84 34.45
N ASN C 129 51.43 -6.56 35.05
CA ASN C 129 51.49 -8.00 34.85
C ASN C 129 50.34 -8.72 35.56
N LYS C 130 49.90 -8.21 36.71
CA LYS C 130 48.86 -8.88 37.49
C LYS C 130 47.49 -8.82 36.82
N GLY C 131 47.35 -8.07 35.73
CA GLY C 131 46.06 -7.92 35.08
C GLY C 131 45.60 -9.14 34.30
N VAL C 132 45.26 -10.22 35.02
CA VAL C 132 44.75 -11.44 34.41
C VAL C 132 43.57 -11.91 35.23
N THR C 133 42.79 -12.83 34.65
CA THR C 133 41.58 -13.32 35.32
C THR C 133 41.21 -14.69 34.79
N ALA C 134 40.39 -15.40 35.57
CA ALA C 134 39.90 -16.71 35.18
C ALA C 134 38.85 -16.62 34.08
N ALA C 135 38.16 -15.48 33.96
CA ALA C 135 37.13 -15.33 32.94
C ALA C 135 37.72 -15.35 31.53
N CYS C 136 39.00 -15.00 31.37
CA CYS C 136 39.67 -14.97 30.07
C CYS C 136 40.81 -15.99 30.07
N PRO C 137 40.52 -17.26 29.85
CA PRO C 137 41.59 -18.27 29.81
C PRO C 137 42.12 -18.47 28.40
N HIS C 138 43.42 -18.77 28.33
CA HIS C 138 44.10 -19.00 27.05
C HIS C 138 44.59 -20.43 26.93
N ALA C 139 45.52 -20.85 27.79
CA ALA C 139 46.06 -22.20 27.75
C ALA C 139 45.97 -22.82 29.15
N GLY C 140 44.74 -22.92 29.65
CA GLY C 140 44.53 -23.45 30.98
C GLY C 140 45.09 -22.57 32.08
N ALA C 141 45.14 -21.26 31.86
CA ALA C 141 45.67 -20.33 32.83
C ALA C 141 45.00 -18.98 32.64
N LYS C 142 45.11 -18.13 33.66
CA LYS C 142 44.48 -16.82 33.64
C LYS C 142 45.17 -15.93 32.62
N SER C 143 44.39 -15.31 31.75
CA SER C 143 44.91 -14.39 30.73
C SER C 143 43.96 -13.21 30.66
N PHE C 144 44.15 -12.37 29.64
CA PHE C 144 43.34 -11.16 29.49
C PHE C 144 43.37 -10.73 28.03
N TYR C 145 42.57 -9.70 27.73
CA TYR C 145 42.51 -9.15 26.38
C TYR C 145 43.89 -8.71 25.90
N LYS C 146 44.24 -9.14 24.69
CA LYS C 146 45.58 -8.87 24.17
C LYS C 146 45.78 -7.38 23.91
N ASN C 147 44.69 -6.66 23.66
CA ASN C 147 44.76 -5.24 23.31
C ASN C 147 44.59 -4.33 24.51
N LEU C 148 44.31 -4.87 25.69
CA LEU C 148 44.08 -4.06 26.89
C LEU C 148 45.01 -4.50 28.01
N ILE C 149 45.13 -3.63 29.01
CA ILE C 149 45.93 -3.90 30.21
C ILE C 149 45.09 -3.52 31.42
N TRP C 150 44.99 -4.45 32.37
CA TRP C 150 44.22 -4.24 33.61
C TRP C 150 45.19 -3.80 34.70
N LEU C 151 45.24 -2.50 34.97
CA LEU C 151 46.20 -1.97 35.93
C LEU C 151 45.76 -2.26 37.36
N VAL C 152 46.70 -2.77 38.16
CA VAL C 152 46.47 -3.09 39.56
C VAL C 152 47.40 -2.22 40.40
N LYS C 153 47.05 -2.05 41.67
CA LYS C 153 47.88 -1.25 42.56
C LYS C 153 49.27 -1.85 42.71
N LYS C 154 50.27 -0.99 42.83
CA LYS C 154 51.67 -1.42 42.99
C LYS C 154 51.98 -1.43 44.49
N GLY C 155 51.68 -2.55 45.14
CA GLY C 155 51.91 -2.68 46.56
C GLY C 155 50.81 -2.06 47.39
N ASN C 156 51.15 -1.04 48.16
CA ASN C 156 50.20 -0.38 49.07
C ASN C 156 49.74 0.98 48.54
N SER C 157 49.74 1.19 47.23
CA SER C 157 49.37 2.49 46.71
C SER C 157 48.99 2.40 45.24
N TYR C 158 48.07 3.26 44.83
CA TYR C 158 47.64 3.41 43.44
C TYR C 158 47.72 4.90 43.11
N PRO C 159 48.85 5.37 42.59
CA PRO C 159 49.00 6.81 42.33
C PRO C 159 48.09 7.30 41.21
N LYS C 160 47.88 8.61 41.18
CA LYS C 160 47.02 9.21 40.17
C LYS C 160 47.62 9.00 38.78
N LEU C 161 46.79 8.53 37.87
CA LEU C 161 47.23 8.24 36.50
C LEU C 161 46.96 9.43 35.60
N SER C 162 47.87 9.66 34.64
CA SER C 162 47.70 10.76 33.68
C SER C 162 48.58 10.46 32.46
N LYS C 163 47.98 9.81 31.47
CA LYS C 163 48.66 9.44 30.23
C LYS C 163 47.92 10.01 29.03
N SER C 164 48.66 10.39 27.99
CA SER C 164 48.07 11.00 26.81
C SER C 164 48.79 10.54 25.55
N TYR C 165 48.08 10.61 24.42
CA TYR C 165 48.63 10.26 23.13
C TYR C 165 48.13 11.24 22.08
N ILE C 166 49.04 11.68 21.20
CA ILE C 166 48.73 12.57 20.10
C ILE C 166 48.72 11.77 18.80
N ASN C 167 47.62 11.87 18.06
CA ASN C 167 47.46 11.11 16.81
C ASN C 167 48.32 11.72 15.72
N ASP C 168 49.52 11.15 15.52
CA ASP C 168 50.43 11.57 14.47
C ASP C 168 50.40 10.64 13.26
N LYS C 169 49.49 9.67 13.24
CA LYS C 169 49.41 8.71 12.14
C LYS C 169 48.78 9.31 10.89
N GLY C 170 48.13 10.45 10.99
CA GLY C 170 47.49 11.06 9.84
C GLY C 170 46.17 10.44 9.45
N LYS C 171 45.51 9.74 10.37
CA LYS C 171 44.21 9.14 10.10
C LYS C 171 43.58 8.78 11.43
N GLU C 172 42.25 8.87 11.48
CA GLU C 172 41.50 8.65 12.71
C GLU C 172 41.88 7.32 13.37
N VAL C 173 42.11 7.39 14.68
CA VAL C 173 42.54 6.23 15.47
C VAL C 173 41.39 5.79 16.36
N LEU C 174 41.12 4.49 16.38
CA LEU C 174 40.10 3.90 17.25
C LEU C 174 40.75 3.46 18.56
N VAL C 175 40.35 4.07 19.66
CA VAL C 175 40.87 3.74 20.99
C VAL C 175 39.77 3.07 21.80
N LEU C 176 40.14 2.04 22.55
CA LEU C 176 39.18 1.28 23.35
C LEU C 176 39.71 1.12 24.77
N TRP C 177 38.83 1.27 25.76
CA TRP C 177 39.20 1.09 27.16
C TRP C 177 38.02 0.50 27.93
N GLY C 178 38.26 0.16 29.19
CA GLY C 178 37.25 -0.47 30.00
C GLY C 178 37.24 0.10 31.40
N ILE C 179 36.07 0.03 32.03
CA ILE C 179 35.86 0.49 33.40
C ILE C 179 35.36 -0.69 34.23
N HIS C 180 36.10 -1.03 35.28
CA HIS C 180 35.76 -2.17 36.14
C HIS C 180 34.77 -1.77 37.23
N HIS C 181 33.82 -2.65 37.51
CA HIS C 181 32.81 -2.43 38.56
C HIS C 181 32.85 -3.63 39.50
N PRO C 182 33.61 -3.54 40.59
CA PRO C 182 33.86 -4.70 41.43
C PRO C 182 32.61 -5.18 42.16
N SER C 183 32.77 -6.30 42.85
CA SER C 183 31.67 -6.93 43.58
C SER C 183 31.48 -6.31 44.95
N THR C 184 32.50 -6.39 45.80
CA THR C 184 32.44 -5.87 47.16
C THR C 184 33.48 -4.79 47.36
N SER C 185 33.37 -4.07 48.48
CA SER C 185 34.34 -3.04 48.80
C SER C 185 35.71 -3.64 49.09
N ALA C 186 35.74 -4.88 49.56
CA ALA C 186 37.03 -5.54 49.81
C ALA C 186 37.78 -5.79 48.51
N ASP C 187 37.07 -6.17 47.45
CA ASP C 187 37.72 -6.38 46.15
C ASP C 187 38.16 -5.05 45.54
N GLN C 188 37.37 -4.01 45.72
CA GLN C 188 37.76 -2.69 45.24
C GLN C 188 39.08 -2.25 45.86
N GLN C 189 39.21 -2.40 47.19
CA GLN C 189 40.44 -2.02 47.87
C GLN C 189 41.60 -2.92 47.44
N SER C 190 41.35 -4.21 47.29
CA SER C 190 42.41 -5.15 46.94
C SER C 190 42.93 -4.94 45.52
N LEU C 191 42.21 -4.18 44.69
CA LEU C 191 42.61 -3.95 43.30
C LEU C 191 43.20 -2.56 43.07
N TYR C 192 42.66 -1.54 43.72
CA TYR C 192 43.12 -0.19 43.44
C TYR C 192 43.34 0.65 44.70
N GLN C 193 43.38 0.02 45.88
CA GLN C 193 43.65 0.69 47.15
C GLN C 193 42.60 1.72 47.53
N ASN C 194 42.43 2.76 46.72
CA ASN C 194 41.49 3.83 47.06
C ASN C 194 40.05 3.33 47.03
N ALA C 195 39.20 3.99 47.81
CA ALA C 195 37.79 3.62 47.91
C ALA C 195 36.93 4.42 46.94
N ASP C 196 36.90 5.73 47.09
CA ASP C 196 36.11 6.60 46.21
C ASP C 196 36.98 6.98 45.02
N THR C 197 36.88 6.22 43.94
CA THR C 197 37.70 6.40 42.76
C THR C 197 36.88 7.03 41.64
N TYR C 198 37.60 7.43 40.59
CA TYR C 198 36.98 8.03 39.42
C TYR C 198 37.87 7.79 38.20
N VAL C 199 37.27 7.89 37.03
CA VAL C 199 37.96 7.76 35.75
C VAL C 199 37.47 8.85 34.82
N PHE C 200 38.37 9.42 34.02
CA PHE C 200 38.00 10.45 33.08
C PHE C 200 38.79 10.28 31.79
N VAL C 201 38.08 10.23 30.66
CA VAL C 201 38.69 10.07 29.35
C VAL C 201 38.29 11.29 28.54
N GLY C 202 39.21 12.23 28.38
CA GLY C 202 38.95 13.47 27.68
C GLY C 202 39.60 13.54 26.30
N SER C 203 38.97 14.29 25.40
CA SER C 203 39.49 14.52 24.06
C SER C 203 38.71 15.68 23.45
N SER C 204 39.13 16.10 22.25
CA SER C 204 38.43 17.18 21.57
C SER C 204 37.03 16.76 21.12
N ARG C 205 36.87 15.49 20.75
CA ARG C 205 35.61 14.98 20.23
C ARG C 205 34.82 14.15 21.25
N TYR C 206 35.31 14.02 22.48
CA TYR C 206 34.66 13.15 23.47
C TYR C 206 35.15 13.50 24.88
N SER C 207 34.25 13.40 25.85
CA SER C 207 34.57 13.70 27.24
C SER C 207 33.52 13.07 28.16
N LYS C 208 33.97 12.31 29.16
CA LYS C 208 33.04 11.69 30.10
C LYS C 208 33.80 11.25 31.35
N LYS C 209 33.15 11.42 32.50
CA LYS C 209 33.67 11.01 33.80
C LYS C 209 32.89 9.80 34.29
N PHE C 210 33.60 8.71 34.59
CA PHE C 210 32.98 7.47 35.07
C PHE C 210 33.22 7.30 36.57
N LYS C 211 32.14 7.13 37.32
CA LYS C 211 32.26 6.78 38.73
C LYS C 211 31.90 5.31 38.89
N PRO C 212 32.87 4.42 39.17
CA PRO C 212 32.57 2.98 39.17
C PRO C 212 31.68 2.59 40.33
N GLU C 213 30.72 1.71 40.05
CA GLU C 213 29.81 1.20 41.06
C GLU C 213 30.33 -0.13 41.62
N ILE C 214 30.31 -0.26 42.94
CA ILE C 214 30.76 -1.46 43.63
C ILE C 214 29.52 -2.16 44.13
N ALA C 215 29.12 -3.25 43.46
CA ALA C 215 27.91 -3.95 43.84
C ALA C 215 28.01 -5.41 43.41
N ILE C 216 27.28 -6.26 44.13
CA ILE C 216 27.28 -7.69 43.86
C ILE C 216 26.25 -7.96 42.79
N ARG C 217 26.69 -8.21 41.59
CA ARG C 217 25.79 -8.61 40.52
C ARG C 217 25.56 -10.10 40.62
N PRO C 218 24.43 -10.60 39.95
CA PRO C 218 24.31 -12.06 40.04
C PRO C 218 25.49 -12.68 39.32
N LYS C 219 25.99 -13.82 39.80
CA LYS C 219 27.19 -14.41 39.24
C LYS C 219 27.03 -14.81 37.79
N VAL C 220 28.00 -14.40 36.98
CA VAL C 220 28.09 -14.80 35.59
C VAL C 220 29.54 -15.12 35.26
N ARG C 221 29.76 -16.20 34.54
CA ARG C 221 31.06 -16.53 34.00
C ARG C 221 32.06 -16.48 35.12
N ASP C 222 31.62 -16.91 36.29
CA ASP C 222 32.48 -16.98 37.43
C ASP C 222 33.06 -15.62 37.76
N GLN C 223 32.31 -14.56 37.53
CA GLN C 223 32.78 -13.27 38.05
C GLN C 223 31.60 -12.47 38.58
N GLU C 224 31.70 -12.00 39.82
CA GLU C 224 30.60 -11.25 40.41
C GLU C 224 30.63 -9.79 39.98
N GLY C 225 31.82 -9.19 39.85
CA GLY C 225 31.92 -7.84 39.37
C GLY C 225 32.02 -7.83 37.86
N ARG C 226 31.54 -6.76 37.23
CA ARG C 226 31.44 -6.69 35.78
C ARG C 226 32.31 -5.54 35.26
N MET C 227 32.32 -5.39 33.93
CA MET C 227 33.24 -4.47 33.28
C MET C 227 32.62 -3.95 31.99
N ASN C 228 32.41 -2.64 31.92
CA ASN C 228 31.83 -2.01 30.75
C ASN C 228 32.94 -1.55 29.81
N TYR C 229 32.70 -1.69 28.50
CA TYR C 229 33.70 -1.40 27.49
C TYR C 229 33.29 -0.18 26.66
N TYR C 230 34.19 0.80 26.58
CA TYR C 230 33.96 2.07 25.91
C TYR C 230 35.00 2.27 24.81
N TRP C 231 34.73 3.22 23.92
CA TRP C 231 35.61 3.49 22.79
C TRP C 231 35.34 4.88 22.24
N THR C 232 36.27 5.35 21.41
CA THR C 232 36.15 6.65 20.74
C THR C 232 37.10 6.70 19.55
N LEU C 233 36.90 7.71 18.70
CA LEU C 233 37.74 7.94 17.53
C LEU C 233 38.49 9.25 17.69
N VAL C 234 39.81 9.19 17.63
CA VAL C 234 40.67 10.36 17.77
C VAL C 234 41.06 10.84 16.37
N GLU C 235 40.66 12.07 16.03
CA GLU C 235 41.02 12.63 14.73
C GLU C 235 42.50 13.01 14.72
N PRO C 236 43.14 13.00 13.53
CA PRO C 236 44.58 13.33 13.46
C PRO C 236 44.91 14.72 13.97
N GLY C 237 45.63 14.80 15.09
CA GLY C 237 45.95 16.04 15.76
C GLY C 237 45.35 16.14 17.15
N ASP C 238 44.18 15.55 17.35
CA ASP C 238 43.53 15.54 18.64
C ASP C 238 44.32 14.67 19.63
N LYS C 239 44.25 15.04 20.90
CA LYS C 239 45.00 14.37 21.95
C LYS C 239 44.04 13.72 22.94
N ILE C 240 44.14 12.39 23.08
CA ILE C 240 43.36 11.66 24.06
C ILE C 240 44.08 11.72 25.41
N THR C 241 43.30 11.80 26.49
CA THR C 241 43.87 11.93 27.83
C THR C 241 43.13 10.98 28.78
N PHE C 242 43.89 10.27 29.61
CA PHE C 242 43.36 9.29 30.56
C PHE C 242 43.72 9.70 31.99
N GLU C 243 42.81 10.40 32.65
CA GLU C 243 42.95 10.78 34.05
C GLU C 243 42.09 9.85 34.91
N ALA C 244 42.72 9.15 35.86
CA ALA C 244 41.99 8.19 36.67
C ALA C 244 42.77 7.86 37.94
N THR C 245 42.04 7.48 38.98
CA THR C 245 42.61 7.07 40.25
C THR C 245 42.27 5.63 40.60
N GLY C 246 41.86 4.84 39.63
CA GLY C 246 41.54 3.44 39.85
C GLY C 246 40.36 3.00 39.01
N ASN C 247 40.25 1.68 38.85
CA ASN C 247 39.14 1.06 38.12
C ASN C 247 39.18 1.39 36.62
N LEU C 248 40.38 1.50 36.07
CA LEU C 248 40.56 1.81 34.65
C LEU C 248 41.37 0.71 33.98
N VAL C 249 40.84 0.18 32.88
CA VAL C 249 41.54 -0.81 32.07
C VAL C 249 42.09 -0.04 30.88
N VAL C 250 43.34 0.41 31.01
CA VAL C 250 43.98 1.25 30.00
C VAL C 250 44.18 0.48 28.69
N PRO C 251 44.27 1.16 27.56
CA PRO C 251 44.51 0.45 26.30
C PRO C 251 45.98 0.11 26.10
N ARG C 252 46.22 -0.98 25.38
CA ARG C 252 47.55 -1.36 24.96
C ARG C 252 47.77 -1.15 23.46
N TYR C 253 46.83 -1.60 22.64
CA TYR C 253 46.90 -1.48 21.18
C TYR C 253 45.69 -0.71 20.68
N ALA C 254 45.94 0.37 19.95
CA ALA C 254 44.89 1.10 19.24
C ALA C 254 44.92 0.72 17.77
N PHE C 255 43.97 1.26 17.00
CA PHE C 255 43.83 0.92 15.60
C PHE C 255 43.75 2.19 14.77
N ALA C 256 44.80 2.47 13.99
CA ALA C 256 44.77 3.56 13.03
C ALA C 256 44.12 3.07 11.75
N MET C 257 43.09 3.79 11.30
CA MET C 257 42.27 3.28 10.22
C MET C 257 41.73 4.43 9.36
N GLU C 258 41.19 4.05 8.21
CA GLU C 258 40.56 4.97 7.26
C GLU C 258 39.25 4.32 6.82
N ARG C 259 38.13 4.75 7.41
CA ARG C 259 36.85 4.11 7.19
C ARG C 259 36.32 4.36 5.78
N ASN C 260 35.32 3.54 5.40
CA ASN C 260 34.56 3.69 4.17
C ASN C 260 33.08 3.81 4.52
N ALA C 261 32.32 4.33 3.58
CA ALA C 261 30.90 4.59 3.82
C ALA C 261 30.07 3.31 3.66
N GLY C 262 28.92 3.31 4.35
CA GLY C 262 27.91 2.26 4.21
C GLY C 262 28.30 0.91 4.80
N SER C 263 27.73 -0.15 4.20
CA SER C 263 27.94 -1.55 4.53
C SER C 263 27.26 -1.99 5.83
N GLY C 264 27.38 -3.27 6.15
CA GLY C 264 26.71 -3.82 7.32
C GLY C 264 27.38 -5.10 7.78
N ILE C 265 26.61 -5.90 8.52
CA ILE C 265 27.10 -7.15 9.11
C ILE C 265 26.28 -8.32 8.58
N ILE C 266 26.94 -9.45 8.34
CA ILE C 266 26.31 -10.69 7.91
C ILE C 266 26.51 -11.75 8.99
N ILE C 267 25.43 -12.36 9.44
CA ILE C 267 25.48 -13.41 10.45
C ILE C 267 24.99 -14.68 9.79
N SER C 268 25.93 -15.53 9.34
CA SER C 268 25.55 -16.76 8.66
C SER C 268 26.71 -17.76 8.76
N ASP C 269 26.39 -19.02 8.48
CA ASP C 269 27.35 -20.12 8.56
C ASP C 269 28.00 -20.45 7.23
N THR C 270 27.69 -19.72 6.15
CA THR C 270 28.24 -20.07 4.85
C THR C 270 29.74 -19.78 4.81
N PRO C 271 30.49 -20.58 4.04
CA PRO C 271 31.95 -20.38 3.95
C PRO C 271 32.36 -19.39 2.87
N VAL C 272 33.67 -19.21 2.66
CA VAL C 272 34.22 -18.15 1.81
C VAL C 272 34.88 -18.69 0.54
N HIS C 273 34.82 -17.89 -0.54
CA HIS C 273 35.54 -18.12 -1.79
C HIS C 273 36.04 -16.79 -2.34
N ASP C 274 36.74 -16.84 -3.47
CA ASP C 274 37.15 -15.64 -4.18
C ASP C 274 36.59 -15.67 -5.60
N CYS C 275 35.72 -14.72 -5.93
CA CYS C 275 35.17 -14.68 -7.28
C CYS C 275 34.81 -13.30 -7.86
N ASN C 276 35.19 -12.23 -7.18
CA ASN C 276 34.97 -10.89 -7.74
C ASN C 276 33.54 -10.54 -8.15
N THR C 277 32.56 -10.93 -7.35
CA THR C 277 31.14 -10.64 -7.61
C THR C 277 30.51 -9.61 -6.66
N THR C 278 29.76 -8.64 -7.18
CA THR C 278 29.14 -7.64 -6.32
C THR C 278 27.97 -8.23 -5.53
N CYS C 279 27.30 -7.37 -4.75
CA CYS C 279 26.28 -7.79 -3.79
C CYS C 279 25.23 -8.72 -4.37
N GLN C 280 24.86 -8.54 -5.63
CA GLN C 280 23.78 -9.31 -6.22
C GLN C 280 24.19 -10.79 -6.34
N THR C 281 23.27 -11.67 -5.96
CA THR C 281 23.48 -13.11 -5.79
C THR C 281 24.26 -13.71 -6.95
N PRO C 282 25.14 -14.70 -6.68
CA PRO C 282 26.00 -15.41 -7.64
C PRO C 282 25.32 -15.75 -8.98
N LYS C 283 26.08 -15.86 -10.07
CA LYS C 283 27.55 -15.77 -10.06
C LYS C 283 28.05 -14.36 -10.36
N GLY C 284 27.47 -13.37 -9.71
CA GLY C 284 27.82 -11.98 -9.96
C GLY C 284 27.28 -11.52 -11.29
N ALA C 285 25.99 -11.80 -11.48
CA ALA C 285 25.19 -11.28 -12.55
C ALA C 285 23.76 -11.16 -12.04
N ILE C 286 23.40 -10.05 -11.39
CA ILE C 286 24.25 -8.89 -11.06
C ILE C 286 24.42 -7.68 -12.00
N ASN C 287 23.85 -7.60 -13.21
CA ASN C 287 23.07 -8.61 -13.96
C ASN C 287 21.79 -9.19 -13.39
N THR C 288 21.02 -8.35 -12.71
CA THR C 288 19.68 -8.70 -12.28
C THR C 288 18.76 -7.63 -12.84
N SER C 289 18.13 -7.93 -13.98
CA SER C 289 17.25 -6.96 -14.63
C SER C 289 16.07 -6.63 -13.74
N LEU C 290 15.73 -7.48 -12.86
CA LEU C 290 14.60 -7.24 -12.00
C LEU C 290 15.03 -6.47 -10.76
N PRO C 291 14.17 -5.60 -10.25
CA PRO C 291 14.53 -4.84 -9.04
C PRO C 291 14.08 -5.53 -7.77
N PHE C 292 13.74 -6.82 -7.84
CA PHE C 292 13.19 -7.52 -6.68
C PHE C 292 13.94 -8.82 -6.43
N GLN C 293 14.00 -9.19 -5.16
CA GLN C 293 14.62 -10.43 -4.73
C GLN C 293 13.94 -10.91 -3.45
N ASN C 294 14.09 -12.21 -3.16
CA ASN C 294 13.51 -12.84 -1.99
C ASN C 294 14.62 -13.72 -1.40
N ILE C 295 15.53 -13.08 -0.67
CA ILE C 295 16.66 -13.76 -0.04
C ILE C 295 16.74 -13.38 1.43
N HIS C 296 16.92 -12.09 1.71
CA HIS C 296 17.03 -11.53 3.06
C HIS C 296 16.41 -10.14 3.06
N PRO C 297 15.79 -9.73 4.18
CA PRO C 297 15.19 -8.40 4.23
C PRO C 297 16.19 -7.29 3.96
N ILE C 298 17.41 -7.42 4.47
CA ILE C 298 18.48 -6.44 4.26
C ILE C 298 19.67 -7.18 3.67
N THR C 299 20.28 -6.56 2.67
CA THR C 299 21.44 -7.09 1.99
C THR C 299 22.43 -5.95 1.84
N ILE C 300 23.69 -6.29 1.64
CA ILE C 300 24.79 -5.35 1.80
C ILE C 300 25.33 -4.97 0.43
N GLY C 301 25.42 -3.67 0.18
CA GLY C 301 25.87 -3.11 -1.08
C GLY C 301 24.75 -2.65 -1.98
N LYS C 302 25.11 -2.43 -3.24
CA LYS C 302 24.19 -1.88 -4.27
C LYS C 302 23.37 -3.03 -4.86
N CYS C 303 22.32 -3.39 -4.15
CA CYS C 303 21.43 -4.49 -4.47
C CYS C 303 20.01 -4.03 -4.78
N PRO C 304 19.19 -4.91 -5.36
CA PRO C 304 17.78 -4.56 -5.61
C PRO C 304 16.97 -4.55 -4.33
N LYS C 305 15.74 -4.06 -4.46
CA LYS C 305 14.89 -3.82 -3.30
C LYS C 305 14.09 -5.07 -2.96
N TYR C 306 14.12 -5.46 -1.68
CA TYR C 306 13.60 -6.75 -1.24
C TYR C 306 12.08 -6.74 -1.14
N VAL C 307 11.47 -7.83 -1.60
CA VAL C 307 10.02 -8.04 -1.54
C VAL C 307 9.77 -9.51 -1.27
N LYS C 308 9.05 -9.81 -0.19
CA LYS C 308 8.76 -11.18 0.21
C LYS C 308 7.50 -11.66 -0.51
N SER C 309 7.69 -12.17 -1.73
CA SER C 309 6.59 -12.70 -2.53
C SER C 309 6.93 -14.11 -2.97
N THR C 310 5.89 -14.92 -3.18
CA THR C 310 6.12 -16.27 -3.67
C THR C 310 6.55 -16.26 -5.14
N LYS C 311 5.98 -15.36 -5.93
CA LYS C 311 6.34 -15.23 -7.34
C LYS C 311 5.70 -13.97 -7.89
N LEU C 312 6.45 -13.25 -8.73
CA LEU C 312 5.95 -12.07 -9.43
C LEU C 312 6.45 -12.16 -10.86
N ARG C 313 5.55 -12.30 -11.81
CA ARG C 313 5.91 -12.36 -13.23
C ARG C 313 4.86 -11.62 -14.04
N LEU C 314 5.26 -10.53 -14.66
CA LEU C 314 4.37 -9.72 -15.49
C LEU C 314 4.24 -10.31 -16.88
N ALA C 315 3.01 -10.37 -17.37
CA ALA C 315 2.71 -10.98 -18.65
C ALA C 315 2.86 -9.99 -19.79
N THR C 316 3.44 -10.45 -20.90
CA THR C 316 3.59 -9.67 -22.12
C THR C 316 2.85 -10.27 -23.29
N GLY C 317 2.97 -11.58 -23.51
CA GLY C 317 2.32 -12.25 -24.61
C GLY C 317 0.90 -12.69 -24.28
N LEU C 318 0.42 -13.68 -25.03
CA LEU C 318 -0.92 -14.23 -24.87
C LEU C 318 -0.85 -15.65 -24.33
N ARG C 319 -2.03 -16.19 -24.05
CA ARG C 319 -2.14 -17.56 -23.53
C ARG C 319 -1.57 -18.57 -24.52
N ASN C 320 -0.70 -19.44 -24.02
CA ASN C 320 -0.03 -20.45 -24.84
C ASN C 320 -0.86 -21.73 -24.85
N ILE C 321 -1.43 -22.07 -26.00
CA ILE C 321 -2.23 -23.30 -26.17
C ILE C 321 -1.78 -24.04 -27.42
N PRO C 322 -0.76 -24.90 -27.35
CA PRO C 322 -0.33 -25.63 -28.55
C PRO C 322 -1.30 -26.76 -28.92
N GLY C 328 -13.32 -16.50 -23.94
CA GLY C 328 -12.79 -15.22 -23.52
C GLY C 328 -13.86 -14.17 -23.36
N LEU C 329 -13.43 -12.94 -23.10
CA LEU C 329 -14.37 -11.84 -22.92
C LEU C 329 -14.94 -11.38 -24.26
N PHE C 330 -14.06 -10.98 -25.18
CA PHE C 330 -14.50 -10.65 -26.53
C PHE C 330 -14.99 -11.89 -27.28
N GLY C 331 -14.53 -13.06 -26.87
CA GLY C 331 -14.92 -14.30 -27.49
C GLY C 331 -13.86 -14.95 -28.33
N ALA C 332 -12.68 -14.33 -28.49
CA ALA C 332 -11.65 -14.89 -29.35
C ALA C 332 -10.84 -15.96 -28.62
N ILE C 333 -9.97 -15.55 -27.69
CA ILE C 333 -9.12 -16.49 -26.97
C ILE C 333 -9.99 -17.42 -26.13
N ALA C 334 -9.88 -18.72 -26.36
CA ALA C 334 -10.68 -19.67 -25.61
C ALA C 334 -12.12 -19.62 -26.06
N GLY C 335 -12.33 -19.02 -27.23
CA GLY C 335 -13.66 -18.89 -27.81
C GLY C 335 -13.78 -19.64 -29.14
N PHE C 336 -14.01 -18.89 -30.21
CA PHE C 336 -14.17 -19.51 -31.52
C PHE C 336 -12.89 -20.22 -31.90
N ILE C 337 -11.78 -19.55 -31.69
CA ILE C 337 -10.46 -20.12 -31.98
C ILE C 337 -10.01 -20.85 -30.71
N GLU C 338 -10.02 -22.18 -30.74
CA GLU C 338 -9.75 -22.99 -29.56
C GLU C 338 -8.35 -23.59 -29.56
N GLY C 339 -7.42 -22.99 -30.29
CA GLY C 339 -6.07 -23.52 -30.37
C GLY C 339 -5.08 -22.54 -30.97
N GLY C 340 -3.80 -22.68 -30.61
CA GLY C 340 -2.77 -21.81 -31.13
C GLY C 340 -1.92 -22.48 -32.19
N TRP C 341 -1.18 -21.63 -32.93
CA TRP C 341 -0.38 -22.07 -34.06
C TRP C 341 1.08 -22.22 -33.64
N THR C 342 1.57 -23.46 -33.62
CA THR C 342 2.99 -23.68 -33.38
C THR C 342 3.81 -23.40 -34.64
N GLY C 343 3.25 -23.70 -35.81
CA GLY C 343 3.98 -23.47 -37.05
C GLY C 343 4.26 -21.99 -37.30
N MET C 344 3.33 -21.12 -36.94
CA MET C 344 3.52 -19.69 -37.12
C MET C 344 4.46 -19.16 -36.05
N VAL C 345 5.57 -18.58 -36.49
CA VAL C 345 6.55 -18.02 -35.54
C VAL C 345 6.84 -16.53 -35.70
N ASP C 346 6.43 -15.95 -36.82
CA ASP C 346 6.79 -14.58 -37.15
C ASP C 346 6.23 -13.52 -36.20
N GLY C 347 4.99 -13.68 -35.77
CA GLY C 347 4.30 -12.65 -35.01
C GLY C 347 3.20 -13.19 -34.13
N TRP C 348 2.71 -12.37 -33.21
CA TRP C 348 1.63 -12.81 -32.33
C TRP C 348 0.36 -13.14 -33.10
N TYR C 349 -0.01 -12.31 -34.07
CA TYR C 349 -1.22 -12.49 -34.84
C TYR C 349 -0.88 -12.69 -36.31
N GLY C 350 -1.60 -13.58 -36.99
CA GLY C 350 -1.29 -13.84 -38.38
C GLY C 350 -2.37 -14.64 -39.07
N TYR C 351 -2.24 -14.72 -40.40
CA TYR C 351 -3.18 -15.43 -41.26
C TYR C 351 -2.59 -16.77 -41.71
N HIS C 352 -3.39 -17.54 -42.46
CA HIS C 352 -2.94 -18.81 -43.02
C HIS C 352 -3.74 -19.09 -44.28
N HIS C 353 -3.09 -18.97 -45.44
CA HIS C 353 -3.71 -19.18 -46.73
C HIS C 353 -3.59 -20.65 -47.16
N GLN C 354 -4.44 -21.03 -48.13
CA GLN C 354 -4.51 -22.41 -48.58
C GLN C 354 -5.04 -22.38 -50.01
N ASN C 355 -4.17 -22.62 -51.00
CA ASN C 355 -4.61 -22.61 -52.39
C ASN C 355 -3.72 -23.57 -53.20
N GLU C 356 -4.01 -23.65 -54.50
CA GLU C 356 -3.31 -24.58 -55.37
C GLU C 356 -1.82 -24.31 -55.43
N GLN C 357 -1.40 -23.05 -55.21
CA GLN C 357 0.02 -22.72 -55.30
C GLN C 357 0.78 -23.24 -54.08
N GLY C 358 0.19 -23.13 -52.90
CA GLY C 358 0.85 -23.57 -51.70
C GLY C 358 0.08 -23.17 -50.47
N SER C 359 0.71 -23.36 -49.32
CA SER C 359 0.13 -23.01 -48.03
C SER C 359 1.24 -22.54 -47.10
N GLY C 360 0.94 -21.52 -46.29
CA GLY C 360 1.91 -20.97 -45.38
C GLY C 360 1.31 -19.99 -44.41
N TYR C 361 2.06 -19.72 -43.35
CA TYR C 361 1.66 -18.78 -42.30
C TYR C 361 2.34 -17.43 -42.52
N ALA C 362 1.64 -16.37 -42.11
CA ALA C 362 2.17 -15.02 -42.24
C ALA C 362 1.51 -14.13 -41.20
N ALA C 363 2.31 -13.29 -40.55
CA ALA C 363 1.83 -12.43 -39.47
C ALA C 363 1.51 -11.03 -39.98
N ASP C 364 0.52 -10.40 -39.34
CA ASP C 364 0.12 -9.03 -39.62
C ASP C 364 0.98 -8.10 -38.77
N LEU C 365 1.96 -7.45 -39.41
CA LEU C 365 2.91 -6.63 -38.66
C LEU C 365 2.32 -5.32 -38.17
N LYS C 366 1.24 -4.82 -38.79
CA LYS C 366 0.66 -3.57 -38.31
C LYS C 366 0.04 -3.76 -36.93
N SER C 367 -0.70 -4.84 -36.71
CA SER C 367 -1.27 -5.11 -35.39
C SER C 367 -0.22 -5.60 -34.42
N THR C 368 0.76 -6.38 -34.89
CA THR C 368 1.77 -6.95 -34.01
C THR C 368 2.73 -5.87 -33.52
N GLN C 369 3.21 -5.01 -34.41
CA GLN C 369 4.15 -3.97 -34.01
C GLN C 369 3.50 -2.96 -33.09
N ASN C 370 2.25 -2.58 -33.37
CA ASN C 370 1.54 -1.66 -32.49
C ASN C 370 1.34 -2.27 -31.10
N ALA C 371 1.18 -3.60 -31.02
CA ALA C 371 1.06 -4.24 -29.73
C ALA C 371 2.40 -4.28 -29.01
N ILE C 372 3.48 -4.59 -29.73
CA ILE C 372 4.79 -4.64 -29.10
C ILE C 372 5.17 -3.26 -28.56
N ASP C 373 4.86 -2.20 -29.31
CA ASP C 373 5.18 -0.86 -28.85
C ASP C 373 4.37 -0.48 -27.61
N GLU C 374 3.09 -0.88 -27.57
CA GLU C 374 2.27 -0.58 -26.42
C GLU C 374 2.61 -1.46 -25.22
N ILE C 375 2.93 -2.73 -25.46
CA ILE C 375 3.29 -3.64 -24.38
C ILE C 375 4.62 -3.23 -23.76
N THR C 376 5.64 -3.02 -24.59
CA THR C 376 6.93 -2.56 -24.08
C THR C 376 6.79 -1.26 -23.32
N ASN C 377 6.00 -0.31 -23.85
CA ASN C 377 5.76 0.94 -23.15
C ASN C 377 5.09 0.71 -21.80
N LYS C 378 4.14 -0.24 -21.75
CA LYS C 378 3.46 -0.51 -20.48
C LYS C 378 4.36 -1.25 -19.50
N VAL C 379 5.24 -2.12 -20.00
CA VAL C 379 6.17 -2.82 -19.13
C VAL C 379 7.17 -1.84 -18.53
N ASN C 380 7.66 -0.90 -19.34
CA ASN C 380 8.57 0.11 -18.83
C ASN C 380 7.86 1.06 -17.86
N SER C 381 6.56 1.29 -18.06
CA SER C 381 5.81 2.14 -17.15
C SER C 381 5.66 1.50 -15.78
N VAL C 382 5.68 0.17 -15.70
CA VAL C 382 5.59 -0.50 -14.41
C VAL C 382 6.92 -0.44 -13.67
N ILE C 383 8.02 -0.72 -14.38
CA ILE C 383 9.33 -0.65 -13.75
C ILE C 383 9.62 0.78 -13.31
N GLU C 384 9.06 1.76 -14.02
CA GLU C 384 9.19 3.16 -13.62
C GLU C 384 8.40 3.42 -12.34
N LYS C 385 7.14 3.01 -12.30
CA LYS C 385 6.32 3.25 -11.11
C LYS C 385 6.89 2.55 -9.89
N MET C 386 7.62 1.45 -10.08
CA MET C 386 8.28 0.80 -8.96
C MET C 386 9.42 1.69 -8.45
N ASN C 387 10.48 1.83 -9.25
CA ASN C 387 11.70 2.48 -8.77
C ASN C 387 11.46 3.95 -8.42
N THR C 388 10.60 4.64 -9.16
CA THR C 388 10.43 6.08 -8.95
C THR C 388 9.76 6.36 -7.61
N GLN C 389 8.81 5.52 -7.21
CA GLN C 389 8.07 5.74 -5.97
C GLN C 389 8.06 4.45 -5.15
N PHE C 390 8.67 4.52 -3.96
CA PHE C 390 8.65 3.40 -3.02
C PHE C 390 8.11 3.84 -1.66
N ASN C 408 9.72 3.07 14.26
CA ASN C 408 10.60 2.77 13.14
C ASN C 408 10.22 1.45 12.50
N LYS C 409 9.65 0.54 13.29
CA LYS C 409 9.22 -0.76 12.77
C LYS C 409 7.87 -0.69 12.05
N LYS C 410 7.07 0.34 12.30
CA LYS C 410 5.80 0.53 11.60
C LYS C 410 5.96 1.24 10.25
N VAL C 411 7.19 1.65 9.89
CA VAL C 411 7.41 2.32 8.61
C VAL C 411 8.45 1.55 7.80
N ASP C 412 9.43 0.94 8.47
CA ASP C 412 10.40 0.12 7.76
C ASP C 412 9.80 -1.23 7.37
N ASP C 413 9.22 -1.94 8.34
CA ASP C 413 8.55 -3.21 8.09
C ASP C 413 7.09 -3.04 7.64
N GLY C 414 6.45 -1.92 8.00
CA GLY C 414 5.06 -1.73 7.62
C GLY C 414 4.88 -1.47 6.13
N PHE C 415 5.71 -0.58 5.58
CA PHE C 415 5.65 -0.30 4.14
C PHE C 415 5.96 -1.54 3.31
N LEU C 416 6.83 -2.41 3.81
CA LEU C 416 7.22 -3.60 3.05
C LEU C 416 6.03 -4.52 2.81
N ASP C 417 5.29 -4.87 3.86
CA ASP C 417 4.15 -5.78 3.70
C ASP C 417 3.06 -5.16 2.84
N ILE C 418 2.85 -3.85 2.95
CA ILE C 418 1.80 -3.19 2.18
C ILE C 418 2.23 -2.96 0.74
N TRP C 419 3.50 -2.58 0.51
CA TRP C 419 3.99 -2.42 -0.85
C TRP C 419 4.02 -3.75 -1.58
N THR C 420 4.36 -4.83 -0.88
CA THR C 420 4.33 -6.16 -1.49
C THR C 420 2.92 -6.51 -1.97
N TYR C 421 1.92 -6.25 -1.11
CA TYR C 421 0.54 -6.50 -1.49
C TYR C 421 0.09 -5.54 -2.60
N ASN C 422 0.57 -4.29 -2.54
CA ASN C 422 0.25 -3.34 -3.61
C ASN C 422 0.88 -3.75 -4.94
N ALA C 423 2.10 -4.31 -4.90
CA ALA C 423 2.73 -4.78 -6.13
C ALA C 423 2.07 -6.05 -6.64
N GLU C 424 1.76 -6.98 -5.74
CA GLU C 424 1.04 -8.19 -6.14
C GLU C 424 -0.26 -7.84 -6.83
N LEU C 425 -1.05 -6.94 -6.22
CA LEU C 425 -2.31 -6.52 -6.84
C LEU C 425 -2.09 -5.91 -8.21
N LEU C 426 -1.02 -5.12 -8.37
CA LEU C 426 -0.80 -4.43 -9.64
C LEU C 426 -0.38 -5.41 -10.73
N VAL C 427 0.45 -6.39 -10.39
CA VAL C 427 0.84 -7.39 -11.39
C VAL C 427 -0.36 -8.22 -11.80
N LEU C 428 -1.17 -8.64 -10.83
CA LEU C 428 -2.40 -9.35 -11.14
C LEU C 428 -3.31 -8.52 -12.03
N LEU C 429 -3.45 -7.24 -11.69
CA LEU C 429 -4.31 -6.35 -12.47
C LEU C 429 -3.78 -6.16 -13.88
N GLU C 430 -2.49 -5.85 -14.02
CA GLU C 430 -1.93 -5.59 -15.33
C GLU C 430 -1.87 -6.84 -16.20
N ASN C 431 -1.84 -8.02 -15.60
CA ASN C 431 -1.85 -9.25 -16.39
C ASN C 431 -3.20 -9.48 -17.05
N GLU C 432 -4.29 -9.15 -16.35
CA GLU C 432 -5.61 -9.30 -16.94
C GLU C 432 -5.82 -8.31 -18.08
N ARG C 433 -5.33 -7.07 -17.91
CA ARG C 433 -5.43 -6.08 -18.98
C ARG C 433 -4.61 -6.48 -20.20
N THR C 434 -3.53 -7.23 -20.00
CA THR C 434 -2.70 -7.65 -21.13
C THR C 434 -3.41 -8.70 -21.97
N LEU C 435 -3.90 -9.75 -21.33
CA LEU C 435 -4.55 -10.83 -22.07
C LEU C 435 -5.83 -10.38 -22.76
N ASP C 436 -6.53 -9.40 -22.18
CA ASP C 436 -7.72 -8.87 -22.83
C ASP C 436 -7.36 -7.98 -24.01
N TYR C 437 -6.21 -7.31 -23.95
CA TYR C 437 -5.74 -6.51 -25.06
C TYR C 437 -5.38 -7.39 -26.26
N HIS C 438 -4.83 -8.58 -26.01
CA HIS C 438 -4.61 -9.55 -27.09
C HIS C 438 -5.93 -10.09 -27.61
N ASP C 439 -6.83 -10.45 -26.69
CA ASP C 439 -8.14 -10.95 -27.07
C ASP C 439 -8.89 -9.95 -27.94
N SER C 440 -8.71 -8.65 -27.69
CA SER C 440 -9.36 -7.61 -28.49
C SER C 440 -8.67 -7.40 -29.84
N ASN C 441 -7.33 -7.46 -29.86
CA ASN C 441 -6.60 -7.24 -31.10
C ASN C 441 -6.96 -8.30 -32.15
N VAL C 442 -7.19 -9.54 -31.70
CA VAL C 442 -7.52 -10.61 -32.63
C VAL C 442 -8.95 -10.44 -33.12
N LYS C 443 -9.88 -10.09 -32.23
CA LYS C 443 -11.25 -9.84 -32.63
C LYS C 443 -11.31 -8.69 -33.63
N ASN C 444 -10.42 -7.70 -33.52
CA ASN C 444 -10.37 -6.62 -34.48
C ASN C 444 -9.80 -7.08 -35.81
N LEU C 445 -8.91 -8.08 -35.80
CA LEU C 445 -8.35 -8.60 -37.04
C LEU C 445 -9.37 -9.42 -37.81
N TYR C 446 -10.21 -10.16 -37.09
CA TYR C 446 -11.26 -10.93 -37.74
C TYR C 446 -12.34 -10.03 -38.31
N GLU C 447 -12.73 -8.99 -37.55
CA GLU C 447 -13.72 -8.04 -38.04
C GLU C 447 -13.20 -7.26 -39.24
N LYS C 448 -11.89 -7.09 -39.34
CA LYS C 448 -11.30 -6.43 -40.50
C LYS C 448 -11.50 -7.27 -41.75
N VAL C 449 -11.34 -8.59 -41.63
CA VAL C 449 -11.55 -9.47 -42.77
C VAL C 449 -13.03 -9.65 -43.05
N ARG C 450 -13.84 -9.78 -42.00
CA ARG C 450 -15.27 -10.01 -42.17
C ARG C 450 -15.96 -8.84 -42.88
N SER C 451 -15.57 -7.60 -42.54
CA SER C 451 -16.20 -6.44 -43.14
C SER C 451 -15.81 -6.26 -44.60
N GLN C 452 -14.71 -6.87 -45.02
CA GLN C 452 -14.26 -6.78 -46.40
C GLN C 452 -15.07 -7.70 -47.32
N LEU C 453 -15.14 -9.00 -46.97
CA LEU C 453 -15.85 -9.99 -47.77
C LEU C 453 -17.16 -10.33 -47.06
N LYS C 454 -18.21 -9.58 -47.41
CA LYS C 454 -19.51 -9.84 -46.81
C LYS C 454 -20.14 -11.11 -47.39
N ASN C 455 -20.27 -11.16 -48.72
CA ASN C 455 -20.89 -12.29 -49.39
C ASN C 455 -19.90 -13.17 -50.15
N ASN C 456 -18.65 -12.73 -50.34
CA ASN C 456 -17.69 -13.52 -51.11
C ASN C 456 -17.20 -14.75 -50.36
N ALA C 457 -17.40 -14.82 -49.05
CA ALA C 457 -16.96 -15.97 -48.27
C ALA C 457 -17.73 -16.00 -46.96
N LYS C 458 -18.10 -17.20 -46.53
CA LYS C 458 -18.87 -17.38 -45.31
C LYS C 458 -17.94 -17.66 -44.12
N GLU C 459 -18.52 -17.57 -42.92
CA GLU C 459 -17.80 -17.81 -41.69
C GLU C 459 -17.90 -19.29 -41.31
N ILE C 460 -16.74 -19.92 -41.08
CA ILE C 460 -16.72 -21.33 -40.69
C ILE C 460 -17.16 -21.49 -39.24
N GLY C 461 -16.73 -20.56 -38.38
CA GLY C 461 -16.94 -20.68 -36.95
C GLY C 461 -15.71 -21.10 -36.18
N ASN C 462 -14.64 -21.47 -36.89
CA ASN C 462 -13.37 -21.84 -36.29
C ASN C 462 -12.29 -20.81 -36.63
N GLY C 463 -12.68 -19.54 -36.73
CA GLY C 463 -11.77 -18.49 -37.12
C GLY C 463 -11.34 -18.53 -38.57
N CYS C 464 -12.04 -19.29 -39.41
CA CYS C 464 -11.70 -19.44 -40.82
C CYS C 464 -12.81 -18.91 -41.72
N PHE C 465 -12.46 -18.73 -42.99
CA PHE C 465 -13.37 -18.23 -44.02
C PHE C 465 -13.31 -19.15 -45.24
N GLU C 466 -14.47 -19.55 -45.74
CA GLU C 466 -14.57 -20.41 -46.92
C GLU C 466 -14.67 -19.54 -48.17
N PHE C 467 -13.55 -19.41 -48.90
CA PHE C 467 -13.52 -18.63 -50.13
C PHE C 467 -14.36 -19.30 -51.20
N TYR C 468 -15.46 -18.66 -51.60
CA TYR C 468 -16.27 -19.20 -52.68
C TYR C 468 -15.59 -19.02 -54.03
N HIS C 469 -15.13 -17.80 -54.32
CA HIS C 469 -14.45 -17.54 -55.58
C HIS C 469 -12.95 -17.85 -55.44
N LYS C 470 -12.29 -17.96 -56.59
CA LYS C 470 -10.86 -18.26 -56.60
C LYS C 470 -10.05 -17.07 -56.10
N CYS C 471 -9.02 -17.35 -55.31
CA CYS C 471 -8.17 -16.29 -54.78
C CYS C 471 -6.75 -16.85 -54.68
N ASP C 472 -5.87 -16.37 -55.56
CA ASP C 472 -4.48 -16.82 -55.64
C ASP C 472 -3.61 -16.09 -54.62
N ASN C 473 -2.30 -16.32 -54.68
CA ASN C 473 -1.37 -15.70 -53.75
C ASN C 473 -1.43 -14.19 -53.81
N THR C 474 -1.54 -13.62 -55.02
CA THR C 474 -1.64 -12.17 -55.14
C THR C 474 -2.97 -11.64 -54.62
N CYS C 475 -4.05 -12.43 -54.76
CA CYS C 475 -5.33 -12.04 -54.19
C CYS C 475 -5.34 -12.13 -52.67
N MET C 476 -4.66 -13.14 -52.12
CA MET C 476 -4.57 -13.25 -50.67
C MET C 476 -3.79 -12.08 -50.07
N GLU C 477 -2.79 -11.58 -50.80
CA GLU C 477 -2.01 -10.43 -50.32
C GLU C 477 -2.86 -9.16 -50.28
N SER C 478 -3.85 -9.03 -51.16
CA SER C 478 -4.71 -7.86 -51.15
C SER C 478 -5.53 -7.78 -49.86
N VAL C 479 -5.88 -8.93 -49.28
CA VAL C 479 -6.58 -8.94 -48.00
C VAL C 479 -5.62 -8.54 -46.88
N LYS C 480 -4.37 -8.99 -46.97
CA LYS C 480 -3.37 -8.58 -45.98
C LYS C 480 -3.05 -7.10 -46.10
N ASN C 481 -2.94 -6.59 -47.33
CA ASN C 481 -2.66 -5.17 -47.53
C ASN C 481 -3.77 -4.29 -46.94
N GLY C 482 -5.00 -4.75 -46.98
CA GLY C 482 -6.14 -3.97 -46.57
C GLY C 482 -6.86 -3.29 -47.70
N THR C 483 -6.86 -3.89 -48.89
CA THR C 483 -7.47 -3.32 -50.10
C THR C 483 -8.07 -4.49 -50.85
N TYR C 484 -9.36 -4.73 -50.62
CA TYR C 484 -10.07 -5.87 -51.21
C TYR C 484 -11.08 -5.37 -52.22
N ASP C 485 -11.16 -6.07 -53.34
CA ASP C 485 -12.02 -5.72 -54.46
C ASP C 485 -13.19 -6.70 -54.53
N TYR C 486 -14.24 -6.31 -55.26
CA TYR C 486 -15.48 -7.08 -55.35
C TYR C 486 -15.81 -7.32 -56.80
N PRO C 487 -15.02 -8.17 -57.50
CA PRO C 487 -15.27 -8.40 -58.92
C PRO C 487 -16.10 -9.63 -59.30
N LYS C 488 -16.33 -10.58 -58.41
CA LYS C 488 -16.94 -11.82 -58.91
C LYS C 488 -17.70 -12.56 -57.82
N TYR C 489 -18.63 -13.40 -58.28
CA TYR C 489 -19.40 -14.29 -57.41
C TYR C 489 -18.56 -15.49 -57.01
N GLN D 1 -55.35 -0.37 10.29
CA GLN D 1 -56.40 -1.08 9.58
C GLN D 1 -55.88 -2.39 8.99
N VAL D 2 -54.58 -2.44 8.72
CA VAL D 2 -53.99 -3.61 8.07
C VAL D 2 -53.49 -4.60 9.13
N GLN D 3 -54.16 -4.63 10.28
CA GLN D 3 -53.72 -5.53 11.33
C GLN D 3 -54.07 -6.96 10.96
N LEU D 4 -53.20 -7.89 11.33
CA LEU D 4 -53.42 -9.30 11.06
C LEU D 4 -53.92 -10.01 12.31
N VAL D 5 -54.57 -11.15 12.10
CA VAL D 5 -55.16 -11.92 13.19
C VAL D 5 -54.75 -13.38 13.04
N GLN D 6 -54.69 -14.09 14.17
CA GLN D 6 -54.29 -15.48 14.18
C GLN D 6 -55.16 -16.25 15.17
N SER D 7 -54.99 -17.57 15.18
CA SER D 7 -55.76 -18.45 16.05
C SER D 7 -55.45 -18.19 17.52
N GLY D 8 -56.41 -18.57 18.38
CA GLY D 8 -56.27 -18.39 19.80
C GLY D 8 -55.39 -19.45 20.45
N ALA D 9 -55.27 -19.32 21.77
CA ALA D 9 -54.45 -20.24 22.55
C ALA D 9 -54.97 -21.66 22.45
N GLU D 10 -54.04 -22.62 22.54
CA GLU D 10 -54.35 -24.04 22.44
C GLU D 10 -53.56 -24.82 23.49
N VAL D 11 -53.74 -26.13 23.51
CA VAL D 11 -53.04 -27.00 24.45
C VAL D 11 -53.01 -28.44 23.91
N LYS D 12 -51.82 -29.04 23.88
CA LYS D 12 -51.64 -30.39 23.38
C LYS D 12 -50.63 -31.13 24.25
N LYS D 13 -50.86 -32.43 24.40
CA LYS D 13 -49.98 -33.28 25.18
C LYS D 13 -48.74 -33.64 24.38
N PRO D 14 -47.67 -34.13 25.03
CA PRO D 14 -46.45 -34.51 24.30
C PRO D 14 -46.70 -35.72 23.40
N GLY D 15 -46.56 -35.51 22.09
CA GLY D 15 -46.76 -36.57 21.13
C GLY D 15 -47.70 -36.20 20.01
N ALA D 16 -48.79 -35.52 20.34
CA ALA D 16 -49.76 -35.09 19.34
C ALA D 16 -49.30 -33.81 18.64
N SER D 17 -49.64 -33.70 17.36
CA SER D 17 -49.30 -32.55 16.56
C SER D 17 -50.28 -31.40 16.81
N VAL D 18 -49.93 -30.22 16.29
CA VAL D 18 -50.73 -29.02 16.49
C VAL D 18 -50.62 -28.15 15.24
N LYS D 19 -51.70 -27.42 14.93
CA LYS D 19 -51.77 -26.54 13.77
C LYS D 19 -52.24 -25.16 14.20
N VAL D 20 -51.63 -24.12 13.61
CA VAL D 20 -51.96 -22.73 13.91
C VAL D 20 -52.09 -21.97 12.60
N SER D 21 -53.06 -21.06 12.54
CA SER D 21 -53.34 -20.25 11.36
C SER D 21 -53.06 -18.78 11.64
N CYS D 22 -52.82 -18.02 10.57
CA CYS D 22 -52.55 -16.58 10.66
C CYS D 22 -53.14 -15.88 9.43
N LYS D 23 -54.31 -15.29 9.58
CA LYS D 23 -54.97 -14.61 8.46
C LYS D 23 -54.45 -13.19 8.28
N ALA D 24 -54.42 -12.73 7.03
CA ALA D 24 -54.00 -11.37 6.68
C ALA D 24 -55.25 -10.53 6.42
N SER D 25 -55.63 -9.70 7.39
CA SER D 25 -56.78 -8.81 7.21
C SER D 25 -56.32 -7.37 7.05
N GLY D 26 -57.18 -6.56 6.42
CA GLY D 26 -56.87 -5.18 6.13
C GLY D 26 -55.96 -4.97 4.94
N TYR D 27 -55.40 -6.04 4.38
CA TYR D 27 -54.46 -5.97 3.27
C TYR D 27 -55.13 -5.43 2.00
N SER D 28 -54.44 -4.74 1.08
CA SER D 28 -52.98 -4.55 0.87
C SER D 28 -52.16 -5.82 0.86
N PHE D 29 -52.56 -6.80 0.04
CA PHE D 29 -51.89 -8.09 0.00
C PHE D 29 -51.22 -8.17 -1.37
N SER D 30 -49.99 -7.66 -1.47
CA SER D 30 -49.19 -7.78 -2.67
C SER D 30 -48.46 -9.09 -2.75
N SER D 31 -48.87 -10.07 -1.95
CA SER D 31 -48.21 -11.37 -1.85
C SER D 31 -46.73 -11.18 -1.56
N TYR D 32 -46.40 -10.93 -0.30
CA TYR D 32 -45.02 -10.83 0.15
C TYR D 32 -44.82 -11.64 1.43
N GLY D 33 -43.56 -11.93 1.76
CA GLY D 33 -43.21 -13.01 2.65
C GLY D 33 -43.74 -12.96 4.08
N ILE D 34 -44.02 -14.15 4.61
CA ILE D 34 -44.51 -14.31 5.97
C ILE D 34 -43.57 -15.20 6.79
N SER D 35 -43.41 -14.85 8.06
CA SER D 35 -42.44 -15.53 8.90
C SER D 35 -43.07 -15.91 10.24
N TRP D 36 -42.39 -16.81 10.94
CA TRP D 36 -42.85 -17.34 12.22
C TRP D 36 -41.71 -17.36 13.22
N VAL D 37 -42.01 -16.95 14.46
CA VAL D 37 -41.02 -16.91 15.54
C VAL D 37 -41.68 -17.40 16.82
N ARG D 38 -40.87 -18.03 17.68
CA ARG D 38 -41.31 -18.55 18.97
C ARG D 38 -40.63 -17.81 20.11
N GLN D 39 -41.27 -17.85 21.28
CA GLN D 39 -40.73 -17.19 22.48
C GLN D 39 -41.22 -17.95 23.71
N ALA D 40 -40.32 -18.71 24.37
CA ALA D 40 -40.67 -19.42 25.59
C ALA D 40 -40.34 -18.58 26.82
N PRO D 41 -41.19 -18.62 27.84
CA PRO D 41 -40.91 -17.84 29.06
C PRO D 41 -39.67 -18.37 29.76
N GLY D 42 -38.72 -17.45 30.03
CA GLY D 42 -37.46 -17.78 30.63
C GLY D 42 -36.30 -17.82 29.65
N GLN D 43 -36.58 -17.96 28.37
CA GLN D 43 -35.55 -17.99 27.32
C GLN D 43 -35.61 -16.67 26.54
N GLY D 44 -35.55 -16.75 25.21
CA GLY D 44 -35.60 -15.58 24.36
C GLY D 44 -36.38 -15.89 23.09
N LEU D 45 -35.80 -15.61 21.92
CA LEU D 45 -36.49 -15.84 20.66
C LEU D 45 -35.55 -16.52 19.67
N GLU D 46 -36.15 -17.34 18.79
CA GLU D 46 -35.41 -18.04 17.75
C GLU D 46 -36.31 -18.24 16.54
N TRP D 47 -35.74 -18.04 15.35
CA TRP D 47 -36.49 -18.18 14.12
C TRP D 47 -36.90 -19.63 13.89
N MET D 48 -38.13 -19.81 13.37
CA MET D 48 -38.66 -21.13 13.07
C MET D 48 -38.64 -21.42 11.56
N GLY D 49 -39.25 -20.56 10.77
CA GLY D 49 -39.29 -20.78 9.34
C GLY D 49 -39.76 -19.54 8.61
N TRP D 50 -39.95 -19.70 7.30
CA TRP D 50 -40.41 -18.59 6.47
C TRP D 50 -41.07 -19.17 5.23
N ILE D 51 -41.99 -18.40 4.66
CA ILE D 51 -42.77 -18.82 3.50
C ILE D 51 -43.18 -17.57 2.73
N SER D 52 -43.39 -17.72 1.43
CA SER D 52 -43.77 -16.61 0.56
C SER D 52 -44.90 -17.00 -0.38
N ALA D 53 -45.74 -16.01 -0.71
CA ALA D 53 -46.80 -16.22 -1.68
C ALA D 53 -46.33 -15.92 -3.09
N TYR D 54 -45.30 -15.08 -3.21
CA TYR D 54 -44.67 -14.83 -4.51
C TYR D 54 -43.81 -16.02 -4.91
N ASN D 55 -42.96 -16.48 -4.01
CA ASN D 55 -42.04 -17.59 -4.28
C ASN D 55 -42.55 -18.84 -3.58
N GLY D 56 -42.64 -19.94 -4.32
CA GLY D 56 -43.03 -21.19 -3.70
C GLY D 56 -41.98 -21.77 -2.78
N ASN D 57 -40.71 -21.43 -3.01
CA ASN D 57 -39.62 -21.92 -2.18
C ASN D 57 -39.66 -21.31 -0.77
N THR D 58 -39.46 -22.17 0.23
CA THR D 58 -39.50 -21.77 1.64
C THR D 58 -38.15 -22.05 2.31
N ASN D 59 -38.00 -21.53 3.53
CA ASN D 59 -36.79 -21.71 4.31
C ASN D 59 -37.16 -22.12 5.74
N TYR D 60 -36.44 -23.11 6.27
CA TYR D 60 -36.68 -23.64 7.61
C TYR D 60 -35.41 -23.53 8.45
N ALA D 61 -35.56 -23.76 9.75
CA ALA D 61 -34.45 -23.76 10.70
C ALA D 61 -33.84 -25.16 10.74
N GLN D 62 -32.55 -25.25 10.43
CA GLN D 62 -31.85 -26.54 10.37
C GLN D 62 -32.15 -27.44 11.57
N LYS D 63 -32.25 -26.86 12.77
CA LYS D 63 -32.45 -27.66 13.96
C LYS D 63 -33.84 -28.30 13.99
N LEU D 64 -34.84 -27.54 13.57
CA LEU D 64 -36.21 -28.00 13.60
C LEU D 64 -36.73 -28.26 12.20
N GLN D 65 -35.79 -28.36 11.26
CA GLN D 65 -36.10 -28.45 9.84
C GLN D 65 -36.92 -29.68 9.51
N GLY D 66 -36.59 -30.81 10.11
CA GLY D 66 -37.29 -32.05 9.83
C GLY D 66 -38.76 -32.02 10.20
N ARG D 67 -39.08 -31.45 11.36
CA ARG D 67 -40.43 -31.52 11.88
C ARG D 67 -41.35 -30.45 11.30
N VAL D 68 -40.88 -29.20 11.23
CA VAL D 68 -41.72 -28.09 10.80
C VAL D 68 -42.12 -28.24 9.32
N THR D 69 -43.21 -27.57 8.95
CA THR D 69 -43.74 -27.57 7.59
C THR D 69 -44.55 -26.30 7.40
N MET D 70 -44.45 -25.71 6.21
CA MET D 70 -45.17 -24.46 5.94
C MET D 70 -46.04 -24.55 4.69
N THR D 71 -47.20 -23.93 4.78
CA THR D 71 -48.22 -23.93 3.72
C THR D 71 -48.97 -22.61 3.75
N THR D 72 -49.58 -22.25 2.62
CA THR D 72 -50.33 -21.00 2.52
C THR D 72 -51.35 -21.08 1.40
N ASP D 73 -52.31 -20.15 1.43
CA ASP D 73 -53.39 -20.06 0.45
C ASP D 73 -53.55 -18.61 0.01
N THR D 74 -53.62 -18.40 -1.31
CA THR D 74 -53.77 -17.04 -1.83
C THR D 74 -55.20 -16.55 -1.76
N SER D 75 -56.18 -17.42 -2.04
CA SER D 75 -57.59 -17.03 -2.02
C SER D 75 -58.00 -16.54 -0.64
N THR D 76 -57.86 -17.39 0.36
CA THR D 76 -58.23 -17.01 1.72
C THR D 76 -57.21 -16.07 2.36
N SER D 77 -56.01 -15.95 1.78
CA SER D 77 -54.95 -15.09 2.29
C SER D 77 -54.59 -15.46 3.73
N THR D 78 -54.22 -16.72 3.91
CA THR D 78 -53.92 -17.26 5.23
C THR D 78 -52.72 -18.19 5.15
N ALA D 79 -51.89 -18.17 6.20
CA ALA D 79 -50.70 -19.01 6.30
C ALA D 79 -50.85 -19.99 7.45
N TYR D 80 -50.38 -21.22 7.24
CA TYR D 80 -50.49 -22.28 8.22
C TYR D 80 -49.12 -22.77 8.68
N MET D 81 -49.07 -23.27 9.91
CA MET D 81 -47.84 -23.79 10.51
C MET D 81 -48.19 -25.06 11.29
N GLU D 82 -47.28 -26.05 11.25
CA GLU D 82 -47.54 -27.32 11.93
C GLU D 82 -46.24 -27.90 12.47
N LEU D 83 -46.35 -28.56 13.62
CA LEU D 83 -45.23 -29.23 14.29
C LEU D 83 -45.58 -30.69 14.53
N ARG D 84 -44.54 -31.53 14.56
CA ARG D 84 -44.74 -32.98 14.73
C ARG D 84 -44.73 -33.38 16.20
N SER D 85 -43.55 -33.49 16.81
CA SER D 85 -43.42 -33.93 18.19
C SER D 85 -43.39 -32.73 19.14
N LEU D 86 -43.87 -32.97 20.36
CA LEU D 86 -43.93 -31.93 21.39
C LEU D 86 -43.19 -32.38 22.63
N ARG D 87 -42.77 -31.39 23.43
CA ARG D 87 -42.07 -31.66 24.69
C ARG D 87 -42.23 -30.43 25.59
N SER D 88 -41.69 -30.53 26.81
CA SER D 88 -41.87 -29.46 27.78
C SER D 88 -41.11 -28.20 27.39
N ASP D 89 -39.86 -28.32 26.92
CA ASP D 89 -39.06 -27.14 26.59
C ASP D 89 -39.27 -26.63 25.18
N ASP D 90 -40.01 -27.36 24.34
CA ASP D 90 -40.37 -26.91 23.00
C ASP D 90 -41.62 -26.06 22.99
N THR D 91 -42.35 -26.07 24.10
CA THR D 91 -43.56 -25.29 24.24
C THR D 91 -43.22 -23.81 24.38
N ALA D 92 -43.88 -22.96 23.59
CA ALA D 92 -43.59 -21.54 23.58
C ALA D 92 -44.72 -20.80 22.88
N VAL D 93 -44.72 -19.47 23.04
CA VAL D 93 -45.72 -18.60 22.43
C VAL D 93 -45.28 -18.26 21.00
N PHE D 94 -46.10 -18.64 20.03
CA PHE D 94 -45.79 -18.48 18.62
C PHE D 94 -46.43 -17.23 18.01
N TYR D 95 -45.62 -16.43 17.35
CA TYR D 95 -46.04 -15.20 16.69
C TYR D 95 -45.85 -15.32 15.18
N CYS D 96 -46.61 -14.51 14.42
CA CYS D 96 -46.51 -14.48 12.97
C CYS D 96 -46.56 -13.05 12.47
N ALA D 97 -45.68 -12.71 11.52
CA ALA D 97 -45.60 -11.37 10.97
C ALA D 97 -45.10 -11.42 9.53
N ARG D 98 -45.28 -10.29 8.82
CA ARG D 98 -44.83 -10.19 7.44
C ARG D 98 -43.31 -10.06 7.39
N ASP D 99 -42.73 -10.40 6.24
CA ASP D 99 -41.28 -10.34 6.14
C ASP D 99 -40.82 -9.68 4.85
N ARG D 100 -40.99 -10.36 3.71
CA ARG D 100 -40.46 -9.83 2.45
C ARG D 100 -41.06 -10.52 1.22
N PRO D 101 -41.11 -9.85 0.08
CA PRO D 101 -41.61 -10.52 -1.13
C PRO D 101 -40.56 -11.44 -1.74
N HIS D 102 -39.52 -10.85 -2.31
CA HIS D 102 -38.44 -11.59 -2.95
C HIS D 102 -37.35 -11.92 -1.94
N ILE D 103 -36.53 -12.92 -2.29
CA ILE D 103 -35.39 -13.26 -1.45
C ILE D 103 -34.32 -12.19 -1.53
N LEU D 104 -34.20 -11.53 -2.68
CA LEU D 104 -33.12 -10.58 -2.90
C LEU D 104 -33.36 -9.24 -2.22
N THR D 105 -34.59 -8.93 -1.85
CA THR D 105 -34.90 -7.63 -1.27
C THR D 105 -34.75 -7.66 0.25
N GLY D 106 -34.89 -6.49 0.86
CA GLY D 106 -34.70 -6.36 2.29
C GLY D 106 -35.84 -6.96 3.09
N PHE D 107 -35.64 -7.00 4.40
CA PHE D 107 -36.58 -7.61 5.34
C PHE D 107 -37.13 -6.54 6.27
N ASP D 108 -38.36 -6.74 6.73
CA ASP D 108 -39.00 -5.77 7.62
C ASP D 108 -40.22 -6.41 8.27
N PHE D 109 -40.38 -6.15 9.57
CA PHE D 109 -41.54 -6.62 10.31
C PHE D 109 -42.46 -5.45 10.65
N ASP D 110 -43.03 -4.81 9.62
CA ASP D 110 -43.84 -3.62 9.84
C ASP D 110 -45.02 -3.92 10.76
N TYR D 111 -45.78 -4.97 10.47
CA TYR D 111 -46.91 -5.38 11.29
C TYR D 111 -46.65 -6.74 11.91
N TRP D 112 -47.14 -6.92 13.13
CA TRP D 112 -46.90 -8.10 13.93
C TRP D 112 -48.22 -8.80 14.25
N GLY D 113 -48.12 -10.02 14.78
CA GLY D 113 -49.28 -10.81 15.14
C GLY D 113 -49.72 -10.58 16.56
N GLN D 114 -50.66 -11.43 17.00
CA GLN D 114 -51.18 -11.35 18.35
C GLN D 114 -50.41 -12.25 19.30
N GLY D 115 -50.15 -13.49 18.91
CA GLY D 115 -49.41 -14.41 19.74
C GLY D 115 -50.21 -15.61 20.18
N THR D 116 -50.08 -16.71 19.45
CA THR D 116 -50.78 -17.95 19.79
C THR D 116 -50.03 -18.66 20.90
N LEU D 117 -50.59 -18.60 22.12
CA LEU D 117 -49.96 -19.22 23.29
C LEU D 117 -50.38 -20.68 23.35
N VAL D 118 -49.46 -21.57 22.99
CA VAL D 118 -49.70 -23.02 22.98
C VAL D 118 -48.91 -23.65 24.12
N THR D 119 -49.53 -24.56 24.85
CA THR D 119 -48.87 -25.25 25.94
C THR D 119 -48.68 -26.74 25.62
N SER D 124 -56.34 -30.75 32.08
CA SER D 124 -55.77 -29.69 31.27
C SER D 124 -56.87 -28.80 30.70
N THR D 125 -57.83 -28.43 31.53
CA THR D 125 -58.91 -27.55 31.14
C THR D 125 -59.86 -27.39 32.31
N LYS D 126 -60.35 -26.18 32.47
CA LYS D 126 -61.36 -25.91 33.46
C LYS D 126 -61.81 -24.50 33.21
N GLY D 127 -62.91 -24.15 33.81
CA GLY D 127 -63.28 -22.77 34.00
C GLY D 127 -63.00 -22.27 35.40
N PRO D 128 -62.78 -20.97 35.54
CA PRO D 128 -62.48 -20.40 36.86
C PRO D 128 -63.73 -20.12 37.68
N SER D 129 -63.56 -20.19 39.00
CA SER D 129 -64.54 -19.66 39.93
C SER D 129 -64.15 -18.23 40.29
N VAL D 130 -65.03 -17.28 40.02
CA VAL D 130 -64.75 -15.86 40.19
C VAL D 130 -65.38 -15.39 41.48
N PHE D 131 -64.55 -14.98 42.44
CA PHE D 131 -65.03 -14.52 43.73
C PHE D 131 -64.80 -13.03 43.92
N PRO D 132 -65.78 -12.32 44.44
CA PRO D 132 -65.63 -10.87 44.62
C PRO D 132 -64.67 -10.53 45.76
N LEU D 133 -63.78 -9.58 45.49
CA LEU D 133 -62.95 -8.95 46.51
C LEU D 133 -63.59 -7.60 46.82
N ALA D 134 -64.36 -7.54 47.93
CA ALA D 134 -65.26 -6.41 48.11
C ALA D 134 -64.67 -5.36 49.04
N PRO D 135 -64.91 -4.08 48.76
CA PRO D 135 -64.31 -3.08 49.64
C PRO D 135 -65.35 -2.44 50.56
N SER D 136 -65.18 -2.69 51.86
CA SER D 136 -65.99 -2.05 52.87
C SER D 136 -65.05 -1.40 53.88
N SER D 137 -64.45 -2.21 54.75
CA SER D 137 -63.46 -1.70 55.69
C SER D 137 -64.10 -0.56 56.43
N LYS D 138 -63.42 0.58 56.44
CA LYS D 138 -64.11 1.84 56.68
C LYS D 138 -64.03 2.48 55.32
N SER D 139 -64.77 1.87 54.38
CA SER D 139 -64.84 2.31 52.99
C SER D 139 -63.48 2.36 52.32
N THR D 140 -62.60 1.41 52.64
CA THR D 140 -61.27 1.36 52.05
C THR D 140 -60.36 2.46 52.59
N SER D 141 -60.80 3.70 52.44
CA SER D 141 -60.10 4.88 52.93
C SER D 141 -61.03 6.02 52.54
N GLY D 142 -60.86 7.18 53.15
CA GLY D 142 -61.77 8.28 52.89
C GLY D 142 -61.77 8.72 51.44
N GLY D 143 -60.59 8.76 50.83
CA GLY D 143 -60.44 9.21 49.46
C GLY D 143 -60.26 8.16 48.38
N THR D 144 -60.37 6.87 48.70
CA THR D 144 -60.03 5.87 47.70
C THR D 144 -60.45 4.49 48.20
N ALA D 145 -61.14 3.74 47.33
CA ALA D 145 -61.63 2.40 47.65
C ALA D 145 -60.98 1.38 46.72
N ALA D 146 -60.83 0.16 47.22
CA ALA D 146 -60.21 -0.91 46.45
C ALA D 146 -61.16 -2.10 46.40
N LEU D 147 -61.17 -2.77 45.24
CA LEU D 147 -62.07 -3.90 45.02
C LEU D 147 -61.50 -4.72 43.86
N GLY D 148 -61.96 -5.95 43.75
CA GLY D 148 -61.48 -6.79 42.68
C GLY D 148 -62.19 -8.11 42.58
N CYS D 149 -61.63 -9.00 41.76
CA CYS D 149 -62.13 -10.35 41.58
C CYS D 149 -61.02 -11.35 41.80
N LEU D 150 -61.38 -12.49 42.40
CA LEU D 150 -60.46 -13.61 42.62
C LEU D 150 -60.83 -14.70 41.61
N VAL D 151 -60.04 -14.79 40.55
CA VAL D 151 -60.27 -15.76 39.48
C VAL D 151 -59.45 -17.00 39.81
N LYS D 152 -60.10 -18.02 40.38
CA LYS D 152 -59.42 -19.13 41.00
C LYS D 152 -59.67 -20.45 40.28
N ASP D 153 -58.66 -21.32 40.34
CA ASP D 153 -58.77 -22.73 39.94
C ASP D 153 -59.23 -22.91 38.49
N TYR D 154 -58.49 -22.29 37.57
CA TYR D 154 -58.72 -22.50 36.15
C TYR D 154 -57.51 -23.18 35.51
N PHE D 155 -57.74 -23.71 34.31
CA PHE D 155 -56.70 -24.43 33.57
C PHE D 155 -57.20 -24.75 32.16
N PRO D 156 -56.36 -24.60 31.16
CA PRO D 156 -55.07 -23.89 31.26
C PRO D 156 -55.24 -22.40 30.95
N GLU D 157 -54.15 -21.64 31.04
CA GLU D 157 -54.13 -20.22 30.68
C GLU D 157 -54.31 -20.09 29.17
N PRO D 158 -54.74 -18.87 28.62
CA PRO D 158 -54.72 -17.70 29.50
C PRO D 158 -56.11 -17.09 29.69
N VAL D 159 -56.29 -16.28 30.74
CA VAL D 159 -57.62 -15.77 31.05
C VAL D 159 -57.59 -14.28 30.84
N THR D 160 -58.74 -13.74 30.40
CA THR D 160 -58.98 -12.32 30.22
C THR D 160 -59.75 -11.75 31.41
N VAL D 161 -59.48 -10.49 31.74
CA VAL D 161 -60.31 -9.79 32.71
C VAL D 161 -60.32 -8.29 32.46
N SER D 162 -61.47 -7.78 32.02
CA SER D 162 -61.72 -6.35 31.91
C SER D 162 -62.77 -5.95 32.94
N TRP D 163 -62.94 -4.63 33.09
CA TRP D 163 -63.86 -4.08 34.08
C TRP D 163 -64.92 -3.24 33.40
N ASN D 164 -66.19 -3.47 33.79
CA ASN D 164 -67.36 -2.87 33.16
C ASN D 164 -67.26 -2.93 31.65
N SER D 165 -66.74 -4.04 31.12
CA SER D 165 -66.60 -4.27 29.69
C SER D 165 -65.79 -3.16 29.02
N GLY D 166 -64.60 -2.89 29.57
CA GLY D 166 -63.69 -1.94 28.99
C GLY D 166 -63.87 -0.50 29.43
N ALA D 167 -65.05 -0.15 29.94
CA ALA D 167 -65.32 1.22 30.37
C ALA D 167 -64.31 1.67 31.43
N LEU D 168 -63.99 0.79 32.37
CA LEU D 168 -63.07 1.12 33.46
C LEU D 168 -61.71 0.47 33.19
N THR D 169 -60.70 1.30 32.99
CA THR D 169 -59.32 0.89 32.78
C THR D 169 -58.34 1.64 33.66
N SER D 170 -58.54 2.94 33.85
CA SER D 170 -57.69 3.73 34.73
C SER D 170 -57.74 3.19 36.15
N GLY D 171 -56.57 2.90 36.71
CA GLY D 171 -56.45 2.40 38.06
C GLY D 171 -56.53 0.89 38.21
N VAL D 172 -56.62 0.17 37.11
CA VAL D 172 -56.79 -1.28 37.15
C VAL D 172 -55.42 -1.96 37.18
N HIS D 173 -55.27 -2.93 38.06
CA HIS D 173 -54.07 -3.77 38.12
C HIS D 173 -54.51 -5.23 38.03
N THR D 174 -54.11 -5.90 36.96
CA THR D 174 -54.34 -7.34 36.80
C THR D 174 -53.02 -8.07 36.99
N PHE D 175 -52.97 -8.94 38.00
CA PHE D 175 -51.73 -9.55 38.42
C PHE D 175 -51.38 -10.78 37.59
N PRO D 176 -50.11 -11.13 37.53
CA PRO D 176 -49.71 -12.35 36.81
C PRO D 176 -50.39 -13.57 37.40
N ALA D 177 -50.76 -14.49 36.53
CA ALA D 177 -51.33 -15.74 36.99
C ALA D 177 -50.28 -16.51 37.79
N VAL D 178 -50.74 -17.34 38.73
CA VAL D 178 -49.85 -18.11 39.58
C VAL D 178 -50.33 -19.56 39.59
N LEU D 179 -49.39 -20.49 39.51
CA LEU D 179 -49.69 -21.91 39.54
C LEU D 179 -49.79 -22.36 40.99
N GLN D 180 -50.72 -23.27 41.25
CA GLN D 180 -50.93 -23.80 42.59
C GLN D 180 -50.55 -25.28 42.63
N SER D 181 -50.35 -25.79 43.86
CA SER D 181 -50.02 -27.20 44.04
C SER D 181 -51.06 -28.11 43.39
N SER D 182 -52.32 -27.64 43.32
CA SER D 182 -53.37 -28.41 42.65
C SER D 182 -53.09 -28.62 41.17
N GLY D 183 -52.20 -27.82 40.58
CA GLY D 183 -52.01 -27.81 39.15
C GLY D 183 -52.85 -26.79 38.42
N LEU D 184 -53.76 -26.12 39.12
CA LEU D 184 -54.65 -25.12 38.57
C LEU D 184 -54.07 -23.73 38.81
N TYR D 185 -54.43 -22.79 37.95
CA TYR D 185 -53.90 -21.44 38.06
C TYR D 185 -54.85 -20.53 38.83
N SER D 186 -54.29 -19.46 39.38
CA SER D 186 -55.04 -18.48 40.14
C SER D 186 -54.58 -17.09 39.75
N LEU D 187 -55.49 -16.13 39.83
CA LEU D 187 -55.22 -14.76 39.38
C LEU D 187 -56.12 -13.80 40.14
N SER D 188 -55.59 -12.60 40.37
CA SER D 188 -56.34 -11.53 41.02
C SER D 188 -56.31 -10.29 40.14
N SER D 189 -57.40 -9.53 40.20
CA SER D 189 -57.53 -8.28 39.45
C SER D 189 -58.24 -7.26 40.33
N VAL D 190 -57.58 -6.12 40.58
CA VAL D 190 -58.12 -5.10 41.48
C VAL D 190 -58.20 -3.77 40.75
N VAL D 191 -58.97 -2.85 41.32
CA VAL D 191 -59.06 -1.48 40.83
C VAL D 191 -59.38 -0.58 42.02
N THR D 192 -58.85 0.65 41.97
CA THR D 192 -59.18 1.68 42.95
C THR D 192 -60.21 2.63 42.37
N VAL D 193 -61.13 3.10 43.22
CA VAL D 193 -62.28 3.88 42.80
C VAL D 193 -62.62 4.90 43.88
N PRO D 194 -63.39 5.95 43.59
CA PRO D 194 -63.82 6.87 44.65
C PRO D 194 -64.73 6.15 45.63
N SER D 195 -64.33 6.17 46.91
CA SER D 195 -65.11 5.51 47.95
C SER D 195 -66.52 6.07 48.05
N SER D 196 -66.75 7.30 47.58
CA SER D 196 -68.08 7.90 47.62
C SER D 196 -69.01 7.30 46.56
N SER D 197 -68.44 6.81 45.45
CA SER D 197 -69.25 6.29 44.35
C SER D 197 -69.69 4.84 44.56
N LEU D 198 -69.23 4.18 45.61
CA LEU D 198 -69.56 2.77 45.84
C LEU D 198 -71.07 2.54 45.83
N GLY D 199 -71.83 3.39 46.52
CA GLY D 199 -73.27 3.19 46.63
C GLY D 199 -74.03 3.46 45.34
N THR D 200 -73.42 4.17 44.39
CA THR D 200 -74.10 4.56 43.16
C THR D 200 -73.48 3.98 41.90
N GLN D 201 -72.28 3.40 41.97
CA GLN D 201 -71.56 2.93 40.80
C GLN D 201 -71.44 1.41 40.85
N THR D 202 -72.01 0.74 39.86
CA THR D 202 -71.89 -0.71 39.74
C THR D 202 -70.54 -1.08 39.16
N TYR D 203 -69.88 -2.07 39.76
CA TYR D 203 -68.58 -2.55 39.28
C TYR D 203 -68.69 -4.04 38.94
N ILE D 204 -68.41 -4.36 37.68
CA ILE D 204 -68.49 -5.71 37.14
C ILE D 204 -67.13 -6.06 36.58
N CYS D 205 -66.68 -7.31 36.81
CA CYS D 205 -65.47 -7.81 36.19
C CYS D 205 -65.82 -8.93 35.21
N ASN D 206 -65.16 -8.91 34.05
CA ASN D 206 -65.51 -9.76 32.92
C ASN D 206 -64.37 -10.74 32.68
N VAL D 207 -64.60 -12.00 33.03
CA VAL D 207 -63.58 -13.04 33.00
C VAL D 207 -63.87 -13.96 31.82
N ASN D 208 -62.91 -14.10 30.92
CA ASN D 208 -63.01 -14.97 29.75
C ASN D 208 -61.87 -15.98 29.77
N HIS D 209 -62.22 -17.26 29.92
CA HIS D 209 -61.29 -18.37 29.81
C HIS D 209 -61.62 -19.13 28.52
N LYS D 210 -60.97 -18.73 27.43
CA LYS D 210 -61.27 -19.34 26.14
C LYS D 210 -61.00 -20.85 26.05
N PRO D 211 -60.02 -21.45 26.76
CA PRO D 211 -59.85 -22.91 26.64
C PRO D 211 -61.09 -23.71 27.02
N SER D 212 -61.92 -23.20 27.93
CA SER D 212 -63.18 -23.84 28.29
C SER D 212 -64.39 -23.05 27.80
N ASN D 213 -64.16 -22.11 26.87
CA ASN D 213 -65.16 -21.16 26.39
C ASN D 213 -66.12 -20.74 27.49
N THR D 214 -65.60 -20.02 28.50
CA THR D 214 -66.34 -19.68 29.70
C THR D 214 -66.38 -18.17 29.86
N LYS D 215 -67.57 -17.64 30.14
CA LYS D 215 -67.77 -16.21 30.38
C LYS D 215 -68.43 -16.04 31.75
N VAL D 216 -67.76 -15.29 32.63
CA VAL D 216 -68.29 -14.98 33.95
C VAL D 216 -68.20 -13.48 34.16
N ASP D 217 -69.33 -12.86 34.50
CA ASP D 217 -69.41 -11.45 34.85
C ASP D 217 -69.88 -11.35 36.30
N LYS D 218 -68.95 -11.03 37.20
CA LYS D 218 -69.23 -10.99 38.63
C LYS D 218 -69.36 -9.53 39.09
N LYS D 219 -70.53 -9.19 39.63
CA LYS D 219 -70.73 -7.88 40.24
C LYS D 219 -70.07 -7.86 41.62
N VAL D 220 -69.17 -6.91 41.84
CA VAL D 220 -68.53 -6.72 43.14
C VAL D 220 -69.22 -5.55 43.83
N GLU D 221 -70.03 -5.86 44.83
CA GLU D 221 -70.70 -4.83 45.62
C GLU D 221 -70.13 -4.78 47.03
N PRO D 222 -70.27 -3.64 47.72
CA PRO D 222 -69.62 -3.47 49.03
C PRO D 222 -70.17 -4.36 50.14
N LYS D 223 -69.98 -3.93 51.39
CA LYS D 223 -70.48 -4.63 52.58
C LYS D 223 -71.41 -3.69 53.33
N SER D 224 -72.65 -3.61 52.88
CA SER D 224 -73.68 -2.83 53.57
C SER D 224 -74.14 -3.64 54.77
N CYS D 225 -73.43 -3.48 55.89
CA CYS D 225 -73.72 -4.24 57.09
C CYS D 225 -74.78 -3.52 57.94
N ASP E 1 -43.07 -25.41 -27.58
CA ASP E 1 -42.57 -25.10 -26.24
C ASP E 1 -41.11 -24.65 -26.30
N THR E 2 -40.77 -23.66 -25.48
CA THR E 2 -39.42 -23.11 -25.44
C THR E 2 -39.09 -22.71 -24.01
N LEU E 3 -37.86 -23.04 -23.59
CA LEU E 3 -37.35 -22.68 -22.27
C LEU E 3 -36.05 -21.91 -22.43
N CYS E 4 -35.94 -20.78 -21.74
CA CYS E 4 -34.78 -19.91 -21.84
C CYS E 4 -34.25 -19.58 -20.44
N ILE E 5 -33.00 -19.10 -20.41
CA ILE E 5 -32.31 -18.72 -19.18
C ILE E 5 -31.89 -17.27 -19.29
N GLY E 6 -31.86 -16.57 -18.15
CA GLY E 6 -31.45 -15.17 -18.17
C GLY E 6 -31.07 -14.65 -16.80
N TYR E 7 -30.52 -13.43 -16.81
CA TYR E 7 -30.12 -12.73 -15.60
C TYR E 7 -31.13 -11.64 -15.24
N HIS E 8 -30.91 -11.04 -14.06
CA HIS E 8 -31.81 -10.04 -13.50
C HIS E 8 -31.57 -8.67 -14.13
N ALA E 9 -32.62 -7.86 -14.16
CA ALA E 9 -32.55 -6.49 -14.67
C ALA E 9 -33.27 -5.56 -13.71
N ASN E 10 -32.82 -4.31 -13.66
CA ASN E 10 -33.37 -3.36 -12.71
C ASN E 10 -33.19 -1.95 -13.24
N ASN E 11 -33.90 -1.01 -12.62
CA ASN E 11 -33.86 0.40 -13.00
C ASN E 11 -32.76 1.17 -12.27
N SER E 12 -31.79 0.46 -11.69
CA SER E 12 -30.74 1.13 -10.93
C SER E 12 -29.76 1.80 -11.87
N THR E 13 -29.25 2.96 -11.44
CA THR E 13 -28.28 3.74 -12.21
C THR E 13 -26.93 3.80 -11.52
N ASP E 14 -26.62 2.79 -10.71
CA ASP E 14 -25.34 2.74 -10.00
C ASP E 14 -24.25 2.23 -10.93
N THR E 15 -23.13 2.95 -10.98
CA THR E 15 -22.00 2.60 -11.83
C THR E 15 -20.80 2.21 -10.98
N VAL E 16 -20.09 1.17 -11.41
CA VAL E 16 -18.88 0.71 -10.73
C VAL E 16 -17.76 0.60 -11.75
N ASP E 17 -16.53 0.63 -11.26
CA ASP E 17 -15.36 0.52 -12.09
C ASP E 17 -14.73 -0.85 -11.90
N THR E 18 -14.34 -1.48 -13.01
CA THR E 18 -13.69 -2.79 -12.99
C THR E 18 -12.25 -2.67 -13.48
N VAL E 19 -11.59 -3.82 -13.65
CA VAL E 19 -10.21 -3.83 -14.12
C VAL E 19 -10.14 -3.47 -15.60
N LEU E 20 -10.99 -4.12 -16.41
CA LEU E 20 -10.92 -3.92 -17.85
C LEU E 20 -11.73 -2.69 -18.28
N GLU E 21 -12.96 -2.58 -17.82
CA GLU E 21 -13.84 -1.47 -18.17
C GLU E 21 -14.04 -0.55 -16.97
N LYS E 22 -14.60 0.62 -17.24
CA LYS E 22 -14.90 1.61 -16.22
C LYS E 22 -16.28 2.19 -16.46
N ASN E 23 -16.89 2.71 -15.39
CA ASN E 23 -18.23 3.31 -15.45
C ASN E 23 -19.27 2.26 -15.86
N VAL E 24 -19.11 1.04 -15.36
CA VAL E 24 -20.00 -0.07 -15.70
C VAL E 24 -21.23 -0.02 -14.82
N THR E 25 -22.41 -0.05 -15.44
CA THR E 25 -23.67 -0.09 -14.71
C THR E 25 -23.98 -1.50 -14.23
N VAL E 26 -24.45 -1.61 -12.99
CA VAL E 26 -24.77 -2.90 -12.39
C VAL E 26 -26.12 -2.79 -11.70
N THR E 27 -26.72 -3.95 -11.45
CA THR E 27 -28.05 -4.00 -10.84
C THR E 27 -28.00 -3.72 -9.36
N HIS E 28 -26.99 -4.25 -8.65
CA HIS E 28 -26.84 -4.06 -7.22
C HIS E 28 -25.39 -3.78 -6.88
N SER E 29 -25.17 -2.86 -5.94
CA SER E 29 -23.81 -2.50 -5.55
C SER E 29 -23.85 -1.76 -4.22
N VAL E 30 -22.73 -1.84 -3.51
CA VAL E 30 -22.54 -1.11 -2.26
C VAL E 30 -21.42 -0.09 -2.46
N ASN E 31 -21.69 1.14 -2.02
CA ASN E 31 -20.70 2.19 -1.98
C ASN E 31 -19.72 2.01 -0.81
N LEU E 32 -18.49 2.49 -0.98
CA LEU E 32 -17.51 2.47 0.09
C LEU E 32 -17.01 3.87 0.38
N LEU E 33 -17.84 4.86 0.11
CA LEU E 33 -17.42 6.24 0.24
C LEU E 33 -18.65 7.11 0.41
N GLU E 34 -18.80 7.73 1.59
CA GLU E 34 -19.91 8.61 1.85
C GLU E 34 -19.36 10.04 1.91
N ASP E 35 -19.57 10.82 0.87
CA ASP E 35 -19.27 12.24 0.96
C ASP E 35 -20.54 13.04 0.80
N LYS E 36 -21.67 12.37 0.95
CA LYS E 36 -22.94 13.02 0.76
C LYS E 36 -23.04 14.13 1.79
N HIS E 37 -23.55 15.27 1.36
CA HIS E 37 -23.37 16.51 2.07
C HIS E 37 -24.40 17.59 1.70
N ASN E 38 -24.07 18.84 2.02
CA ASN E 38 -24.97 19.97 2.19
C ASN E 38 -25.37 20.10 3.66
N GLY E 39 -24.74 19.30 4.51
CA GLY E 39 -24.96 19.39 5.94
C GLY E 39 -24.40 20.72 6.39
N LYS E 40 -24.93 21.27 7.48
CA LYS E 40 -24.48 22.57 7.99
C LYS E 40 -23.83 22.46 9.36
N LEU E 41 -22.78 23.24 9.61
CA LEU E 41 -22.01 23.00 10.81
C LEU E 41 -23.00 22.91 11.94
N CYS E 42 -22.99 21.78 12.60
CA CYS E 42 -23.97 21.50 13.63
C CYS E 42 -23.22 21.34 14.90
N LYS E 43 -23.65 20.41 15.71
CA LYS E 43 -23.12 20.31 17.06
C LYS E 43 -22.93 18.86 17.44
N LEU E 44 -21.68 18.46 17.66
CA LEU E 44 -21.39 17.12 18.16
C LEU E 44 -21.87 17.03 19.61
N ARG E 45 -22.71 16.04 19.88
CA ARG E 45 -23.33 15.87 21.20
C ARG E 45 -24.22 17.07 21.49
N GLY E 46 -25.00 16.99 22.57
CA GLY E 46 -25.84 18.11 22.95
C GLY E 46 -25.07 19.40 23.14
N VAL E 47 -23.79 19.30 23.49
CA VAL E 47 -22.97 20.48 23.76
C VAL E 47 -22.62 21.18 22.45
N ALA E 48 -22.95 22.47 22.37
CA ALA E 48 -22.66 23.28 21.23
C ALA E 48 -21.22 23.80 21.29
N PRO E 49 -20.65 24.20 20.16
CA PRO E 49 -19.29 24.74 20.15
C PRO E 49 -19.21 26.23 20.38
N LEU E 50 -18.03 26.68 20.81
CA LEU E 50 -17.76 28.09 21.02
C LEU E 50 -17.37 28.73 19.69
N HIS E 51 -18.09 29.76 19.28
CA HIS E 51 -17.91 30.36 17.97
C HIS E 51 -17.07 31.62 18.06
N LEU E 52 -15.92 31.63 17.40
CA LEU E 52 -15.08 32.80 17.43
C LEU E 52 -15.31 33.63 16.18
N GLY E 53 -15.82 34.84 16.38
CA GLY E 53 -16.05 35.77 15.29
C GLY E 53 -15.29 37.05 15.53
N LYS E 54 -14.49 37.45 14.55
CA LYS E 54 -13.72 38.68 14.65
C LYS E 54 -12.49 38.47 15.53
N CYS E 55 -12.23 37.22 15.92
CA CYS E 55 -11.05 36.94 16.72
C CYS E 55 -10.63 35.47 16.56
N ASN E 56 -9.43 35.17 17.02
CA ASN E 56 -8.92 33.80 17.06
C ASN E 56 -8.88 33.34 18.52
N ILE E 57 -8.21 32.23 18.76
CA ILE E 57 -8.14 31.70 20.12
C ILE E 57 -7.25 32.57 20.99
N ALA E 58 -6.11 33.01 20.45
CA ALA E 58 -5.19 33.84 21.24
C ALA E 58 -5.84 35.13 21.69
N GLY E 59 -6.47 35.85 20.77
CA GLY E 59 -7.15 37.09 21.14
C GLY E 59 -8.29 36.84 22.12
N TRP E 60 -8.95 35.69 22.01
CA TRP E 60 -10.08 35.41 22.89
C TRP E 60 -9.61 35.11 24.31
N ILE E 61 -8.59 34.26 24.45
CA ILE E 61 -8.12 33.89 25.78
C ILE E 61 -7.39 35.06 26.45
N LEU E 62 -6.68 35.89 25.66
CA LEU E 62 -6.03 37.06 26.22
C LEU E 62 -7.00 38.20 26.47
N GLY E 63 -8.05 38.31 25.65
CA GLY E 63 -9.05 39.34 25.85
C GLY E 63 -8.77 40.60 25.06
N ASN E 64 -8.62 40.47 23.75
CA ASN E 64 -8.42 41.63 22.89
C ASN E 64 -9.69 42.48 22.95
N PRO E 65 -9.58 43.80 23.17
CA PRO E 65 -10.79 44.63 23.26
C PRO E 65 -11.74 44.46 22.09
N GLU E 66 -11.22 44.11 20.91
CA GLU E 66 -12.08 43.93 19.74
C GLU E 66 -12.97 42.70 19.85
N CYS E 67 -12.61 41.73 20.69
CA CYS E 67 -13.41 40.53 20.87
C CYS E 67 -14.58 40.80 21.82
N GLU E 68 -15.60 39.96 21.71
CA GLU E 68 -16.81 40.11 22.52
C GLU E 68 -16.58 39.52 23.90
N SER E 69 -16.75 40.36 24.93
CA SER E 69 -16.56 39.95 26.32
C SER E 69 -17.71 39.05 26.76
N LEU E 70 -17.42 38.23 27.76
CA LEU E 70 -18.37 37.26 28.32
C LEU E 70 -19.77 37.84 28.59
N SER E 71 -20.85 37.24 28.06
CA SER E 71 -20.92 36.09 27.12
C SER E 71 -20.17 34.81 27.53
N THR E 72 -19.54 34.17 26.54
CA THR E 72 -18.71 32.97 26.73
C THR E 72 -19.50 31.83 27.35
N ALA E 73 -19.82 30.80 26.56
CA ALA E 73 -20.59 29.67 27.05
C ALA E 73 -19.83 28.94 28.17
N SER E 74 -20.60 28.30 29.05
CA SER E 74 -20.00 27.60 30.18
C SER E 74 -19.27 26.34 29.75
N SER E 75 -19.73 25.70 28.67
CA SER E 75 -19.15 24.45 28.22
C SER E 75 -19.25 24.40 26.70
N TRP E 76 -18.26 23.76 26.07
CA TRP E 76 -18.26 23.63 24.62
C TRP E 76 -17.48 22.38 24.23
N SER E 77 -17.96 21.70 23.19
CA SER E 77 -17.32 20.47 22.73
C SER E 77 -16.16 20.74 21.79
N TYR E 78 -16.25 21.80 20.99
CA TYR E 78 -15.16 22.20 20.12
C TYR E 78 -15.26 23.70 19.89
N ILE E 79 -14.25 24.24 19.21
CA ILE E 79 -14.19 25.66 18.93
C ILE E 79 -14.11 25.83 17.42
N VAL E 80 -14.82 26.84 16.90
CA VAL E 80 -14.82 27.13 15.48
C VAL E 80 -14.17 28.49 15.27
N GLU E 81 -13.26 28.56 14.31
CA GLU E 81 -12.52 29.77 13.99
C GLU E 81 -12.83 30.16 12.55
N THR E 82 -12.58 31.42 12.24
CA THR E 82 -12.81 31.92 10.89
C THR E 82 -11.47 32.18 10.21
N PRO E 83 -11.35 31.90 8.91
CA PRO E 83 -10.10 32.26 8.22
C PRO E 83 -9.85 33.74 8.19
N SER E 84 -10.90 34.57 8.17
CA SER E 84 -10.73 36.02 8.21
C SER E 84 -10.61 36.55 9.64
N SER E 85 -10.47 35.66 10.62
CA SER E 85 -10.29 36.03 12.02
C SER E 85 -8.80 36.10 12.31
N ASP E 86 -8.18 37.21 11.91
CA ASP E 86 -6.75 37.34 12.06
C ASP E 86 -6.32 38.37 13.09
N ASN E 87 -7.25 39.14 13.66
CA ASN E 87 -6.90 40.08 14.74
C ASN E 87 -7.01 39.32 16.05
N GLY E 88 -5.85 38.95 16.60
CA GLY E 88 -5.71 38.24 17.85
C GLY E 88 -4.83 38.97 18.83
N THR E 89 -3.52 38.70 18.75
CA THR E 89 -2.55 39.38 19.60
C THR E 89 -2.29 40.76 19.01
N CYS E 90 -2.91 41.78 19.63
CA CYS E 90 -2.78 43.14 19.13
C CYS E 90 -1.34 43.64 19.24
N TYR E 91 -0.74 43.47 20.40
CA TYR E 91 0.66 43.86 20.49
C TYR E 91 1.54 42.80 19.83
N PRO E 92 2.54 43.21 19.05
CA PRO E 92 3.37 42.23 18.33
C PRO E 92 4.09 41.28 19.29
N GLY E 93 4.45 40.13 18.75
CA GLY E 93 5.10 39.07 19.48
C GLY E 93 4.57 37.74 19.01
N ASP E 94 4.85 36.68 19.77
CA ASP E 94 4.38 35.34 19.44
C ASP E 94 3.90 34.62 20.70
N PHE E 95 2.89 33.78 20.52
CA PHE E 95 2.28 33.05 21.60
C PHE E 95 3.05 31.74 21.83
N ILE E 96 3.65 31.60 23.00
CA ILE E 96 4.47 30.44 23.30
C ILE E 96 3.57 29.26 23.66
N ASP E 97 3.85 28.09 23.07
CA ASP E 97 3.05 26.88 23.28
C ASP E 97 1.60 27.13 22.88
N TYR E 98 1.42 27.65 21.67
CA TYR E 98 0.09 27.95 21.16
C TYR E 98 -0.63 26.68 20.71
N GLU E 99 0.07 25.78 20.01
CA GLU E 99 -0.57 24.55 19.56
C GLU E 99 -1.06 23.72 20.74
N GLU E 100 -0.23 23.63 21.78
CA GLU E 100 -0.62 22.92 22.99
C GLU E 100 -1.88 23.54 23.60
N LEU E 101 -1.85 24.86 23.78
CA LEU E 101 -3.00 25.55 24.38
C LEU E 101 -4.26 25.35 23.56
N ARG E 102 -4.15 25.35 22.24
CA ARG E 102 -5.32 25.15 21.39
C ARG E 102 -5.99 23.80 21.69
N GLU E 103 -5.18 22.75 21.85
CA GLU E 103 -5.76 21.42 22.10
C GLU E 103 -6.30 21.29 23.52
N GLN E 104 -5.77 22.07 24.47
CA GLN E 104 -6.30 22.01 25.82
C GLN E 104 -7.70 22.60 25.88
N LEU E 105 -7.87 23.78 25.28
CA LEU E 105 -9.14 24.50 25.32
C LEU E 105 -10.17 23.94 24.34
N SER E 106 -9.82 22.97 23.51
CA SER E 106 -10.74 22.41 22.53
C SER E 106 -12.05 21.96 23.18
N SER E 107 -11.98 20.95 24.04
CA SER E 107 -13.15 20.42 24.72
C SER E 107 -13.06 20.75 26.21
N VAL E 108 -14.18 21.27 26.75
CA VAL E 108 -14.25 21.67 28.16
C VAL E 108 -15.64 21.33 28.68
N SER E 109 -15.71 20.92 29.95
CA SER E 109 -16.98 20.65 30.62
C SER E 109 -17.44 21.79 31.52
N SER E 110 -16.51 22.49 32.17
CA SER E 110 -16.83 23.62 33.02
C SER E 110 -15.75 24.67 32.84
N PHE E 111 -16.17 25.93 32.70
CA PHE E 111 -15.25 27.02 32.41
C PHE E 111 -15.74 28.28 33.11
N GLU E 112 -14.88 28.89 33.91
CA GLU E 112 -15.23 30.09 34.67
C GLU E 112 -14.04 31.03 34.73
N ARG E 113 -14.26 32.28 34.35
CA ARG E 113 -13.25 33.32 34.42
C ARG E 113 -13.37 34.07 35.74
N PHE E 114 -12.25 34.25 36.43
CA PHE E 114 -12.25 34.94 37.70
C PHE E 114 -11.06 35.89 37.78
N GLU E 115 -11.19 36.91 38.62
CA GLU E 115 -10.16 37.93 38.81
C GLU E 115 -9.11 37.40 39.77
N ILE E 116 -8.06 36.82 39.22
CA ILE E 116 -7.01 36.22 40.04
C ILE E 116 -6.25 37.29 40.82
N PHE E 117 -5.96 38.42 40.17
CA PHE E 117 -5.24 39.53 40.80
C PHE E 117 -6.00 40.81 40.50
N PRO E 118 -6.86 41.25 41.41
CA PRO E 118 -7.63 42.48 41.18
C PRO E 118 -6.73 43.69 40.97
N LYS E 119 -7.03 44.46 39.92
CA LYS E 119 -6.22 45.63 39.56
C LYS E 119 -6.11 46.61 40.72
N THR E 120 -7.18 46.81 41.48
CA THR E 120 -7.20 47.86 42.50
C THR E 120 -6.34 47.49 43.70
N SER E 121 -6.39 46.23 44.14
CA SER E 121 -5.78 45.83 45.40
C SER E 121 -4.42 45.15 45.22
N SER E 122 -4.31 44.23 44.26
CA SER E 122 -3.14 43.36 44.17
C SER E 122 -1.84 44.12 43.91
N TRP E 123 -1.91 45.31 43.33
CA TRP E 123 -0.71 46.03 42.89
C TRP E 123 -0.69 47.41 43.55
N PRO E 124 -0.25 47.49 44.79
CA PRO E 124 -0.21 48.79 45.48
C PRO E 124 1.08 49.55 45.22
N ASN E 125 2.17 48.84 44.90
CA ASN E 125 3.47 49.47 44.71
C ASN E 125 3.83 49.65 43.24
N HIS E 126 2.87 49.52 42.33
CA HIS E 126 3.13 49.70 40.92
C HIS E 126 1.92 50.35 40.26
N ASP E 127 2.18 51.06 39.17
CA ASP E 127 1.13 51.75 38.43
C ASP E 127 0.53 50.79 37.41
N SER E 128 -0.77 50.52 37.56
CA SER E 128 -1.47 49.62 36.66
C SER E 128 -2.31 50.35 35.61
N ASN E 129 -2.67 51.61 35.85
CA ASN E 129 -3.52 52.33 34.92
C ASN E 129 -2.78 52.69 33.62
N LYS E 130 -1.48 52.95 33.70
CA LYS E 130 -0.74 53.37 32.52
C LYS E 130 -0.54 52.25 31.51
N GLY E 131 -0.91 51.01 31.84
CA GLY E 131 -0.72 49.90 30.93
C GLY E 131 -1.67 49.86 29.75
N VAL E 132 -1.52 50.78 28.80
CA VAL E 132 -2.32 50.83 27.58
C VAL E 132 -1.37 51.10 26.41
N THR E 133 -1.88 50.89 25.20
CA THR E 133 -1.03 51.06 24.03
C THR E 133 -1.90 51.32 22.81
N ALA E 134 -1.26 51.89 21.78
CA ALA E 134 -1.95 52.14 20.52
C ALA E 134 -2.20 50.87 19.72
N ALA E 135 -1.42 49.82 19.96
CA ALA E 135 -1.60 48.58 19.20
C ALA E 135 -2.93 47.90 19.53
N CYS E 136 -3.50 48.17 20.71
CA CYS E 136 -4.74 47.55 21.16
C CYS E 136 -5.79 48.64 21.36
N PRO E 137 -6.43 49.12 20.30
CA PRO E 137 -7.46 50.15 20.44
C PRO E 137 -8.86 49.58 20.63
N HIS E 138 -9.65 50.31 21.41
CA HIS E 138 -11.03 49.90 21.69
C HIS E 138 -12.04 50.89 21.13
N ALA E 139 -12.05 52.13 21.60
CA ALA E 139 -12.99 53.14 21.13
C ALA E 139 -12.21 54.40 20.73
N GLY E 140 -11.32 54.24 19.76
CA GLY E 140 -10.49 55.34 19.33
C GLY E 140 -9.53 55.84 20.38
N ALA E 141 -9.07 54.95 21.27
CA ALA E 141 -8.16 55.33 22.33
C ALA E 141 -7.33 54.11 22.71
N LYS E 142 -6.23 54.37 23.41
CA LYS E 142 -5.32 53.31 23.79
C LYS E 142 -5.96 52.41 24.85
N SER E 143 -5.93 51.10 24.61
CA SER E 143 -6.45 50.11 25.55
C SER E 143 -5.48 48.93 25.60
N PHE E 144 -5.90 47.85 26.24
CA PHE E 144 -5.04 46.68 26.44
C PHE E 144 -5.93 45.46 26.65
N TYR E 145 -5.29 44.29 26.74
CA TYR E 145 -6.01 43.05 26.96
C TYR E 145 -6.84 43.13 28.24
N LYS E 146 -8.09 42.70 28.17
CA LYS E 146 -8.96 42.74 29.34
C LYS E 146 -8.48 41.80 30.44
N ASN E 147 -7.80 40.71 30.08
CA ASN E 147 -7.36 39.72 31.06
C ASN E 147 -5.97 40.00 31.63
N LEU E 148 -5.25 41.00 31.12
CA LEU E 148 -3.90 41.26 31.58
C LEU E 148 -3.75 42.72 32.02
N ILE E 149 -2.68 42.98 32.76
CA ILE E 149 -2.33 44.31 33.22
C ILE E 149 -0.85 44.52 32.92
N TRP E 150 -0.54 45.65 32.28
CA TRP E 150 0.83 46.00 31.91
C TRP E 150 1.37 46.93 32.99
N LEU E 151 2.16 46.38 33.91
CA LEU E 151 2.65 47.17 35.03
C LEU E 151 3.76 48.10 34.61
N VAL E 152 3.65 49.36 35.01
CA VAL E 152 4.63 50.40 34.71
C VAL E 152 5.20 50.88 36.03
N LYS E 153 6.39 51.50 35.94
CA LYS E 153 7.03 52.03 37.14
C LYS E 153 6.18 53.11 37.78
N LYS E 154 6.19 53.16 39.12
CA LYS E 154 5.44 54.16 39.87
C LYS E 154 6.39 55.33 40.18
N GLY E 155 6.47 56.27 39.24
CA GLY E 155 7.35 57.41 39.42
C GLY E 155 8.79 57.12 39.07
N ASN E 156 9.69 57.22 40.05
CA ASN E 156 11.11 57.03 39.84
C ASN E 156 11.62 55.69 40.37
N SER E 157 10.76 54.67 40.44
CA SER E 157 11.19 53.41 41.00
C SER E 157 10.25 52.28 40.59
N TYR E 158 10.83 51.08 40.45
CA TYR E 158 10.10 49.86 40.15
C TYR E 158 10.52 48.82 41.18
N PRO E 159 9.80 48.71 42.29
CA PRO E 159 10.21 47.77 43.34
C PRO E 159 10.06 46.32 42.90
N LYS E 160 10.77 45.44 43.59
CA LYS E 160 10.73 44.01 43.29
C LYS E 160 9.32 43.46 43.53
N LEU E 161 8.82 42.72 42.54
CA LEU E 161 7.48 42.16 42.58
C LEU E 161 7.50 40.72 43.12
N SER E 162 6.47 40.37 43.89
CA SER E 162 6.37 39.00 44.44
C SER E 162 4.91 38.77 44.85
N LYS E 163 4.12 38.20 43.94
CA LYS E 163 2.72 37.89 44.16
C LYS E 163 2.47 36.41 43.91
N SER E 164 1.55 35.84 44.67
CA SER E 164 1.26 34.42 44.57
C SER E 164 -0.23 34.16 44.74
N TYR E 165 -0.68 33.03 44.20
CA TYR E 165 -2.07 32.61 44.31
C TYR E 165 -2.15 31.12 44.54
N ILE E 166 -3.02 30.72 45.46
CA ILE E 166 -3.27 29.31 45.76
C ILE E 166 -4.60 28.90 45.15
N ASN E 167 -4.59 27.82 44.36
CA ASN E 167 -5.77 27.35 43.66
C ASN E 167 -6.71 26.66 44.65
N ASP E 168 -7.69 27.40 45.14
CA ASP E 168 -8.70 26.86 46.05
C ASP E 168 -10.01 26.55 45.34
N LYS E 169 -10.04 26.67 44.01
CA LYS E 169 -11.27 26.44 43.25
C LYS E 169 -11.61 24.96 43.12
N GLY E 170 -10.66 24.07 43.39
CA GLY E 170 -10.92 22.65 43.25
C GLY E 170 -10.88 22.13 41.83
N LYS E 171 -10.23 22.85 40.92
CA LYS E 171 -10.08 22.40 39.54
C LYS E 171 -8.97 23.23 38.89
N GLU E 172 -8.25 22.59 37.96
CA GLU E 172 -7.08 23.20 37.34
C GLU E 172 -7.40 24.58 36.78
N VAL E 173 -6.51 25.53 37.07
CA VAL E 173 -6.69 26.93 36.68
C VAL E 173 -5.67 27.24 35.59
N LEU E 174 -6.13 27.89 34.52
CA LEU E 174 -5.27 28.32 33.43
C LEU E 174 -4.84 29.76 33.68
N VAL E 175 -3.53 29.96 33.85
CA VAL E 175 -2.95 31.28 34.08
C VAL E 175 -2.14 31.69 32.86
N LEU E 176 -2.26 32.96 32.46
CA LEU E 176 -1.58 33.53 31.29
C LEU E 176 -0.91 34.84 31.67
N TRP E 177 0.31 35.04 31.16
CA TRP E 177 1.07 36.26 31.39
C TRP E 177 1.92 36.57 30.17
N GLY E 178 2.56 37.73 30.19
CA GLY E 178 3.35 38.18 29.08
C GLY E 178 4.65 38.81 29.54
N ILE E 179 5.64 38.73 28.65
CA ILE E 179 6.96 39.29 28.89
C ILE E 179 7.24 40.30 27.79
N HIS E 180 7.49 41.56 28.18
CA HIS E 180 7.72 42.63 27.21
C HIS E 180 9.20 42.69 26.81
N HIS E 181 9.44 42.95 25.52
CA HIS E 181 10.79 43.07 24.97
C HIS E 181 10.88 44.41 24.24
N PRO E 182 11.36 45.45 24.93
CA PRO E 182 11.31 46.81 24.37
C PRO E 182 12.19 47.01 23.15
N SER E 183 12.08 48.21 22.56
CA SER E 183 12.85 48.53 21.36
C SER E 183 14.25 49.01 21.71
N THR E 184 14.35 50.10 22.48
CA THR E 184 15.62 50.68 22.85
C THR E 184 15.78 50.66 24.37
N SER E 185 16.99 50.95 24.83
CA SER E 185 17.24 51.02 26.26
C SER E 185 16.53 52.20 26.89
N ALA E 186 16.27 53.26 26.11
CA ALA E 186 15.53 54.40 26.64
C ALA E 186 14.10 54.02 26.97
N ASP E 187 13.47 53.20 26.13
CA ASP E 187 12.11 52.75 26.41
C ASP E 187 12.09 51.80 27.60
N GLN E 188 13.12 50.94 27.71
CA GLN E 188 13.21 50.04 28.86
C GLN E 188 13.25 50.82 30.16
N GLN E 189 14.08 51.86 30.22
CA GLN E 189 14.17 52.67 31.43
C GLN E 189 12.86 53.43 31.67
N SER E 190 12.25 53.94 30.62
CA SER E 190 11.02 54.71 30.76
C SER E 190 9.83 53.86 31.19
N LEU E 191 9.94 52.54 31.13
CA LEU E 191 8.85 51.65 31.50
C LEU E 191 9.05 50.97 32.84
N TYR E 192 10.28 50.56 33.15
CA TYR E 192 10.51 49.81 34.38
C TYR E 192 11.72 50.31 35.15
N GLN E 193 12.26 51.48 34.83
CA GLN E 193 13.37 52.09 35.55
C GLN E 193 14.65 51.27 35.47
N ASN E 194 14.62 50.04 35.97
CA ASN E 194 15.83 49.23 36.00
C ASN E 194 16.26 48.81 34.59
N ALA E 195 17.57 48.57 34.44
CA ALA E 195 18.14 48.20 33.15
C ALA E 195 18.24 46.68 33.00
N ASP E 196 18.99 46.02 33.87
CA ASP E 196 19.15 44.57 33.83
C ASP E 196 18.03 43.96 34.67
N THR E 197 16.94 43.61 34.01
CA THR E 197 15.76 43.08 34.68
C THR E 197 15.63 41.59 34.42
N TYR E 198 14.72 40.96 35.16
CA TYR E 198 14.45 39.54 35.03
C TYR E 198 13.02 39.26 35.47
N VAL E 199 12.50 38.12 35.04
CA VAL E 199 11.16 37.67 35.41
C VAL E 199 11.26 36.18 35.73
N PHE E 200 10.50 35.74 36.74
CA PHE E 200 10.46 34.34 37.10
C PHE E 200 9.05 33.95 37.50
N VAL E 201 8.53 32.88 36.87
CA VAL E 201 7.20 32.37 37.13
C VAL E 201 7.38 30.93 37.61
N GLY E 202 7.26 30.72 38.92
CA GLY E 202 7.47 29.42 39.51
C GLY E 202 6.17 28.74 39.91
N SER E 203 6.18 27.41 39.91
CA SER E 203 5.05 26.59 40.32
C SER E 203 5.56 25.16 40.51
N SER E 204 4.68 24.31 41.02
CA SER E 204 5.06 22.90 41.18
C SER E 204 5.17 22.21 39.84
N ARG E 205 4.33 22.59 38.89
CA ARG E 205 4.35 22.00 37.55
C ARG E 205 5.15 22.77 36.51
N TYR E 206 5.68 23.93 36.86
CA TYR E 206 6.29 24.80 35.87
C TYR E 206 7.26 25.77 36.53
N SER E 207 8.37 26.05 35.84
CA SER E 207 9.40 26.95 36.37
C SER E 207 10.27 27.43 35.22
N LYS E 208 10.44 28.74 35.11
CA LYS E 208 11.27 29.31 34.06
C LYS E 208 11.63 30.74 34.41
N LYS E 209 12.86 31.14 34.10
CA LYS E 209 13.36 32.51 34.27
C LYS E 209 13.52 33.17 32.90
N PHE E 210 12.87 34.31 32.71
CA PHE E 210 12.93 35.05 31.45
C PHE E 210 13.82 36.28 31.60
N LYS E 211 14.80 36.39 30.71
CA LYS E 211 15.61 37.60 30.64
C LYS E 211 15.20 38.39 29.40
N PRO E 212 14.53 39.53 29.55
CA PRO E 212 13.99 40.23 28.38
C PRO E 212 15.08 40.83 27.50
N GLU E 213 14.91 40.72 26.18
CA GLU E 213 15.83 41.29 25.21
C GLU E 213 15.35 42.65 24.75
N ILE E 214 16.27 43.62 24.71
CA ILE E 214 15.99 44.99 24.30
C ILE E 214 16.62 45.17 22.91
N ALA E 215 15.79 45.16 21.87
CA ALA E 215 16.30 45.26 20.51
C ALA E 215 15.21 45.84 19.60
N ILE E 216 15.66 46.46 18.51
CA ILE E 216 14.78 47.11 17.55
C ILE E 216 14.35 46.10 16.49
N ARG E 217 13.08 45.74 16.51
CA ARG E 217 12.49 44.83 15.52
C ARG E 217 12.08 45.59 14.26
N PRO E 218 11.55 44.90 13.24
CA PRO E 218 11.10 45.61 12.03
C PRO E 218 10.00 46.63 12.27
N LYS E 219 9.39 46.67 13.45
CA LYS E 219 8.30 47.58 13.76
C LYS E 219 7.04 47.27 12.94
N VAL E 220 6.24 46.33 13.41
CA VAL E 220 5.00 45.96 12.75
C VAL E 220 3.87 46.19 13.74
N ARG E 221 2.69 46.47 13.21
CA ARG E 221 1.50 46.82 13.99
C ARG E 221 1.72 48.05 14.85
N ASP E 222 2.52 48.95 14.32
CA ASP E 222 2.81 50.24 14.94
C ASP E 222 3.58 50.10 16.26
N GLN E 223 4.34 49.02 16.43
CA GLN E 223 5.13 48.83 17.64
C GLN E 223 6.48 48.22 17.30
N GLU E 224 7.54 48.86 17.77
CA GLU E 224 8.91 48.45 17.48
C GLU E 224 9.35 47.28 18.36
N GLY E 225 8.91 47.28 19.62
CA GLY E 225 9.21 46.19 20.52
C GLY E 225 8.17 45.07 20.47
N ARG E 226 8.56 43.89 20.95
CA ARG E 226 7.70 42.72 20.90
C ARG E 226 7.28 42.30 22.31
N MET E 227 6.42 41.29 22.36
CA MET E 227 5.87 40.79 23.62
C MET E 227 5.47 39.33 23.44
N ASN E 228 6.11 38.43 24.16
CA ASN E 228 5.82 37.01 24.10
C ASN E 228 4.82 36.63 25.18
N TYR E 229 3.89 35.75 24.83
CA TYR E 229 2.80 35.36 25.70
C TYR E 229 2.97 33.91 26.14
N TYR E 230 2.93 33.69 27.45
CA TYR E 230 3.15 32.39 28.08
C TYR E 230 1.93 32.02 28.92
N TRP E 231 1.87 30.75 29.31
CA TRP E 231 0.74 30.25 30.09
C TRP E 231 1.14 28.95 30.79
N THR E 232 0.32 28.57 31.76
CA THR E 232 0.52 27.32 32.50
C THR E 232 -0.79 26.93 33.18
N LEU E 233 -0.83 25.68 33.66
CA LEU E 233 -1.99 25.13 34.35
C LEU E 233 -1.62 24.84 35.80
N VAL E 234 -2.34 25.44 36.74
CA VAL E 234 -2.08 25.27 38.17
C VAL E 234 -3.06 24.23 38.71
N GLU E 235 -2.54 23.10 39.21
CA GLU E 235 -3.40 22.08 39.79
C GLU E 235 -3.96 22.56 41.13
N PRO E 236 -5.14 22.04 41.54
CA PRO E 236 -5.74 22.48 42.81
C PRO E 236 -4.88 22.18 44.02
N GLY E 237 -4.38 23.24 44.67
CA GLY E 237 -3.44 23.14 45.77
C GLY E 237 -2.08 23.73 45.46
N ASP E 238 -1.67 23.66 44.20
CA ASP E 238 -0.40 24.23 43.78
C ASP E 238 -0.46 25.76 43.84
N LYS E 239 0.69 26.38 44.09
CA LYS E 239 0.77 27.82 44.26
C LYS E 239 1.65 28.42 43.17
N ILE E 240 1.07 29.32 42.38
CA ILE E 240 1.81 30.04 41.36
C ILE E 240 2.48 31.25 41.99
N THR E 241 3.69 31.58 41.54
CA THR E 241 4.46 32.67 42.12
C THR E 241 5.09 33.51 41.01
N PHE E 242 4.99 34.83 41.16
CA PHE E 242 5.47 35.79 40.16
C PHE E 242 6.54 36.68 40.80
N GLU E 243 7.81 36.32 40.61
CA GLU E 243 8.94 37.12 41.04
C GLU E 243 9.53 37.83 39.83
N ALA E 244 9.58 39.16 39.87
CA ALA E 244 10.08 39.91 38.71
C ALA E 244 10.46 41.32 39.14
N THR E 245 11.41 41.90 38.40
CA THR E 245 11.88 43.26 38.63
C THR E 245 11.60 44.16 37.44
N GLY E 246 10.70 43.77 36.56
CA GLY E 246 10.36 44.57 35.39
C GLY E 246 10.10 43.69 34.19
N ASN E 247 9.43 44.27 33.18
CA ASN E 247 9.13 43.61 31.92
C ASN E 247 8.15 42.45 32.09
N LEU E 248 7.20 42.59 33.02
CA LEU E 248 6.23 41.53 33.28
C LEU E 248 4.83 42.08 33.11
N VAL E 249 4.02 41.40 32.30
CA VAL E 249 2.61 41.73 32.13
C VAL E 249 1.86 40.75 32.99
N VAL E 250 1.56 41.14 34.22
CA VAL E 250 0.93 40.27 35.20
C VAL E 250 -0.49 39.90 34.75
N PRO E 251 -1.04 38.77 35.19
CA PRO E 251 -2.42 38.44 34.84
C PRO E 251 -3.42 39.15 35.73
N ARG E 252 -4.60 39.42 35.15
CA ARG E 252 -5.72 39.97 35.88
C ARG E 252 -6.83 38.95 36.08
N TYR E 253 -7.20 38.23 35.02
CA TYR E 253 -8.27 37.23 35.08
C TYR E 253 -7.68 35.89 34.67
N ALA E 254 -7.84 34.89 35.54
CA ALA E 254 -7.51 33.52 35.23
C ALA E 254 -8.78 32.76 34.90
N PHE E 255 -8.63 31.48 34.53
CA PHE E 255 -9.75 30.66 34.10
C PHE E 255 -9.73 29.34 34.85
N ALA E 256 -10.70 29.15 35.74
CA ALA E 256 -10.89 27.86 36.39
C ALA E 256 -11.72 26.97 35.47
N MET E 257 -11.23 25.78 35.19
CA MET E 257 -11.84 24.93 34.17
C MET E 257 -11.68 23.46 34.51
N GLU E 258 -12.43 22.63 33.79
CA GLU E 258 -12.34 21.18 33.87
C GLU E 258 -12.37 20.69 32.43
N ARG E 259 -11.19 20.44 31.86
CA ARG E 259 -11.11 20.11 30.44
C ARG E 259 -11.64 18.70 30.17
N ASN E 260 -11.88 18.44 28.89
CA ASN E 260 -12.32 17.14 28.39
C ASN E 260 -11.30 16.62 27.37
N ALA E 261 -11.35 15.31 27.15
CA ALA E 261 -10.38 14.66 26.28
C ALA E 261 -10.71 14.86 24.80
N GLY E 262 -9.67 14.79 23.97
CA GLY E 262 -9.80 14.82 22.52
C GLY E 262 -10.21 16.17 21.95
N SER E 263 -10.89 16.09 20.80
CA SER E 263 -11.46 17.23 20.06
C SER E 263 -10.39 18.05 19.34
N GLY E 264 -10.83 19.06 18.59
CA GLY E 264 -9.93 19.89 17.81
C GLY E 264 -10.54 21.24 17.46
N ILE E 265 -9.96 21.87 16.44
CA ILE E 265 -10.35 23.21 15.98
C ILE E 265 -10.81 23.13 14.54
N ILE E 266 -11.86 23.89 14.21
CA ILE E 266 -12.38 23.99 12.85
C ILE E 266 -12.22 25.41 12.37
N ILE E 267 -11.60 25.59 11.21
CA ILE E 267 -11.38 26.91 10.62
C ILE E 267 -12.21 26.95 9.35
N SER E 268 -13.41 27.54 9.44
CA SER E 268 -14.29 27.63 8.28
C SER E 268 -15.27 28.78 8.48
N ASP E 269 -15.91 29.17 7.38
CA ASP E 269 -16.86 30.27 7.37
C ASP E 269 -18.31 29.83 7.55
N THR E 270 -18.55 28.53 7.72
CA THR E 270 -19.93 28.04 7.80
C THR E 270 -20.60 28.50 9.10
N PRO E 271 -21.91 28.70 9.07
CA PRO E 271 -22.63 29.16 10.25
C PRO E 271 -22.97 27.97 11.15
N VAL E 272 -23.67 28.27 12.23
CA VAL E 272 -24.00 27.27 13.24
C VAL E 272 -25.48 26.97 13.13
N HIS E 273 -25.83 25.73 13.45
CA HIS E 273 -27.21 25.28 13.39
C HIS E 273 -27.48 24.38 14.60
N ASP E 274 -28.75 23.99 14.77
CA ASP E 274 -29.12 23.14 15.89
C ASP E 274 -29.70 21.80 15.47
N CYS E 275 -28.96 20.99 14.71
CA CYS E 275 -29.47 19.69 14.30
C CYS E 275 -28.92 18.54 15.13
N ASN E 276 -27.96 18.81 16.02
CA ASN E 276 -27.45 17.82 16.97
C ASN E 276 -26.94 16.57 16.25
N THR E 277 -25.91 16.74 15.43
CA THR E 277 -25.34 15.62 14.70
C THR E 277 -23.93 15.35 15.19
N THR E 278 -23.57 14.07 15.14
CA THR E 278 -22.51 13.46 15.92
C THR E 278 -21.12 13.21 15.36
N CYS E 279 -20.78 13.68 14.15
CA CYS E 279 -19.39 13.56 13.72
C CYS E 279 -18.71 14.88 13.47
N GLN E 280 -19.21 15.58 12.46
CA GLN E 280 -18.72 16.89 12.09
C GLN E 280 -17.54 16.79 11.14
N THR E 281 -17.39 17.83 10.35
CA THR E 281 -16.30 17.98 9.39
C THR E 281 -15.91 19.45 9.40
N PRO E 282 -14.85 19.86 8.69
CA PRO E 282 -14.52 21.29 8.64
C PRO E 282 -15.63 22.15 8.07
N LYS E 283 -16.44 21.62 7.17
CA LYS E 283 -17.55 22.38 6.57
C LYS E 283 -18.76 21.45 6.51
N GLY E 284 -19.54 21.43 7.59
CA GLY E 284 -20.73 20.60 7.67
C GLY E 284 -20.54 19.32 8.46
N ALA E 285 -21.46 18.38 8.23
CA ALA E 285 -21.44 17.09 8.92
C ALA E 285 -21.88 16.00 7.97
N ILE E 286 -21.78 14.75 8.43
CA ILE E 286 -22.10 13.58 7.62
C ILE E 286 -22.80 12.54 8.48
N ASN E 287 -23.30 11.49 7.81
CA ASN E 287 -24.04 10.40 8.45
C ASN E 287 -23.16 9.23 8.87
N THR E 288 -21.87 9.24 8.53
CA THR E 288 -20.85 8.23 8.88
C THR E 288 -21.31 6.78 8.82
N SER E 289 -22.23 6.46 7.89
CA SER E 289 -22.66 5.07 7.75
C SER E 289 -21.58 4.20 7.10
N LEU E 290 -20.75 4.78 6.24
CA LEU E 290 -19.69 4.19 5.44
C LEU E 290 -18.37 4.19 6.19
N PRO E 291 -17.45 3.30 5.85
CA PRO E 291 -16.15 3.29 6.55
C PRO E 291 -15.12 4.22 5.95
N PHE E 292 -15.48 4.98 4.93
CA PHE E 292 -14.57 5.93 4.29
C PHE E 292 -15.34 7.20 3.96
N GLN E 293 -14.62 8.31 3.92
CA GLN E 293 -15.21 9.59 3.55
C GLN E 293 -14.15 10.42 2.85
N ASN E 294 -14.62 11.37 2.03
CA ASN E 294 -13.73 12.25 1.26
C ASN E 294 -14.31 13.65 1.32
N ILE E 295 -14.04 14.34 2.43
CA ILE E 295 -14.41 15.73 2.54
C ILE E 295 -13.18 16.50 2.98
N HIS E 296 -12.64 16.19 4.15
CA HIS E 296 -11.45 16.90 4.60
C HIS E 296 -10.63 15.98 5.48
N PRO E 297 -9.29 16.10 5.46
CA PRO E 297 -8.46 15.28 6.36
C PRO E 297 -8.79 15.46 7.83
N ILE E 298 -9.23 16.64 8.24
CA ILE E 298 -9.52 16.91 9.65
C ILE E 298 -10.93 16.45 9.96
N THR E 299 -11.05 15.67 11.03
CA THR E 299 -12.34 15.14 11.45
C THR E 299 -12.41 15.16 12.97
N ILE E 300 -13.64 15.24 13.49
CA ILE E 300 -13.87 15.29 14.92
C ILE E 300 -14.80 14.16 15.32
N GLY E 301 -14.40 13.36 16.28
CA GLY E 301 -15.29 12.31 16.73
C GLY E 301 -15.07 11.00 16.00
N LYS E 302 -16.04 10.11 16.12
CA LYS E 302 -15.97 8.79 15.49
C LYS E 302 -16.50 8.91 14.06
N CYS E 303 -15.65 9.31 13.14
CA CYS E 303 -15.97 9.47 11.74
C CYS E 303 -15.19 8.44 10.92
N PRO E 304 -15.58 8.22 9.67
CA PRO E 304 -14.84 7.26 8.85
C PRO E 304 -13.48 7.78 8.45
N LYS E 305 -12.62 6.84 8.08
CA LYS E 305 -11.27 7.18 7.69
C LYS E 305 -11.32 8.01 6.41
N TYR E 306 -10.54 9.08 6.39
CA TYR E 306 -10.51 9.93 5.21
C TYR E 306 -9.70 9.28 4.10
N VAL E 307 -10.23 9.34 2.89
CA VAL E 307 -9.58 8.78 1.70
C VAL E 307 -9.86 9.70 0.52
N LYS E 308 -8.80 10.20 -0.12
CA LYS E 308 -8.94 11.12 -1.25
C LYS E 308 -9.10 10.32 -2.54
N SER E 309 -10.35 9.92 -2.81
CA SER E 309 -10.69 9.17 -4.01
C SER E 309 -11.82 9.85 -4.76
N THR E 310 -11.86 9.65 -6.08
CA THR E 310 -12.96 10.19 -6.86
C THR E 310 -14.26 9.44 -6.62
N LYS E 311 -14.18 8.11 -6.45
CA LYS E 311 -15.35 7.28 -6.17
C LYS E 311 -14.89 5.87 -5.83
N LEU E 312 -15.56 5.26 -4.85
CA LEU E 312 -15.32 3.87 -4.46
C LEU E 312 -16.67 3.19 -4.27
N ARG E 313 -16.98 2.22 -5.13
CA ARG E 313 -18.24 1.49 -5.05
C ARG E 313 -17.95 0.03 -5.40
N LEU E 314 -18.14 -0.85 -4.43
CA LEU E 314 -17.92 -2.27 -4.65
C LEU E 314 -19.17 -2.89 -5.28
N ALA E 315 -18.97 -3.71 -6.30
CA ALA E 315 -20.09 -4.31 -7.02
C ALA E 315 -20.52 -5.61 -6.37
N THR E 316 -21.84 -5.82 -6.30
CA THR E 316 -22.42 -7.05 -5.75
C THR E 316 -23.22 -7.82 -6.78
N GLY E 317 -24.09 -7.16 -7.54
CA GLY E 317 -24.90 -7.81 -8.56
C GLY E 317 -24.18 -7.96 -9.89
N LEU E 318 -24.98 -8.09 -10.94
CA LEU E 318 -24.48 -8.28 -12.29
C LEU E 318 -24.74 -7.01 -13.11
N ARG E 319 -24.19 -7.00 -14.32
CA ARG E 319 -24.38 -5.90 -15.25
C ARG E 319 -25.85 -5.72 -15.59
N ASN E 320 -26.34 -4.49 -15.50
CA ASN E 320 -27.74 -4.18 -15.76
C ASN E 320 -27.92 -3.84 -17.25
N ILE E 321 -28.61 -4.71 -17.97
CA ILE E 321 -28.87 -4.47 -19.39
C ILE E 321 -30.36 -4.68 -19.67
N PRO E 322 -31.20 -3.66 -19.47
CA PRO E 322 -32.63 -3.87 -19.75
C PRO E 322 -32.95 -3.92 -21.24
N SER E 323 -32.33 -3.04 -22.03
CA SER E 323 -32.40 -3.07 -23.50
C SER E 323 -33.83 -2.93 -24.03
N ILE E 324 -34.68 -2.20 -23.31
CA ILE E 324 -36.07 -1.98 -23.73
C ILE E 324 -36.39 -0.51 -23.54
N GLN E 325 -36.37 0.25 -24.64
CA GLN E 325 -36.63 1.68 -24.62
C GLN E 325 -37.07 2.11 -26.01
N SER E 326 -37.57 3.35 -26.10
CA SER E 326 -38.03 3.96 -27.34
C SER E 326 -39.13 3.08 -27.93
N ARG E 327 -38.97 2.49 -29.12
CA ARG E 327 -39.98 1.62 -29.68
C ARG E 327 -39.93 0.21 -29.10
N GLY E 328 -38.76 -0.23 -28.65
CA GLY E 328 -38.59 -1.55 -28.08
C GLY E 328 -37.19 -1.79 -27.55
N GLY E 335 -22.71 -11.25 -24.20
CA GLY E 335 -21.99 -12.26 -24.94
C GLY E 335 -22.90 -13.15 -25.77
N PHE E 336 -23.35 -14.25 -25.17
CA PHE E 336 -24.23 -15.19 -25.87
C PHE E 336 -25.70 -14.76 -25.80
N ILE E 337 -26.08 -14.07 -24.73
CA ILE E 337 -27.44 -13.61 -24.50
C ILE E 337 -27.42 -12.09 -24.41
N GLU E 338 -28.35 -11.44 -25.10
CA GLU E 338 -28.46 -9.99 -25.10
C GLU E 338 -29.76 -9.57 -24.44
N GLY E 339 -29.69 -8.53 -23.63
CA GLY E 339 -30.84 -8.01 -22.92
C GLY E 339 -31.04 -8.69 -21.58
N GLY E 340 -31.66 -7.93 -20.67
CA GLY E 340 -31.95 -8.44 -19.34
C GLY E 340 -33.41 -8.72 -19.10
N TRP E 341 -33.69 -9.48 -18.04
CA TRP E 341 -35.05 -9.89 -17.69
C TRP E 341 -35.63 -8.88 -16.69
N THR E 342 -36.24 -7.82 -17.22
CA THR E 342 -36.88 -6.84 -16.33
C THR E 342 -38.08 -7.45 -15.63
N GLY E 343 -38.82 -8.32 -16.32
CA GLY E 343 -39.98 -8.95 -15.72
C GLY E 343 -39.63 -9.83 -14.54
N MET E 344 -38.49 -10.52 -14.60
CA MET E 344 -38.05 -11.40 -13.51
C MET E 344 -37.49 -10.55 -12.38
N VAL E 345 -38.08 -10.69 -11.20
CA VAL E 345 -37.56 -10.09 -9.98
C VAL E 345 -37.29 -11.10 -8.85
N ASP E 346 -37.50 -12.39 -9.14
CA ASP E 346 -37.38 -13.43 -8.12
C ASP E 346 -35.98 -13.56 -7.53
N GLY E 347 -34.99 -13.51 -8.42
CA GLY E 347 -33.59 -13.65 -8.08
C GLY E 347 -32.69 -13.24 -9.22
N TRP E 348 -31.38 -13.38 -8.99
CA TRP E 348 -30.40 -13.02 -10.00
C TRP E 348 -30.50 -13.90 -11.24
N TYR E 349 -30.63 -15.21 -11.05
CA TYR E 349 -30.69 -16.17 -12.14
C TYR E 349 -32.02 -16.88 -12.13
N GLY E 350 -32.58 -17.14 -13.31
CA GLY E 350 -33.87 -17.80 -13.38
C GLY E 350 -34.21 -18.28 -14.78
N TYR E 351 -35.27 -19.08 -14.84
CA TYR E 351 -35.77 -19.65 -16.08
C TYR E 351 -37.00 -18.88 -16.57
N HIS E 352 -37.53 -19.31 -17.71
CA HIS E 352 -38.75 -18.74 -18.28
C HIS E 352 -39.42 -19.81 -19.13
N HIS E 353 -40.52 -20.39 -18.66
CA HIS E 353 -41.20 -21.43 -19.39
C HIS E 353 -42.24 -20.84 -20.35
N GLN E 354 -42.66 -21.68 -21.30
CA GLN E 354 -43.62 -21.31 -22.35
C GLN E 354 -44.36 -22.56 -22.82
N ASN E 355 -45.63 -22.66 -22.47
CA ASN E 355 -46.44 -23.79 -22.90
C ASN E 355 -47.90 -23.34 -22.96
N GLU E 356 -48.77 -24.28 -23.36
CA GLU E 356 -50.19 -23.99 -23.55
C GLU E 356 -50.86 -23.54 -22.26
N GLN E 357 -50.35 -23.96 -21.11
CA GLN E 357 -50.98 -23.60 -19.84
C GLN E 357 -50.71 -22.14 -19.49
N GLY E 358 -49.50 -21.66 -19.72
CA GLY E 358 -49.17 -20.29 -19.41
C GLY E 358 -47.70 -20.03 -19.58
N SER E 359 -47.28 -18.85 -19.14
CA SER E 359 -45.89 -18.42 -19.22
C SER E 359 -45.56 -17.58 -18.00
N GLY E 360 -44.35 -17.74 -17.47
CA GLY E 360 -43.93 -16.99 -16.30
C GLY E 360 -42.46 -17.16 -16.02
N TYR E 361 -41.94 -16.26 -15.20
CA TYR E 361 -40.54 -16.26 -14.78
C TYR E 361 -40.39 -16.90 -13.40
N ALA E 362 -39.24 -17.54 -13.18
CA ALA E 362 -38.97 -18.18 -11.90
C ALA E 362 -37.46 -18.28 -11.72
N ALA E 363 -36.98 -17.98 -10.52
CA ALA E 363 -35.56 -17.97 -10.22
C ALA E 363 -35.11 -19.27 -9.56
N ASP E 364 -33.85 -19.65 -9.83
CA ASP E 364 -33.22 -20.83 -9.24
C ASP E 364 -32.59 -20.42 -7.93
N LEU E 365 -33.22 -20.78 -6.80
CA LEU E 365 -32.76 -20.32 -5.51
C LEU E 365 -31.49 -21.02 -5.05
N LYS E 366 -31.19 -22.22 -5.56
CA LYS E 366 -29.95 -22.88 -5.13
C LYS E 366 -28.73 -22.11 -5.60
N SER E 367 -28.73 -21.66 -6.86
CA SER E 367 -27.63 -20.87 -7.37
C SER E 367 -27.66 -19.45 -6.82
N THR E 368 -28.86 -18.89 -6.64
CA THR E 368 -28.99 -17.51 -6.17
C THR E 368 -28.60 -17.39 -4.70
N GLN E 369 -29.09 -18.29 -3.85
CA GLN E 369 -28.78 -18.20 -2.42
C GLN E 369 -27.30 -18.46 -2.16
N ASN E 370 -26.71 -19.43 -2.88
CA ASN E 370 -25.29 -19.69 -2.74
C ASN E 370 -24.46 -18.49 -3.19
N ALA E 371 -24.94 -17.74 -4.17
CA ALA E 371 -24.23 -16.54 -4.60
C ALA E 371 -24.37 -15.42 -3.57
N ILE E 372 -25.59 -15.23 -3.04
CA ILE E 372 -25.80 -14.19 -2.03
C ILE E 372 -24.94 -14.46 -0.80
N ASP E 373 -24.85 -15.72 -0.38
CA ASP E 373 -24.04 -16.05 0.78
C ASP E 373 -22.57 -15.80 0.51
N GLU E 374 -22.08 -16.11 -0.70
CA GLU E 374 -20.67 -15.89 -1.00
C GLU E 374 -20.38 -14.41 -1.25
N ILE E 375 -21.30 -13.69 -1.89
CA ILE E 375 -21.10 -12.27 -2.13
C ILE E 375 -21.12 -11.50 -0.81
N THR E 376 -22.15 -11.75 0.00
CA THR E 376 -22.21 -11.10 1.32
C THR E 376 -20.98 -11.42 2.15
N ASN E 377 -20.54 -12.69 2.13
CA ASN E 377 -19.32 -13.07 2.84
C ASN E 377 -18.11 -12.32 2.29
N LYS E 378 -18.03 -12.13 0.97
CA LYS E 378 -16.89 -11.43 0.40
C LYS E 378 -16.95 -9.93 0.68
N VAL E 379 -18.15 -9.35 0.71
CA VAL E 379 -18.26 -7.92 1.02
C VAL E 379 -17.86 -7.65 2.46
N ASN E 380 -18.27 -8.51 3.39
CA ASN E 380 -17.85 -8.35 4.77
C ASN E 380 -16.35 -8.56 4.94
N SER E 381 -15.75 -9.43 4.11
CA SER E 381 -14.32 -9.66 4.19
C SER E 381 -13.53 -8.43 3.78
N VAL E 382 -14.11 -7.59 2.91
CA VAL E 382 -13.42 -6.35 2.52
C VAL E 382 -13.51 -5.32 3.64
N ILE E 383 -14.69 -5.19 4.25
CA ILE E 383 -14.85 -4.29 5.39
C ILE E 383 -13.99 -4.75 6.56
N GLU E 384 -13.74 -6.05 6.68
CA GLU E 384 -12.81 -6.49 7.73
C GLU E 384 -11.38 -6.09 7.39
N LYS E 385 -11.09 -5.81 6.11
CA LYS E 385 -9.75 -5.40 5.72
C LYS E 385 -9.47 -3.94 6.01
N MET E 386 -10.49 -3.07 5.92
CA MET E 386 -10.27 -1.65 6.21
C MET E 386 -9.78 -1.44 7.63
N ASN E 387 -10.15 -2.33 8.55
CA ASN E 387 -9.66 -2.29 9.93
C ASN E 387 -8.16 -2.59 9.91
N THR E 388 -7.38 -1.54 9.61
CA THR E 388 -5.92 -1.61 9.59
C THR E 388 -5.32 -0.50 10.44
N GLN E 389 -6.10 0.06 11.36
CA GLN E 389 -5.63 1.17 12.18
C GLN E 389 -4.84 0.65 13.38
N ASP E 413 1.00 11.09 6.12
CA ASP E 413 0.57 11.46 4.77
C ASP E 413 0.99 10.42 3.75
N GLY E 414 2.05 9.68 4.07
CA GLY E 414 2.55 8.67 3.15
C GLY E 414 1.65 7.46 3.05
N PHE E 415 1.21 6.93 4.20
CA PHE E 415 0.30 5.79 4.20
C PHE E 415 -1.03 6.13 3.54
N LEU E 416 -1.47 7.38 3.65
CA LEU E 416 -2.76 7.76 3.09
C LEU E 416 -2.79 7.60 1.57
N ASP E 417 -1.79 8.16 0.87
CA ASP E 417 -1.76 8.07 -0.58
C ASP E 417 -1.60 6.64 -1.05
N ILE E 418 -0.82 5.83 -0.32
CA ILE E 418 -0.59 4.45 -0.72
C ILE E 418 -1.78 3.57 -0.37
N TRP E 419 -2.38 3.78 0.80
CA TRP E 419 -3.56 3.01 1.17
C TRP E 419 -4.74 3.33 0.24
N THR E 420 -4.86 4.60 -0.17
CA THR E 420 -5.89 4.96 -1.12
C THR E 420 -5.71 4.21 -2.43
N TYR E 421 -4.47 4.15 -2.93
CA TYR E 421 -4.20 3.42 -4.16
C TYR E 421 -4.37 1.92 -3.94
N ASN E 422 -3.99 1.42 -2.76
CA ASN E 422 -4.20 0.01 -2.44
C ASN E 422 -5.68 -0.33 -2.35
N ALA E 423 -6.49 0.58 -1.82
CA ALA E 423 -7.93 0.35 -1.75
C ALA E 423 -8.57 0.46 -3.14
N GLU E 424 -8.17 1.46 -3.92
CA GLU E 424 -8.65 1.57 -5.29
C GLU E 424 -8.38 0.31 -6.09
N LEU E 425 -7.13 -0.17 -6.03
CA LEU E 425 -6.77 -1.39 -6.75
C LEU E 425 -7.63 -2.57 -6.29
N LEU E 426 -7.88 -2.67 -4.99
CA LEU E 426 -8.63 -3.81 -4.46
C LEU E 426 -10.10 -3.76 -4.89
N VAL E 427 -10.70 -2.58 -4.91
CA VAL E 427 -12.09 -2.45 -5.35
C VAL E 427 -12.22 -2.81 -6.83
N LEU E 428 -11.30 -2.29 -7.66
CA LEU E 428 -11.30 -2.64 -9.08
C LEU E 428 -11.13 -4.14 -9.27
N LEU E 429 -10.19 -4.74 -8.53
CA LEU E 429 -9.93 -6.17 -8.65
C LEU E 429 -11.15 -6.99 -8.23
N GLU E 430 -11.71 -6.68 -7.06
CA GLU E 430 -12.85 -7.44 -6.56
C GLU E 430 -14.11 -7.23 -7.40
N ASN E 431 -14.21 -6.11 -8.13
CA ASN E 431 -15.36 -5.91 -9.01
C ASN E 431 -15.29 -6.84 -10.21
N GLU E 432 -14.09 -7.06 -10.75
CA GLU E 432 -13.95 -7.99 -11.87
C GLU E 432 -14.22 -9.42 -11.43
N ARG E 433 -13.77 -9.79 -10.23
CA ARG E 433 -14.04 -11.12 -9.72
C ARG E 433 -15.53 -11.32 -9.46
N THR E 434 -16.26 -10.25 -9.15
CA THR E 434 -17.69 -10.37 -8.91
C THR E 434 -18.45 -10.65 -10.20
N LEU E 435 -18.23 -9.81 -11.23
CA LEU E 435 -18.96 -9.99 -12.47
C LEU E 435 -18.61 -11.28 -13.18
N ASP E 436 -17.37 -11.77 -13.02
CA ASP E 436 -17.00 -13.04 -13.62
C ASP E 436 -17.62 -14.22 -12.85
N TYR E 437 -17.80 -14.07 -11.54
CA TYR E 437 -18.47 -15.11 -10.76
C TYR E 437 -19.92 -15.26 -11.18
N HIS E 438 -20.57 -14.15 -11.52
CA HIS E 438 -21.93 -14.22 -12.06
C HIS E 438 -21.92 -14.84 -13.45
N ASP E 439 -21.00 -14.39 -14.31
CA ASP E 439 -20.87 -14.93 -15.64
C ASP E 439 -20.65 -16.44 -15.62
N SER E 440 -19.95 -16.94 -14.61
CA SER E 440 -19.73 -18.38 -14.47
C SER E 440 -20.96 -19.08 -13.93
N ASN E 441 -21.66 -18.45 -12.98
CA ASN E 441 -22.86 -19.06 -12.42
C ASN E 441 -23.94 -19.26 -13.48
N VAL E 442 -24.03 -18.36 -14.44
CA VAL E 442 -25.02 -18.50 -15.51
C VAL E 442 -24.62 -19.62 -16.45
N LYS E 443 -23.33 -19.67 -16.82
CA LYS E 443 -22.84 -20.74 -17.69
C LYS E 443 -23.03 -22.11 -17.04
N ASN E 444 -22.91 -22.19 -15.72
CA ASN E 444 -23.14 -23.46 -15.03
C ASN E 444 -24.61 -23.85 -15.04
N LEU E 445 -25.50 -22.86 -15.04
CA LEU E 445 -26.93 -23.17 -15.08
C LEU E 445 -27.35 -23.66 -16.45
N TYR E 446 -26.74 -23.11 -17.51
CA TYR E 446 -27.03 -23.57 -18.87
C TYR E 446 -26.48 -24.97 -19.11
N GLU E 447 -25.26 -25.23 -18.63
CA GLU E 447 -24.68 -26.56 -18.76
C GLU E 447 -25.48 -27.60 -17.96
N LYS E 448 -26.13 -27.17 -16.88
CA LYS E 448 -26.97 -28.08 -16.10
C LYS E 448 -28.19 -28.52 -16.91
N VAL E 449 -28.78 -27.60 -17.67
CA VAL E 449 -29.92 -27.96 -18.52
C VAL E 449 -29.45 -28.72 -19.76
N ARG E 450 -28.33 -28.30 -20.35
CA ARG E 450 -27.85 -28.93 -21.57
C ARG E 450 -27.50 -30.39 -21.35
N SER E 451 -26.89 -30.71 -20.20
CA SER E 451 -26.47 -32.08 -19.93
C SER E 451 -27.64 -33.01 -19.63
N GLN E 452 -28.80 -32.47 -19.22
CA GLN E 452 -29.95 -33.34 -18.95
C GLN E 452 -30.61 -33.78 -20.24
N LEU E 453 -30.96 -32.83 -21.10
CA LEU E 453 -31.64 -33.09 -22.37
C LEU E 453 -30.63 -32.94 -23.52
N LYS E 454 -29.98 -34.06 -23.87
CA LYS E 454 -29.01 -34.03 -24.94
C LYS E 454 -29.69 -33.95 -26.31
N ASN E 455 -30.58 -34.90 -26.61
CA ASN E 455 -31.22 -34.96 -27.90
C ASN E 455 -32.68 -34.51 -27.91
N ASN E 456 -33.29 -34.35 -26.74
CA ASN E 456 -34.70 -33.99 -26.71
C ASN E 456 -34.94 -32.53 -27.07
N ALA E 457 -33.90 -31.70 -27.11
CA ALA E 457 -34.05 -30.29 -27.44
C ALA E 457 -32.72 -29.77 -27.94
N LYS E 458 -32.78 -28.93 -28.96
CA LYS E 458 -31.58 -28.35 -29.54
C LYS E 458 -31.31 -26.99 -28.92
N GLU E 459 -30.10 -26.49 -29.17
CA GLU E 459 -29.68 -25.19 -28.66
C GLU E 459 -30.02 -24.10 -29.68
N ILE E 460 -30.74 -23.09 -29.23
CA ILE E 460 -31.10 -21.99 -30.12
C ILE E 460 -29.89 -21.09 -30.40
N GLY E 461 -29.06 -20.87 -29.38
CA GLY E 461 -27.95 -19.96 -29.48
C GLY E 461 -28.18 -18.63 -28.79
N ASN E 462 -29.41 -18.39 -28.33
CA ASN E 462 -29.77 -17.18 -27.59
C ASN E 462 -30.07 -17.51 -26.13
N GLY E 463 -29.37 -18.51 -25.60
CA GLY E 463 -29.61 -19.00 -24.25
C GLY E 463 -30.91 -19.72 -24.05
N CYS E 464 -31.58 -20.12 -25.13
CA CYS E 464 -32.87 -20.78 -25.06
C CYS E 464 -32.77 -22.21 -25.56
N PHE E 465 -33.78 -23.01 -25.26
CA PHE E 465 -33.83 -24.41 -25.66
C PHE E 465 -35.16 -24.67 -26.35
N GLU E 466 -35.11 -25.24 -27.55
CA GLU E 466 -36.33 -25.55 -28.29
C GLU E 466 -36.76 -26.98 -27.96
N PHE E 467 -37.80 -27.10 -27.14
CA PHE E 467 -38.34 -28.39 -26.74
C PHE E 467 -38.98 -29.06 -27.95
N TYR E 468 -38.41 -30.17 -28.40
CA TYR E 468 -39.03 -30.93 -29.48
C TYR E 468 -40.30 -31.62 -28.99
N HIS E 469 -40.21 -32.32 -27.86
CA HIS E 469 -41.37 -32.94 -27.23
C HIS E 469 -42.06 -31.94 -26.32
N LYS E 470 -43.39 -31.98 -26.31
CA LYS E 470 -44.16 -31.03 -25.51
C LYS E 470 -43.98 -31.36 -24.02
N CYS E 471 -43.62 -30.34 -23.25
CA CYS E 471 -43.30 -30.46 -21.83
C CYS E 471 -44.22 -29.56 -21.03
N ASP E 472 -45.07 -30.17 -20.21
CA ASP E 472 -46.07 -29.42 -19.46
C ASP E 472 -45.44 -28.73 -18.26
N ASN E 473 -46.28 -28.05 -17.47
CA ASN E 473 -45.79 -27.28 -16.33
C ASN E 473 -45.11 -28.18 -15.31
N THR E 474 -45.69 -29.34 -15.01
CA THR E 474 -45.08 -30.26 -14.07
C THR E 474 -43.80 -30.86 -14.64
N CYS E 475 -43.74 -31.03 -15.98
CA CYS E 475 -42.51 -31.48 -16.62
C CYS E 475 -41.44 -30.39 -16.57
N MET E 476 -41.84 -29.12 -16.67
CA MET E 476 -40.88 -28.02 -16.54
C MET E 476 -40.28 -27.96 -15.14
N GLU E 477 -41.09 -28.29 -14.12
CA GLU E 477 -40.58 -28.29 -12.75
C GLU E 477 -39.54 -29.37 -12.53
N SER E 478 -39.62 -30.48 -13.28
CA SER E 478 -38.64 -31.54 -13.15
C SER E 478 -37.26 -31.07 -13.59
N VAL E 479 -37.20 -30.15 -14.55
CA VAL E 479 -35.92 -29.58 -14.94
C VAL E 479 -35.41 -28.64 -13.86
N LYS E 480 -36.32 -27.89 -13.22
CA LYS E 480 -35.93 -27.02 -12.12
C LYS E 480 -35.48 -27.83 -10.90
N ASN E 481 -36.20 -28.91 -10.59
CA ASN E 481 -35.83 -29.74 -9.46
C ASN E 481 -34.43 -30.35 -9.64
N GLY E 482 -34.06 -30.64 -10.88
CA GLY E 482 -32.83 -31.32 -11.18
C GLY E 482 -32.96 -32.81 -11.38
N THR E 483 -34.09 -33.28 -11.90
CA THR E 483 -34.36 -34.71 -12.10
C THR E 483 -35.13 -34.85 -13.41
N TYR E 484 -34.38 -34.96 -14.50
CA TYR E 484 -34.96 -35.11 -15.84
C TYR E 484 -34.46 -36.38 -16.50
N ASP E 485 -35.39 -37.19 -17.01
CA ASP E 485 -35.09 -38.37 -17.81
C ASP E 485 -35.77 -38.23 -19.17
N TYR E 486 -35.30 -38.99 -20.15
CA TYR E 486 -35.86 -38.95 -21.50
C TYR E 486 -36.08 -40.34 -22.07
N PRO E 487 -37.10 -41.04 -21.59
CA PRO E 487 -37.40 -42.35 -22.18
C PRO E 487 -38.23 -42.21 -23.44
N LYS E 488 -38.74 -41.00 -23.70
CA LYS E 488 -39.54 -40.69 -24.86
C LYS E 488 -38.59 -40.27 -25.99
N TYR E 489 -39.06 -40.41 -27.22
CA TYR E 489 -38.23 -40.03 -28.35
C TYR E 489 -38.17 -38.52 -28.49
N SER E 490 -37.10 -38.04 -29.12
CA SER E 490 -36.89 -36.61 -29.28
C SER E 490 -37.99 -35.95 -30.12
N GLU E 491 -38.55 -36.68 -31.09
CA GLU E 491 -39.53 -36.22 -32.10
C GLU E 491 -38.89 -35.34 -33.16
N GLU E 492 -37.56 -35.28 -33.14
CA GLU E 492 -36.81 -34.39 -33.99
C GLU E 492 -36.62 -34.95 -35.38
N ALA E 493 -37.42 -35.95 -35.73
CA ALA E 493 -37.19 -36.66 -36.97
C ALA E 493 -37.30 -35.68 -38.14
N LYS E 494 -38.28 -34.80 -38.09
CA LYS E 494 -38.42 -33.77 -39.12
C LYS E 494 -38.96 -34.42 -40.42
N LEU E 495 -38.83 -33.81 -41.60
CA LEU E 495 -38.00 -32.66 -41.92
C LEU E 495 -38.44 -31.94 -43.19
N ASP F 1 -24.33 -19.72 11.85
CA ASP F 1 -25.20 -18.84 12.60
C ASP F 1 -24.42 -17.67 13.20
N VAL F 2 -25.09 -16.52 13.34
CA VAL F 2 -24.48 -15.33 13.91
C VAL F 2 -24.71 -15.32 15.41
N VAL F 3 -23.69 -14.92 16.17
CA VAL F 3 -23.74 -14.93 17.62
C VAL F 3 -24.13 -13.53 18.08
N MET F 4 -25.41 -13.33 18.35
CA MET F 4 -25.91 -12.04 18.82
C MET F 4 -25.72 -11.97 20.34
N THR F 5 -24.66 -11.27 20.76
CA THR F 5 -24.31 -11.17 22.17
C THR F 5 -24.85 -9.85 22.73
N GLN F 6 -25.76 -9.94 23.70
CA GLN F 6 -26.33 -8.77 24.35
C GLN F 6 -25.60 -8.46 25.65
N SER F 7 -25.78 -7.23 26.12
CA SER F 7 -25.16 -6.74 27.35
C SER F 7 -25.66 -5.34 27.65
N PRO F 8 -26.18 -5.12 28.86
CA PRO F 8 -26.31 -6.12 29.93
C PRO F 8 -27.63 -6.88 29.86
N VAL F 9 -27.72 -8.01 30.57
CA VAL F 9 -28.97 -8.75 30.59
C VAL F 9 -29.99 -8.06 31.49
N SER F 10 -29.53 -7.37 32.53
CA SER F 10 -30.39 -6.63 33.44
C SER F 10 -29.98 -5.16 33.40
N LEU F 11 -30.92 -4.28 33.06
CA LEU F 11 -30.63 -2.86 32.92
C LEU F 11 -31.49 -2.03 33.85
N PRO F 12 -30.96 -1.59 34.99
CA PRO F 12 -31.72 -0.72 35.89
C PRO F 12 -31.50 0.76 35.58
N VAL F 13 -32.57 1.52 35.40
CA VAL F 13 -32.49 2.94 35.06
C VAL F 13 -33.58 3.70 35.82
N THR F 14 -33.56 5.02 35.68
CA THR F 14 -34.51 5.91 36.32
C THR F 14 -35.04 6.90 35.29
N LEU F 15 -36.03 7.69 35.70
CA LEU F 15 -36.68 8.63 34.81
C LEU F 15 -35.83 9.88 34.60
N GLY F 16 -36.03 10.52 33.47
CA GLY F 16 -35.31 11.75 33.14
C GLY F 16 -34.01 11.54 32.37
N GLN F 17 -33.14 10.69 32.89
CA GLN F 17 -31.85 10.41 32.29
C GLN F 17 -31.98 9.38 31.16
N PRO F 18 -31.10 9.43 30.15
CA PRO F 18 -31.19 8.49 29.03
C PRO F 18 -30.61 7.11 29.34
N ALA F 19 -30.53 6.24 28.32
CA ALA F 19 -30.02 4.89 28.49
C ALA F 19 -29.39 4.42 27.17
N SER F 20 -28.77 3.24 27.22
CA SER F 20 -28.09 2.68 26.06
C SER F 20 -27.86 1.19 26.26
N ILE F 21 -28.03 0.41 25.19
CA ILE F 21 -27.85 -1.04 25.18
C ILE F 21 -26.82 -1.39 24.11
N SER F 22 -26.17 -2.54 24.25
CA SER F 22 -25.11 -2.90 23.31
C SER F 22 -25.26 -4.29 22.71
N CYS F 23 -25.11 -4.39 21.40
CA CYS F 23 -25.17 -5.67 20.71
C CYS F 23 -24.02 -5.81 19.71
N ARG F 24 -23.38 -6.97 19.72
CA ARG F 24 -22.27 -7.24 18.81
C ARG F 24 -22.44 -8.61 18.20
N SER F 25 -21.85 -8.81 17.02
CA SER F 25 -22.08 -10.02 16.25
C SER F 25 -20.75 -10.68 15.89
N SER F 26 -20.85 -11.88 15.31
CA SER F 26 -19.66 -12.62 14.88
C SER F 26 -19.19 -12.15 13.51
N GLN F 27 -20.11 -11.90 12.60
CA GLN F 27 -19.80 -11.44 11.26
C GLN F 27 -20.52 -10.13 10.99
N GLY F 28 -19.93 -9.31 10.13
CA GLY F 28 -20.53 -8.04 9.80
C GLY F 28 -21.73 -8.20 8.89
N LEU F 29 -22.69 -7.29 9.03
CA LEU F 29 -23.91 -7.35 8.26
C LEU F 29 -23.92 -6.26 7.20
N VAL F 30 -24.29 -6.62 5.98
CA VAL F 30 -24.37 -5.66 4.89
C VAL F 30 -25.56 -6.03 4.01
N TYR F 31 -25.56 -7.25 3.49
CA TYR F 31 -26.62 -7.81 2.65
C TYR F 31 -26.89 -6.93 1.43
N ILE F 32 -26.03 -7.02 0.43
CA ILE F 32 -26.13 -6.20 -0.77
C ILE F 32 -26.17 -4.73 -0.40
N ASP F 33 -26.96 -3.93 -1.10
CA ASP F 33 -26.94 -2.51 -0.81
C ASP F 33 -27.54 -2.28 0.58
N GLY F 34 -26.90 -1.41 1.34
CA GLY F 34 -27.07 -1.31 2.77
C GLY F 34 -28.40 -1.68 3.36
N ASN F 35 -28.85 -2.91 3.14
CA ASN F 35 -30.03 -3.42 3.83
C ASN F 35 -29.84 -3.52 5.35
N THR F 36 -28.70 -4.07 5.76
CA THR F 36 -28.29 -4.02 7.15
C THR F 36 -29.21 -4.77 8.11
N TYR F 37 -29.17 -4.36 9.38
CA TYR F 37 -29.97 -4.94 10.44
C TYR F 37 -31.46 -4.68 10.22
N LEU F 38 -32.27 -5.41 10.98
CA LEU F 38 -33.71 -5.22 10.89
C LEU F 38 -34.19 -4.14 11.85
N ASN F 39 -33.82 -4.23 13.15
CA ASN F 39 -33.99 -3.15 14.13
C ASN F 39 -33.76 -3.56 15.58
N TRP F 40 -34.67 -3.09 16.43
CA TRP F 40 -34.78 -3.41 17.85
C TRP F 40 -36.26 -3.47 18.17
N PHE F 41 -36.64 -4.25 19.18
CA PHE F 41 -38.04 -4.38 19.54
C PHE F 41 -38.27 -4.10 21.02
N GLN F 42 -39.44 -3.52 21.32
CA GLN F 42 -39.89 -3.25 22.68
C GLN F 42 -41.11 -4.13 22.95
N GLN F 43 -40.96 -5.10 23.84
CA GLN F 43 -42.03 -6.03 24.18
C GLN F 43 -42.50 -5.74 25.60
N ARG F 44 -43.70 -5.21 25.72
CA ARG F 44 -44.30 -4.96 27.02
C ARG F 44 -44.85 -6.26 27.60
N PRO F 45 -45.05 -6.31 28.91
CA PRO F 45 -45.56 -7.53 29.55
C PRO F 45 -46.93 -7.91 29.03
N GLY F 46 -47.01 -9.11 28.45
CA GLY F 46 -48.27 -9.59 27.90
C GLY F 46 -48.71 -8.80 26.68
N GLN F 47 -47.79 -8.56 25.75
CA GLN F 47 -48.10 -7.81 24.54
C GLN F 47 -47.08 -8.15 23.47
N SER F 48 -47.48 -7.96 22.21
CA SER F 48 -46.61 -8.23 21.07
C SER F 48 -45.62 -7.08 20.88
N PRO F 49 -44.43 -7.37 20.37
CA PRO F 49 -43.45 -6.31 20.14
C PRO F 49 -43.76 -5.51 18.89
N ARG F 50 -43.36 -4.24 18.93
CA ARG F 50 -43.60 -3.30 17.84
C ARG F 50 -42.28 -2.85 17.22
N ARG F 51 -42.35 -2.46 15.95
CA ARG F 51 -41.16 -1.98 15.23
C ARG F 51 -40.70 -0.64 15.80
N LEU F 52 -39.40 -0.36 15.64
CA LEU F 52 -38.85 0.86 16.19
C LEU F 52 -37.96 1.61 15.20
N ILE F 53 -36.77 1.10 14.92
CA ILE F 53 -35.81 1.78 14.03
C ILE F 53 -35.35 0.77 12.99
N TYR F 54 -36.06 0.68 11.88
CA TYR F 54 -35.68 -0.28 10.85
C TYR F 54 -34.51 0.26 10.04
N ASN F 55 -33.71 -0.65 9.49
CA ASN F 55 -32.55 -0.30 8.67
C ASN F 55 -31.54 0.51 9.49
N VAL F 56 -31.38 0.11 10.76
CA VAL F 56 -30.40 0.68 11.68
C VAL F 56 -30.79 2.07 12.15
N PHE F 57 -30.89 3.02 11.23
CA PHE F 57 -31.17 4.41 11.59
C PHE F 57 -32.57 4.89 11.25
N THR F 58 -33.16 4.41 10.15
CA THR F 58 -34.49 4.86 9.76
C THR F 58 -35.52 4.53 10.85
N ARG F 59 -36.17 5.55 11.38
CA ARG F 59 -37.15 5.36 12.42
C ARG F 59 -38.45 4.79 11.85
N ASP F 60 -39.26 4.19 12.74
CA ASP F 60 -40.53 3.60 12.33
C ASP F 60 -41.64 4.65 12.39
N SER F 61 -42.67 4.43 11.58
CA SER F 61 -43.80 5.34 11.52
C SER F 61 -44.70 5.11 12.73
N GLY F 62 -45.11 6.20 13.38
CA GLY F 62 -45.92 6.10 14.58
C GLY F 62 -45.11 5.89 15.84
N VAL F 63 -43.89 6.39 15.88
CA VAL F 63 -42.99 6.21 17.02
C VAL F 63 -42.35 7.56 17.33
N PRO F 64 -42.34 8.01 18.58
CA PRO F 64 -41.74 9.29 18.92
C PRO F 64 -40.28 9.39 18.49
N ASP F 65 -39.78 10.62 18.48
CA ASP F 65 -38.40 10.87 18.11
C ASP F 65 -37.43 10.66 19.27
N ARG F 66 -37.93 10.29 20.45
CA ARG F 66 -37.05 10.06 21.60
C ARG F 66 -36.07 8.92 21.32
N PHE F 67 -36.51 7.91 20.60
CA PHE F 67 -35.66 6.77 20.29
C PHE F 67 -34.72 7.10 19.13
N SER F 68 -33.55 6.45 19.13
CA SER F 68 -32.54 6.74 18.11
C SER F 68 -31.54 5.61 18.10
N GLY F 69 -31.55 4.80 17.04
CA GLY F 69 -30.59 3.71 16.88
C GLY F 69 -29.46 4.12 15.95
N SER F 70 -28.23 3.85 16.39
CA SER F 70 -27.04 4.22 15.64
C SER F 70 -26.02 3.10 15.73
N GLY F 71 -25.23 2.95 14.66
CA GLY F 71 -24.21 1.92 14.60
C GLY F 71 -23.66 1.72 13.20
N SER F 72 -22.46 1.14 13.09
CA SER F 72 -21.85 0.91 11.78
C SER F 72 -21.04 -0.38 11.88
N GLY F 73 -21.44 -1.41 11.13
CA GLY F 73 -20.71 -2.65 11.27
C GLY F 73 -21.16 -3.35 12.53
N THR F 74 -20.36 -4.31 12.97
CA THR F 74 -20.58 -4.94 14.26
C THR F 74 -20.70 -3.85 15.32
N ASP F 75 -21.70 -3.99 16.20
CA ASP F 75 -21.98 -3.10 17.34
C ASP F 75 -22.51 -1.71 16.85
N PHE F 76 -23.07 -0.86 17.72
CA PHE F 76 -23.02 -1.00 19.18
C PHE F 76 -24.30 -0.68 19.98
N THR F 77 -25.14 0.27 19.55
CA THR F 77 -26.10 0.76 20.53
C THR F 77 -27.41 1.25 19.91
N LEU F 78 -28.33 1.56 20.83
CA LEU F 78 -29.65 2.13 20.57
C LEU F 78 -29.92 3.04 21.76
N LYS F 79 -29.86 4.35 21.53
CA LYS F 79 -30.02 5.33 22.60
C LYS F 79 -31.45 5.87 22.65
N ILE F 80 -31.89 6.19 23.86
CA ILE F 80 -33.23 6.72 24.10
C ILE F 80 -33.06 7.93 25.01
N THR F 81 -33.33 9.12 24.49
CA THR F 81 -33.27 10.33 25.30
C THR F 81 -34.53 10.43 26.16
N THR F 82 -34.32 10.72 27.46
CA THR F 82 -35.35 10.81 28.51
C THR F 82 -36.27 9.58 28.52
N VAL F 83 -36.19 8.81 29.60
CA VAL F 83 -36.97 7.59 29.72
C VAL F 83 -38.30 7.91 30.39
N GLU F 84 -39.40 7.53 29.74
CA GLU F 84 -40.71 7.71 30.30
C GLU F 84 -41.08 6.46 31.10
N ALA F 85 -42.24 6.51 31.76
CA ALA F 85 -42.66 5.36 32.54
C ALA F 85 -43.13 4.23 31.64
N GLU F 86 -43.76 4.54 30.49
CA GLU F 86 -44.24 3.50 29.59
C GLU F 86 -43.11 2.76 28.88
N ASP F 87 -41.90 3.33 28.87
CA ASP F 87 -40.74 2.69 28.26
C ASP F 87 -40.19 1.62 29.19
N VAL F 88 -40.94 0.53 29.32
CA VAL F 88 -40.54 -0.61 30.13
C VAL F 88 -40.92 -1.90 29.41
N GLY F 89 -40.09 -2.91 29.57
CA GLY F 89 -40.31 -4.19 28.94
C GLY F 89 -38.98 -4.83 28.59
N VAL F 90 -39.05 -5.83 27.72
CA VAL F 90 -37.88 -6.58 27.28
C VAL F 90 -37.50 -6.11 25.88
N TYR F 91 -36.20 -6.00 25.63
CA TYR F 91 -35.68 -5.57 24.34
C TYR F 91 -34.72 -6.62 23.79
N TYR F 92 -34.68 -6.73 22.46
CA TYR F 92 -33.86 -7.75 21.81
C TYR F 92 -33.18 -7.17 20.58
N CYS F 93 -32.09 -7.83 20.19
CA CYS F 93 -31.30 -7.51 18.98
C CYS F 93 -31.87 -8.05 17.66
N MET F 94 -31.44 -7.44 16.55
CA MET F 94 -31.84 -7.81 15.19
C MET F 94 -31.18 -9.08 14.61
N GLN F 95 -31.80 -9.62 13.56
CA GLN F 95 -31.31 -10.82 12.84
C GLN F 95 -30.04 -10.56 12.04
N GLY F 96 -29.27 -11.61 11.76
CA GLY F 96 -27.94 -11.45 11.22
C GLY F 96 -27.88 -11.74 9.72
N THR F 97 -28.71 -11.06 8.94
CA THR F 97 -28.82 -11.20 7.48
C THR F 97 -29.10 -12.64 7.06
N HIS F 98 -28.14 -13.51 7.33
CA HIS F 98 -28.21 -14.92 7.02
C HIS F 98 -29.38 -15.46 7.82
N TRP F 99 -30.03 -16.48 7.29
CA TRP F 99 -31.35 -16.80 7.78
C TRP F 99 -31.35 -17.12 9.26
N PRO F 100 -30.38 -17.86 9.76
CA PRO F 100 -30.31 -17.92 11.22
C PRO F 100 -30.40 -16.54 11.86
N TYR F 101 -31.60 -16.16 12.31
CA TYR F 101 -31.80 -14.86 12.93
C TYR F 101 -30.98 -14.74 14.21
N THR F 102 -31.21 -15.64 15.17
CA THR F 102 -30.54 -15.65 16.47
C THR F 102 -30.72 -14.31 17.18
N PHE F 103 -31.76 -14.20 17.98
CA PHE F 103 -32.07 -12.98 18.70
C PHE F 103 -31.31 -12.91 20.03
N GLY F 104 -31.38 -11.76 20.67
CA GLY F 104 -30.67 -11.54 21.93
C GLY F 104 -31.28 -12.28 23.09
N GLN F 105 -30.73 -11.93 24.25
CA GLN F 105 -31.26 -12.23 25.57
C GLN F 105 -32.35 -11.21 25.93
N GLY F 106 -32.57 -10.22 25.08
CA GLY F 106 -33.67 -9.29 25.27
C GLY F 106 -33.75 -8.56 26.60
N THR F 107 -32.72 -7.78 26.91
CA THR F 107 -32.55 -7.19 28.24
C THR F 107 -33.73 -6.33 28.72
N LYS F 108 -33.98 -6.43 30.03
CA LYS F 108 -35.20 -6.00 30.70
C LYS F 108 -35.01 -4.59 31.26
N VAL F 109 -35.81 -3.65 30.77
CA VAL F 109 -35.80 -2.28 31.25
C VAL F 109 -36.73 -2.18 32.44
N GLU F 110 -36.29 -1.47 33.48
CA GLU F 110 -37.06 -1.28 34.69
C GLU F 110 -36.81 0.13 35.21
N ILE F 111 -37.85 0.78 35.73
CA ILE F 111 -37.70 2.15 36.25
C ILE F 111 -37.59 2.12 37.77
N THR F 114 -39.39 8.88 42.67
CA THR F 114 -39.56 9.22 44.07
C THR F 114 -40.23 8.10 44.85
N VAL F 115 -39.88 7.99 46.14
CA VAL F 115 -40.44 6.97 47.00
C VAL F 115 -41.95 7.14 47.10
N ALA F 116 -42.67 6.02 47.02
CA ALA F 116 -44.12 6.00 47.17
C ALA F 116 -44.49 4.88 48.13
N ALA F 117 -45.19 5.22 49.20
CA ALA F 117 -45.62 4.21 50.16
C ALA F 117 -46.87 3.48 49.65
N PRO F 118 -46.95 2.16 49.86
CA PRO F 118 -48.15 1.43 49.46
C PRO F 118 -49.34 1.80 50.35
N SER F 119 -50.50 1.94 49.71
CA SER F 119 -51.77 1.90 50.42
C SER F 119 -52.19 0.43 50.49
N VAL F 120 -52.51 -0.03 51.70
CA VAL F 120 -52.73 -1.45 51.96
C VAL F 120 -54.21 -1.71 52.14
N PHE F 121 -54.69 -2.81 51.53
CA PHE F 121 -56.07 -3.25 51.63
C PHE F 121 -56.08 -4.76 51.85
N ILE F 122 -56.99 -5.24 52.69
CA ILE F 122 -57.16 -6.66 52.90
C ILE F 122 -58.61 -7.03 52.58
N PHE F 123 -58.80 -8.18 51.94
CA PHE F 123 -60.11 -8.64 51.52
C PHE F 123 -60.41 -9.99 52.16
N PRO F 124 -61.47 -10.12 52.95
CA PRO F 124 -61.81 -11.41 53.54
C PRO F 124 -62.38 -12.36 52.49
N PRO F 125 -62.49 -13.65 52.81
CA PRO F 125 -63.10 -14.59 51.86
C PRO F 125 -64.54 -14.22 51.56
N SER F 126 -64.88 -14.23 50.27
CA SER F 126 -66.27 -14.03 49.87
C SER F 126 -67.11 -15.21 50.33
N ASP F 127 -68.34 -14.92 50.77
CA ASP F 127 -69.23 -15.98 51.22
C ASP F 127 -69.41 -17.06 50.17
N GLU F 128 -69.56 -16.65 48.90
CA GLU F 128 -69.65 -17.60 47.79
C GLU F 128 -68.58 -18.69 47.87
N GLN F 129 -67.33 -18.29 48.15
CA GLN F 129 -66.24 -19.26 48.17
C GLN F 129 -66.35 -20.19 49.38
N LEU F 130 -66.46 -19.62 50.58
CA LEU F 130 -66.56 -20.43 51.79
C LEU F 130 -67.57 -21.56 51.67
N LYS F 131 -68.57 -21.41 50.78
CA LYS F 131 -69.52 -22.47 50.48
C LYS F 131 -68.93 -23.55 49.55
N SER F 132 -67.60 -23.66 49.49
CA SER F 132 -66.97 -24.74 48.74
C SER F 132 -65.73 -25.29 49.45
N GLY F 133 -65.53 -24.97 50.73
CA GLY F 133 -64.52 -25.60 51.54
C GLY F 133 -63.13 -24.98 51.50
N THR F 134 -62.96 -23.83 50.85
CA THR F 134 -61.66 -23.17 50.77
C THR F 134 -61.82 -21.68 51.06
N ALA F 135 -60.83 -21.12 51.75
CA ALA F 135 -60.81 -19.72 52.16
C ALA F 135 -59.56 -19.04 51.63
N SER F 136 -59.74 -17.94 50.91
CA SER F 136 -58.64 -17.16 50.35
C SER F 136 -58.70 -15.73 50.88
N VAL F 137 -57.74 -15.37 51.73
CA VAL F 137 -57.58 -14.01 52.19
C VAL F 137 -56.57 -13.31 51.30
N VAL F 138 -56.86 -12.06 50.92
CA VAL F 138 -56.04 -11.31 49.98
C VAL F 138 -55.61 -10.00 50.61
N CYS F 139 -54.32 -9.67 50.44
CA CYS F 139 -53.74 -8.40 50.86
C CYS F 139 -53.24 -7.67 49.62
N LEU F 140 -53.60 -6.39 49.49
CA LEU F 140 -53.24 -5.60 48.31
C LEU F 140 -52.36 -4.43 48.72
N LEU F 141 -51.16 -4.38 48.14
CA LEU F 141 -50.24 -3.23 48.25
C LEU F 141 -50.24 -2.52 46.91
N ASN F 142 -50.82 -1.32 46.87
CA ASN F 142 -51.06 -0.63 45.60
C ASN F 142 -50.15 0.58 45.44
N ASN F 143 -49.51 0.66 44.27
CA ASN F 143 -48.79 1.85 43.80
C ASN F 143 -47.72 2.32 44.78
N PHE F 144 -46.68 1.50 44.90
CA PHE F 144 -45.54 1.81 45.74
C PHE F 144 -44.25 1.83 44.92
N TYR F 145 -43.18 2.34 45.56
CA TYR F 145 -41.85 2.35 44.97
C TYR F 145 -40.84 2.69 46.07
N PRO F 146 -39.68 1.98 46.08
CA PRO F 146 -39.26 0.94 45.14
C PRO F 146 -39.98 -0.39 45.31
N ARG F 147 -39.60 -1.36 44.48
CA ARG F 147 -40.29 -2.64 44.45
C ARG F 147 -40.13 -3.42 45.75
N GLU F 148 -38.99 -3.25 46.43
CA GLU F 148 -38.71 -3.97 47.68
C GLU F 148 -39.83 -3.78 48.68
N ALA F 149 -40.56 -4.87 48.98
CA ALA F 149 -41.66 -4.83 49.92
C ALA F 149 -41.75 -6.19 50.60
N LYS F 150 -42.20 -6.18 51.86
CA LYS F 150 -42.29 -7.39 52.68
C LYS F 150 -43.70 -7.52 53.23
N VAL F 151 -44.31 -8.69 53.04
CA VAL F 151 -45.68 -8.96 53.48
C VAL F 151 -45.67 -10.23 54.32
N GLN F 152 -46.09 -10.12 55.57
CA GLN F 152 -46.22 -11.26 56.47
C GLN F 152 -47.69 -11.46 56.81
N TRP F 153 -48.11 -12.72 56.89
CA TRP F 153 -49.46 -13.07 57.31
C TRP F 153 -49.44 -13.50 58.76
N LYS F 154 -50.47 -13.09 59.50
CA LYS F 154 -50.64 -13.49 60.90
C LYS F 154 -52.07 -13.95 61.10
N VAL F 155 -52.22 -15.18 61.59
CA VAL F 155 -53.52 -15.77 61.90
C VAL F 155 -53.60 -15.96 63.41
N ASP F 156 -54.52 -15.26 64.06
CA ASP F 156 -54.59 -15.18 65.52
C ASP F 156 -53.26 -14.77 66.12
N ASN F 157 -52.54 -13.90 65.41
CA ASN F 157 -51.27 -13.26 65.79
C ASN F 157 -50.07 -14.18 65.54
N ALA F 158 -50.28 -15.41 65.05
CA ALA F 158 -49.20 -16.33 64.78
C ALA F 158 -48.73 -16.17 63.34
N LEU F 159 -47.40 -16.19 63.16
CA LEU F 159 -46.82 -16.07 61.83
C LEU F 159 -47.18 -17.28 60.97
N GLN F 160 -47.46 -17.02 59.69
CA GLN F 160 -47.78 -18.05 58.72
C GLN F 160 -46.55 -18.39 57.88
N SER F 161 -46.58 -19.57 57.27
CA SER F 161 -45.46 -20.04 56.47
C SER F 161 -45.97 -21.04 55.45
N GLY F 162 -45.66 -20.80 54.18
CA GLY F 162 -46.00 -21.72 53.10
C GLY F 162 -47.36 -21.50 52.47
N ASN F 163 -48.36 -21.17 53.28
CA ASN F 163 -49.74 -21.07 52.81
C ASN F 163 -50.07 -19.70 52.22
N SER F 164 -49.08 -19.02 51.64
CA SER F 164 -49.32 -17.74 50.99
C SER F 164 -48.51 -17.64 49.71
N GLN F 165 -49.13 -17.07 48.68
CA GLN F 165 -48.50 -16.84 47.39
C GLN F 165 -48.57 -15.35 47.04
N GLU F 166 -47.56 -14.87 46.33
CA GLU F 166 -47.47 -13.48 45.95
C GLU F 166 -47.39 -13.32 44.44
N SER F 167 -47.66 -12.10 43.99
CA SER F 167 -47.73 -11.78 42.57
C SER F 167 -47.61 -10.27 42.44
N VAL F 168 -46.76 -9.81 41.51
CA VAL F 168 -46.46 -8.39 41.37
C VAL F 168 -46.66 -7.99 39.92
N THR F 169 -47.18 -6.77 39.72
CA THR F 169 -47.29 -6.24 38.38
C THR F 169 -45.97 -5.63 37.96
N GLU F 170 -45.80 -5.45 36.65
CA GLU F 170 -44.63 -4.75 36.16
C GLU F 170 -44.77 -3.27 36.49
N GLN F 171 -43.67 -2.54 36.33
CA GLN F 171 -43.70 -1.13 36.70
C GLN F 171 -44.66 -0.37 35.81
N ASP F 172 -45.51 0.44 36.44
CA ASP F 172 -46.58 1.09 35.71
C ASP F 172 -46.03 2.00 34.63
N SER F 173 -46.68 1.97 33.47
CA SER F 173 -46.28 2.76 32.32
C SER F 173 -46.59 4.24 32.47
N LYS F 174 -47.35 4.62 33.49
CA LYS F 174 -47.70 6.02 33.72
C LYS F 174 -47.06 6.59 34.98
N ASP F 175 -47.27 5.96 36.13
CA ASP F 175 -46.83 6.52 37.41
C ASP F 175 -45.57 5.85 37.97
N SER F 176 -45.04 4.83 37.28
CA SER F 176 -43.78 4.18 37.67
C SER F 176 -43.88 3.48 39.02
N THR F 177 -45.07 2.99 39.37
CA THR F 177 -45.25 2.28 40.63
C THR F 177 -45.46 0.78 40.40
N TYR F 178 -45.16 0.01 41.42
CA TYR F 178 -45.42 -1.42 41.45
C TYR F 178 -46.65 -1.68 42.30
N SER F 179 -47.40 -2.73 41.94
CA SER F 179 -48.51 -3.20 42.76
C SER F 179 -48.29 -4.67 43.05
N LEU F 180 -48.71 -5.11 44.23
CA LEU F 180 -48.43 -6.46 44.70
C LEU F 180 -49.65 -7.05 45.38
N SER F 181 -49.82 -8.37 45.23
CA SER F 181 -50.92 -9.11 45.83
C SER F 181 -50.35 -10.30 46.59
N SER F 182 -50.85 -10.52 47.80
CA SER F 182 -50.53 -11.69 48.61
C SER F 182 -51.83 -12.40 48.96
N THR F 183 -51.84 -13.72 48.79
CA THR F 183 -53.05 -14.52 48.96
C THR F 183 -52.80 -15.65 49.94
N LEU F 184 -53.50 -15.63 51.06
CA LEU F 184 -53.41 -16.67 52.08
C LEU F 184 -54.48 -17.72 51.78
N THR F 185 -54.07 -18.88 51.32
CA THR F 185 -54.99 -19.96 51.00
C THR F 185 -55.04 -20.93 52.17
N LEU F 186 -56.22 -21.06 52.78
CA LEU F 186 -56.46 -21.96 53.89
C LEU F 186 -57.66 -22.83 53.58
N SER F 187 -57.72 -23.99 54.21
CA SER F 187 -58.94 -24.79 54.15
C SER F 187 -60.03 -24.10 54.96
N LYS F 188 -61.29 -24.47 54.67
CA LYS F 188 -62.38 -23.92 55.47
C LYS F 188 -62.26 -24.38 56.92
N ALA F 189 -61.70 -25.57 57.14
CA ALA F 189 -61.47 -26.05 58.50
C ALA F 189 -60.62 -25.06 59.30
N ASP F 190 -59.38 -24.82 58.84
CA ASP F 190 -58.48 -23.92 59.55
C ASP F 190 -59.07 -22.52 59.67
N TYR F 191 -59.80 -22.07 58.64
CA TYR F 191 -60.34 -20.71 58.65
C TYR F 191 -61.36 -20.53 59.77
N GLU F 192 -62.07 -21.60 60.16
CA GLU F 192 -63.06 -21.51 61.22
C GLU F 192 -62.43 -21.57 62.61
N LYS F 193 -61.18 -22.00 62.73
CA LYS F 193 -60.57 -22.16 64.04
C LYS F 193 -60.04 -20.86 64.61
N HIS F 194 -59.66 -19.91 63.76
CA HIS F 194 -59.00 -18.69 64.18
C HIS F 194 -59.85 -17.47 63.84
N LYS F 195 -59.68 -16.42 64.64
CA LYS F 195 -60.50 -15.21 64.55
C LYS F 195 -59.82 -14.07 63.80
N VAL F 196 -58.59 -13.72 64.17
CA VAL F 196 -57.94 -12.50 63.69
C VAL F 196 -57.04 -12.84 62.51
N TYR F 197 -57.31 -12.22 61.37
CA TYR F 197 -56.48 -12.37 60.18
C TYR F 197 -55.87 -11.02 59.83
N ALA F 198 -54.57 -11.02 59.53
CA ALA F 198 -53.84 -9.77 59.36
C ALA F 198 -52.67 -9.98 58.40
N CYS F 199 -52.36 -8.95 57.63
CA CYS F 199 -51.14 -8.89 56.84
C CYS F 199 -50.31 -7.70 57.29
N GLU F 200 -49.06 -7.95 57.64
CA GLU F 200 -48.12 -6.92 58.07
C GLU F 200 -47.22 -6.55 56.89
N VAL F 201 -47.15 -5.24 56.59
CA VAL F 201 -46.45 -4.73 55.43
C VAL F 201 -45.32 -3.82 55.89
N THR F 202 -44.14 -4.01 55.30
CA THR F 202 -43.00 -3.11 55.52
C THR F 202 -42.47 -2.65 54.17
N HIS F 203 -42.05 -1.39 54.12
CA HIS F 203 -41.60 -0.75 52.88
C HIS F 203 -40.87 0.53 53.27
N GLN F 204 -39.88 0.89 52.45
CA GLN F 204 -39.03 2.05 52.75
C GLN F 204 -39.86 3.31 52.99
N GLY F 205 -40.98 3.47 52.28
CA GLY F 205 -41.82 4.63 52.42
C GLY F 205 -42.72 4.64 53.64
N LEU F 206 -42.63 3.63 54.50
CA LEU F 206 -43.45 3.52 55.69
C LEU F 206 -42.62 3.87 56.91
N ARG F 207 -43.03 4.91 57.63
CA ARG F 207 -42.38 5.24 58.90
C ARG F 207 -42.39 4.05 59.84
N SER F 208 -43.49 3.32 59.89
CA SER F 208 -43.62 2.11 60.70
C SER F 208 -44.28 1.03 59.87
N PRO F 209 -44.07 -0.24 60.22
CA PRO F 209 -44.82 -1.32 59.57
C PRO F 209 -46.34 -1.14 59.73
N VAL F 210 -47.07 -1.38 58.65
CA VAL F 210 -48.52 -1.22 58.60
C VAL F 210 -49.17 -2.59 58.72
N THR F 211 -50.29 -2.67 59.44
CA THR F 211 -51.07 -3.88 59.56
C THR F 211 -52.52 -3.59 59.20
N LYS F 212 -53.05 -4.35 58.24
CA LYS F 212 -54.47 -4.37 57.94
C LYS F 212 -55.02 -5.72 58.38
N SER F 213 -56.08 -5.70 59.18
CA SER F 213 -56.61 -6.91 59.78
C SER F 213 -58.13 -6.88 59.81
N PHE F 214 -58.72 -7.99 60.24
CA PHE F 214 -60.17 -8.10 60.41
C PHE F 214 -60.46 -9.34 61.24
N ASN F 215 -61.65 -9.36 61.82
CA ASN F 215 -62.16 -10.51 62.55
C ASN F 215 -63.11 -11.30 61.67
N ARG F 216 -62.99 -12.62 61.73
CA ARG F 216 -63.82 -13.51 60.90
C ARG F 216 -65.31 -13.27 61.15
N GLY F 217 -66.08 -13.25 60.06
CA GLY F 217 -67.52 -13.08 60.16
C GLY F 217 -67.96 -11.77 60.78
N GLU F 218 -67.10 -10.74 60.71
CA GLU F 218 -67.33 -9.52 61.46
C GLU F 218 -66.76 -8.36 60.62
N CYS F 219 -67.59 -7.84 59.72
CA CYS F 219 -67.19 -6.76 58.81
C CYS F 219 -66.76 -5.48 59.53
#